data_9BK1
# 
_entry.id   9BK1 
# 
_audit_conform.dict_name       mmcif_pdbx.dic 
_audit_conform.dict_version    5.396 
_audit_conform.dict_location   http://mmcif.pdb.org/dictionaries/ascii/mmcif_pdbx.dic 
# 
loop_
_database_2.database_id 
_database_2.database_code 
_database_2.pdbx_database_accession 
_database_2.pdbx_DOI 
PDB   9BK1         pdb_00009bk1 10.2210/pdb9bk1/pdb 
WWPDB D_1000283509 ?            ?                   
# 
_pdbx_audit_revision_history.ordinal             1 
_pdbx_audit_revision_history.data_content_type   'Structure model' 
_pdbx_audit_revision_history.major_revision      1 
_pdbx_audit_revision_history.minor_revision      0 
_pdbx_audit_revision_history.revision_date       2024-09-04 
# 
_pdbx_audit_revision_details.ordinal             1 
_pdbx_audit_revision_details.revision_ordinal    1 
_pdbx_audit_revision_details.data_content_type   'Structure model' 
_pdbx_audit_revision_details.provider            repository 
_pdbx_audit_revision_details.type                'Initial release' 
_pdbx_audit_revision_details.description         ? 
_pdbx_audit_revision_details.details             ? 
# 
_pdbx_database_status.status_code                     REL 
_pdbx_database_status.status_code_sf                  REL 
_pdbx_database_status.status_code_mr                  ? 
_pdbx_database_status.entry_id                        9BK1 
_pdbx_database_status.recvd_initial_deposition_date   2024-04-26 
_pdbx_database_status.SG_entry                        N 
_pdbx_database_status.deposit_site                    RCSB 
_pdbx_database_status.process_site                    RCSB 
_pdbx_database_status.status_code_cs                  ? 
_pdbx_database_status.status_code_nmr_data            ? 
_pdbx_database_status.methods_development_category    ? 
_pdbx_database_status.pdb_format_compatible           Y 
# 
_pdbx_contact_author.id                 4 
_pdbx_contact_author.email              bcw@uga.edu 
_pdbx_contact_author.name_first         Bi-Cheng 
_pdbx_contact_author.name_last          Wang 
_pdbx_contact_author.name_mi            ? 
_pdbx_contact_author.role               'principal investigator/group leader' 
_pdbx_contact_author.identifier_ORCID   0000-0002-1575-4476 
# 
loop_
_audit_author.name 
_audit_author.pdbx_ordinal 
_audit_author.identifier_ORCID 
'Zhou, D.'   1 0000-0002-1949-1896 
'Chen, L.'   2 0000-0002-5163-4308 
'Rose, J.P.' 3 0000-0002-7341-2108 
'Wang, B.C.' 4 0000-0002-1575-4476 
# 
_citation.abstract                  ? 
_citation.abstract_id_CAS           ? 
_citation.book_id_ISBN              ? 
_citation.book_publisher            ? 
_citation.book_publisher_city       ? 
_citation.book_title                ? 
_citation.coordinate_linkage        ? 
_citation.country                   ? 
_citation.database_id_Medline       ? 
_citation.details                   ? 
_citation.id                        primary 
_citation.journal_abbrev            'To Be Published' 
_citation.journal_id_ASTM           ? 
_citation.journal_id_CSD            0353 
_citation.journal_id_ISSN           ? 
_citation.journal_full              ? 
_citation.journal_issue             ? 
_citation.journal_volume            ? 
_citation.language                  ? 
_citation.page_first                ? 
_citation.page_last                 ? 
_citation.title                     'Crystal structure of Endoribonuclease L-PSP family protein PSPTO0102 Sulfur SAD phased' 
_citation.year                      ? 
_citation.database_id_CSD           ? 
_citation.pdbx_database_id_DOI      ? 
_citation.pdbx_database_id_PubMed   ? 
_citation.pdbx_database_id_patent   ? 
_citation.unpublished_flag          ? 
# 
loop_
_citation_author.citation_id 
_citation_author.name 
_citation_author.ordinal 
_citation_author.identifier_ORCID 
primary 'Zhou, D.'   1 0000-0002-1949-1896 
primary 'Chen, L.'   2 0000-0002-5163-4308 
primary 'Rose, J.P.' 3 0000-0002-7341-2108 
primary 'Wang, B.C.' 4 0000-0002-1575-4476 
# 
loop_
_entity.id 
_entity.type 
_entity.src_method 
_entity.pdbx_description 
_entity.formula_weight 
_entity.pdbx_number_of_molecules 
_entity.pdbx_ec 
_entity.pdbx_mutation 
_entity.pdbx_fragment 
_entity.details 
1 polymer man 'L-PSP family protein PSPTO_0102' 12897.774 1   ? ? ? ? 
2 water   nat water                             18.015    144 ? ? ? ? 
# 
_entity_poly.entity_id                      1 
_entity_poly.type                           'polypeptide(L)' 
_entity_poly.nstd_linkage                   no 
_entity_poly.nstd_monomer                   no 
_entity_poly.pdbx_seq_one_letter_code       
;MSIQRQLTNERMSQVVVHNGTVYLAGQVGDDMTAGVEQQTREVLNSIERLLDLAGTDKTRILSVTIYLKDIDADFAGMNS
VWDKWLPKGFAPARATVEAKLCEPQILVELSVIAALP
;
_entity_poly.pdbx_seq_one_letter_code_can   
;MSIQRQLTNERMSQVVVHNGTVYLAGQVGDDMTAGVEQQTREVLNSIERLLDLAGTDKTRILSVTIYLKDIDADFAGMNS
VWDKWLPKGFAPARATVEAKLCEPQILVELSVIAALP
;
_entity_poly.pdbx_strand_id                 A 
_entity_poly.pdbx_target_identifier         ? 
# 
_pdbx_entity_nonpoly.entity_id   2 
_pdbx_entity_nonpoly.name        water 
_pdbx_entity_nonpoly.comp_id     HOH 
# 
loop_
_entity_poly_seq.entity_id 
_entity_poly_seq.num 
_entity_poly_seq.mon_id 
_entity_poly_seq.hetero 
1 1   MET n 
1 2   SER n 
1 3   ILE n 
1 4   GLN n 
1 5   ARG n 
1 6   GLN n 
1 7   LEU n 
1 8   THR n 
1 9   ASN n 
1 10  GLU n 
1 11  ARG n 
1 12  MET n 
1 13  SER n 
1 14  GLN n 
1 15  VAL n 
1 16  VAL n 
1 17  VAL n 
1 18  HIS n 
1 19  ASN n 
1 20  GLY n 
1 21  THR n 
1 22  VAL n 
1 23  TYR n 
1 24  LEU n 
1 25  ALA n 
1 26  GLY n 
1 27  GLN n 
1 28  VAL n 
1 29  GLY n 
1 30  ASP n 
1 31  ASP n 
1 32  MET n 
1 33  THR n 
1 34  ALA n 
1 35  GLY n 
1 36  VAL n 
1 37  GLU n 
1 38  GLN n 
1 39  GLN n 
1 40  THR n 
1 41  ARG n 
1 42  GLU n 
1 43  VAL n 
1 44  LEU n 
1 45  ASN n 
1 46  SER n 
1 47  ILE n 
1 48  GLU n 
1 49  ARG n 
1 50  LEU n 
1 51  LEU n 
1 52  ASP n 
1 53  LEU n 
1 54  ALA n 
1 55  GLY n 
1 56  THR n 
1 57  ASP n 
1 58  LYS n 
1 59  THR n 
1 60  ARG n 
1 61  ILE n 
1 62  LEU n 
1 63  SER n 
1 64  VAL n 
1 65  THR n 
1 66  ILE n 
1 67  TYR n 
1 68  LEU n 
1 69  LYS n 
1 70  ASP n 
1 71  ILE n 
1 72  ASP n 
1 73  ALA n 
1 74  ASP n 
1 75  PHE n 
1 76  ALA n 
1 77  GLY n 
1 78  MET n 
1 79  ASN n 
1 80  SER n 
1 81  VAL n 
1 82  TRP n 
1 83  ASP n 
1 84  LYS n 
1 85  TRP n 
1 86  LEU n 
1 87  PRO n 
1 88  LYS n 
1 89  GLY n 
1 90  PHE n 
1 91  ALA n 
1 92  PRO n 
1 93  ALA n 
1 94  ARG n 
1 95  ALA n 
1 96  THR n 
1 97  VAL n 
1 98  GLU n 
1 99  ALA n 
1 100 LYS n 
1 101 LEU n 
1 102 CYS n 
1 103 GLU n 
1 104 PRO n 
1 105 GLN n 
1 106 ILE n 
1 107 LEU n 
1 108 VAL n 
1 109 GLU n 
1 110 LEU n 
1 111 SER n 
1 112 VAL n 
1 113 ILE n 
1 114 ALA n 
1 115 ALA n 
1 116 LEU n 
1 117 PRO n 
# 
_entity_src_gen.entity_id                          1 
_entity_src_gen.pdbx_src_id                        1 
_entity_src_gen.pdbx_alt_source_flag               sample 
_entity_src_gen.pdbx_seq_type                      'Biological sequence' 
_entity_src_gen.pdbx_beg_seq_num                   1 
_entity_src_gen.pdbx_end_seq_num                   117 
_entity_src_gen.gene_src_common_name               ? 
_entity_src_gen.gene_src_genus                     ? 
_entity_src_gen.pdbx_gene_src_gene                 PSPTO_0102 
_entity_src_gen.gene_src_species                   ? 
_entity_src_gen.gene_src_strain                    ? 
_entity_src_gen.gene_src_tissue                    ? 
_entity_src_gen.gene_src_tissue_fraction           ? 
_entity_src_gen.gene_src_details                   ? 
_entity_src_gen.pdbx_gene_src_fragment             ? 
_entity_src_gen.pdbx_gene_src_scientific_name      'Pseudomonas syringae pv. tomato' 
_entity_src_gen.pdbx_gene_src_ncbi_taxonomy_id     323 
_entity_src_gen.pdbx_gene_src_variant              ? 
_entity_src_gen.pdbx_gene_src_cell_line            ? 
_entity_src_gen.pdbx_gene_src_atcc                 ? 
_entity_src_gen.pdbx_gene_src_organ                ? 
_entity_src_gen.pdbx_gene_src_organelle            ? 
_entity_src_gen.pdbx_gene_src_cell                 ? 
_entity_src_gen.pdbx_gene_src_cellular_location    ? 
_entity_src_gen.host_org_common_name               ? 
_entity_src_gen.pdbx_host_org_scientific_name      'Escherichia coli BL21' 
_entity_src_gen.pdbx_host_org_ncbi_taxonomy_id     511693 
_entity_src_gen.host_org_genus                     ? 
_entity_src_gen.pdbx_host_org_gene                 ? 
_entity_src_gen.pdbx_host_org_organ                ? 
_entity_src_gen.host_org_species                   ? 
_entity_src_gen.pdbx_host_org_tissue               ? 
_entity_src_gen.pdbx_host_org_tissue_fraction      ? 
_entity_src_gen.pdbx_host_org_strain               ? 
_entity_src_gen.pdbx_host_org_variant              ? 
_entity_src_gen.pdbx_host_org_cell_line            ? 
_entity_src_gen.pdbx_host_org_atcc                 ? 
_entity_src_gen.pdbx_host_org_culture_collection   ? 
_entity_src_gen.pdbx_host_org_cell                 ? 
_entity_src_gen.pdbx_host_org_organelle            ? 
_entity_src_gen.pdbx_host_org_cellular_location    ? 
_entity_src_gen.pdbx_host_org_vector_type          ? 
_entity_src_gen.pdbx_host_org_vector               ? 
_entity_src_gen.host_org_details                   ? 
_entity_src_gen.expression_system_id               ? 
_entity_src_gen.plasmid_name                       pET28 
_entity_src_gen.plasmid_details                    ? 
_entity_src_gen.pdbx_description                   ? 
# 
loop_
_chem_comp.id 
_chem_comp.type 
_chem_comp.mon_nstd_flag 
_chem_comp.name 
_chem_comp.pdbx_synonyms 
_chem_comp.formula 
_chem_comp.formula_weight 
ALA 'L-peptide linking' y ALANINE         ? 'C3 H7 N O2'     89.093  
ARG 'L-peptide linking' y ARGININE        ? 'C6 H15 N4 O2 1' 175.209 
ASN 'L-peptide linking' y ASPARAGINE      ? 'C4 H8 N2 O3'    132.118 
ASP 'L-peptide linking' y 'ASPARTIC ACID' ? 'C4 H7 N O4'     133.103 
CYS 'L-peptide linking' y CYSTEINE        ? 'C3 H7 N O2 S'   121.158 
GLN 'L-peptide linking' y GLUTAMINE       ? 'C5 H10 N2 O3'   146.144 
GLU 'L-peptide linking' y 'GLUTAMIC ACID' ? 'C5 H9 N O4'     147.129 
GLY 'peptide linking'   y GLYCINE         ? 'C2 H5 N O2'     75.067  
HIS 'L-peptide linking' y HISTIDINE       ? 'C6 H10 N3 O2 1' 156.162 
HOH non-polymer         . WATER           ? 'H2 O'           18.015  
ILE 'L-peptide linking' y ISOLEUCINE      ? 'C6 H13 N O2'    131.173 
LEU 'L-peptide linking' y LEUCINE         ? 'C6 H13 N O2'    131.173 
LYS 'L-peptide linking' y LYSINE          ? 'C6 H15 N2 O2 1' 147.195 
MET 'L-peptide linking' y METHIONINE      ? 'C5 H11 N O2 S'  149.211 
PHE 'L-peptide linking' y PHENYLALANINE   ? 'C9 H11 N O2'    165.189 
PRO 'L-peptide linking' y PROLINE         ? 'C5 H9 N O2'     115.130 
SER 'L-peptide linking' y SERINE          ? 'C3 H7 N O3'     105.093 
THR 'L-peptide linking' y THREONINE       ? 'C4 H9 N O3'     119.119 
TRP 'L-peptide linking' y TRYPTOPHAN      ? 'C11 H12 N2 O2'  204.225 
TYR 'L-peptide linking' y TYROSINE        ? 'C9 H11 N O3'    181.189 
VAL 'L-peptide linking' y VALINE          ? 'C5 H11 N O2'    117.146 
# 
loop_
_pdbx_poly_seq_scheme.asym_id 
_pdbx_poly_seq_scheme.entity_id 
_pdbx_poly_seq_scheme.seq_id 
_pdbx_poly_seq_scheme.mon_id 
_pdbx_poly_seq_scheme.ndb_seq_num 
_pdbx_poly_seq_scheme.pdb_seq_num 
_pdbx_poly_seq_scheme.auth_seq_num 
_pdbx_poly_seq_scheme.pdb_mon_id 
_pdbx_poly_seq_scheme.auth_mon_id 
_pdbx_poly_seq_scheme.pdb_strand_id 
_pdbx_poly_seq_scheme.pdb_ins_code 
_pdbx_poly_seq_scheme.hetero 
A 1 1   MET 1   1   ?   ?   ?   A . n 
A 1 2   SER 2   2   2   SER SER A . n 
A 1 3   ILE 3   3   3   ILE ILE A . n 
A 1 4   GLN 4   4   4   GLN GLN A . n 
A 1 5   ARG 5   5   5   ARG ARG A . n 
A 1 6   GLN 6   6   6   GLN GLN A . n 
A 1 7   LEU 7   7   7   LEU LEU A . n 
A 1 8   THR 8   8   8   THR THR A . n 
A 1 9   ASN 9   9   9   ASN ASN A . n 
A 1 10  GLU 10  10  10  GLU GLU A . n 
A 1 11  ARG 11  11  11  ARG ARG A . n 
A 1 12  MET 12  12  12  MET MET A . n 
A 1 13  SER 13  13  13  SER SER A . n 
A 1 14  GLN 14  14  14  GLN GLN A . n 
A 1 15  VAL 15  15  15  VAL VAL A . n 
A 1 16  VAL 16  16  16  VAL VAL A . n 
A 1 17  VAL 17  17  17  VAL VAL A . n 
A 1 18  HIS 18  18  18  HIS HIS A . n 
A 1 19  ASN 19  19  19  ASN ASN A . n 
A 1 20  GLY 20  20  20  GLY GLY A . n 
A 1 21  THR 21  21  21  THR THR A . n 
A 1 22  VAL 22  22  22  VAL VAL A . n 
A 1 23  TYR 23  23  23  TYR TYR A . n 
A 1 24  LEU 24  24  24  LEU LEU A . n 
A 1 25  ALA 25  25  25  ALA ALA A . n 
A 1 26  GLY 26  26  26  GLY GLY A . n 
A 1 27  GLN 27  27  27  GLN GLN A . n 
A 1 28  VAL 28  28  28  VAL VAL A . n 
A 1 29  GLY 29  29  29  GLY GLY A . n 
A 1 30  ASP 30  30  30  ASP ASP A . n 
A 1 31  ASP 31  31  31  ASP ASP A . n 
A 1 32  MET 32  32  32  MET MET A . n 
A 1 33  THR 33  33  33  THR THR A . n 
A 1 34  ALA 34  34  34  ALA ALA A . n 
A 1 35  GLY 35  35  35  GLY GLY A . n 
A 1 36  VAL 36  36  36  VAL VAL A . n 
A 1 37  GLU 37  37  37  GLU GLU A . n 
A 1 38  GLN 38  38  38  GLN GLN A . n 
A 1 39  GLN 39  39  39  GLN GLN A . n 
A 1 40  THR 40  40  40  THR THR A . n 
A 1 41  ARG 41  41  41  ARG ARG A . n 
A 1 42  GLU 42  42  42  GLU GLU A . n 
A 1 43  VAL 43  43  43  VAL VAL A . n 
A 1 44  LEU 44  44  44  LEU LEU A . n 
A 1 45  ASN 45  45  45  ASN ASN A . n 
A 1 46  SER 46  46  46  SER SER A . n 
A 1 47  ILE 47  47  47  ILE ILE A . n 
A 1 48  GLU 48  48  48  GLU GLU A . n 
A 1 49  ARG 49  49  49  ARG ARG A . n 
A 1 50  LEU 50  50  50  LEU LEU A . n 
A 1 51  LEU 51  51  51  LEU LEU A . n 
A 1 52  ASP 52  52  52  ASP ASP A . n 
A 1 53  LEU 53  53  53  LEU LEU A . n 
A 1 54  ALA 54  54  54  ALA ALA A . n 
A 1 55  GLY 55  55  55  GLY GLY A . n 
A 1 56  THR 56  56  56  THR THR A . n 
A 1 57  ASP 57  57  57  ASP ASP A . n 
A 1 58  LYS 58  58  58  LYS LYS A . n 
A 1 59  THR 59  59  59  THR THR A . n 
A 1 60  ARG 60  60  60  ARG ARG A . n 
A 1 61  ILE 61  61  61  ILE ILE A . n 
A 1 62  LEU 62  62  62  LEU LEU A . n 
A 1 63  SER 63  63  63  SER SER A . n 
A 1 64  VAL 64  64  64  VAL VAL A . n 
A 1 65  THR 65  65  65  THR THR A . n 
A 1 66  ILE 66  66  66  ILE ILE A . n 
A 1 67  TYR 67  67  67  TYR TYR A . n 
A 1 68  LEU 68  68  68  LEU LEU A . n 
A 1 69  LYS 69  69  69  LYS LYS A . n 
A 1 70  ASP 70  70  70  ASP ASP A . n 
A 1 71  ILE 71  71  71  ILE ILE A . n 
A 1 72  ASP 72  72  72  ASP ASP A . n 
A 1 73  ALA 73  73  73  ALA ALA A . n 
A 1 74  ASP 74  74  74  ASP ASP A . n 
A 1 75  PHE 75  75  75  PHE PHE A . n 
A 1 76  ALA 76  76  76  ALA ALA A . n 
A 1 77  GLY 77  77  77  GLY GLY A . n 
A 1 78  MET 78  78  78  MET MET A . n 
A 1 79  ASN 79  79  79  ASN ASN A . n 
A 1 80  SER 80  80  80  SER SER A . n 
A 1 81  VAL 81  81  81  VAL VAL A . n 
A 1 82  TRP 82  82  82  TRP TRP A . n 
A 1 83  ASP 83  83  83  ASP ASP A . n 
A 1 84  LYS 84  84  84  LYS LYS A . n 
A 1 85  TRP 85  85  85  TRP TRP A . n 
A 1 86  LEU 86  86  86  LEU LEU A . n 
A 1 87  PRO 87  87  87  PRO PRO A . n 
A 1 88  LYS 88  88  88  LYS LYS A . n 
A 1 89  GLY 89  89  89  GLY GLY A . n 
A 1 90  PHE 90  90  90  PHE PHE A . n 
A 1 91  ALA 91  91  91  ALA ALA A . n 
A 1 92  PRO 92  92  92  PRO PRO A . n 
A 1 93  ALA 93  93  93  ALA ALA A . n 
A 1 94  ARG 94  94  94  ARG ARG A . n 
A 1 95  ALA 95  95  95  ALA ALA A . n 
A 1 96  THR 96  96  96  THR THR A . n 
A 1 97  VAL 97  97  97  VAL VAL A . n 
A 1 98  GLU 98  98  98  GLU GLU A . n 
A 1 99  ALA 99  99  99  ALA ALA A . n 
A 1 100 LYS 100 100 100 LYS LYS A . n 
A 1 101 LEU 101 101 101 LEU LEU A . n 
A 1 102 CYS 102 102 102 CYS CYS A . n 
A 1 103 GLU 103 103 103 GLU GLU A . n 
A 1 104 PRO 104 104 104 PRO PRO A . n 
A 1 105 GLN 105 105 105 GLN GLN A . n 
A 1 106 ILE 106 106 106 ILE ILE A . n 
A 1 107 LEU 107 107 107 LEU LEU A . n 
A 1 108 VAL 108 108 108 VAL VAL A . n 
A 1 109 GLU 109 109 109 GLU GLU A . n 
A 1 110 LEU 110 110 110 LEU LEU A . n 
A 1 111 SER 111 111 111 SER SER A . n 
A 1 112 VAL 112 112 112 VAL VAL A . n 
A 1 113 ILE 113 113 113 ILE ILE A . n 
A 1 114 ALA 114 114 114 ALA ALA A . n 
A 1 115 ALA 115 115 115 ALA ALA A . n 
A 1 116 LEU 116 116 116 LEU LEU A . n 
A 1 117 PRO 117 117 117 PRO PRO A . n 
# 
loop_
_pdbx_nonpoly_scheme.asym_id 
_pdbx_nonpoly_scheme.entity_id 
_pdbx_nonpoly_scheme.mon_id 
_pdbx_nonpoly_scheme.ndb_seq_num 
_pdbx_nonpoly_scheme.pdb_seq_num 
_pdbx_nonpoly_scheme.auth_seq_num 
_pdbx_nonpoly_scheme.pdb_mon_id 
_pdbx_nonpoly_scheme.auth_mon_id 
_pdbx_nonpoly_scheme.pdb_strand_id 
_pdbx_nonpoly_scheme.pdb_ins_code 
B 2 HOH 1   201 526 HOH HOH A . 
B 2 HOH 2   202 544 HOH HOH A . 
B 2 HOH 3   203 47  HOH HOH A . 
B 2 HOH 4   204 60  HOH HOH A . 
B 2 HOH 5   205 482 HOH HOH A . 
B 2 HOH 6   206 40  HOH HOH A . 
B 2 HOH 7   207 21  HOH HOH A . 
B 2 HOH 8   208 105 HOH HOH A . 
B 2 HOH 9   209 3   HOH HOH A . 
B 2 HOH 10  210 310 HOH HOH A . 
B 2 HOH 11  211 27  HOH HOH A . 
B 2 HOH 12  212 70  HOH HOH A . 
B 2 HOH 13  213 408 HOH HOH A . 
B 2 HOH 14  214 86  HOH HOH A . 
B 2 HOH 15  215 7   HOH HOH A . 
B 2 HOH 16  216 493 HOH HOH A . 
B 2 HOH 17  217 307 HOH HOH A . 
B 2 HOH 18  218 99  HOH HOH A . 
B 2 HOH 19  219 566 HOH HOH A . 
B 2 HOH 20  220 75  HOH HOH A . 
B 2 HOH 21  221 492 HOH HOH A . 
B 2 HOH 22  222 89  HOH HOH A . 
B 2 HOH 23  223 19  HOH HOH A . 
B 2 HOH 24  224 5   HOH HOH A . 
B 2 HOH 25  225 26  HOH HOH A . 
B 2 HOH 26  226 151 HOH HOH A . 
B 2 HOH 27  227 12  HOH HOH A . 
B 2 HOH 28  228 96  HOH HOH A . 
B 2 HOH 29  229 6   HOH HOH A . 
B 2 HOH 30  230 39  HOH HOH A . 
B 2 HOH 31  231 77  HOH HOH A . 
B 2 HOH 32  232 41  HOH HOH A . 
B 2 HOH 33  233 66  HOH HOH A . 
B 2 HOH 34  234 15  HOH HOH A . 
B 2 HOH 35  235 8   HOH HOH A . 
B 2 HOH 36  236 28  HOH HOH A . 
B 2 HOH 37  237 30  HOH HOH A . 
B 2 HOH 38  238 146 HOH HOH A . 
B 2 HOH 39  239 223 HOH HOH A . 
B 2 HOH 40  240 44  HOH HOH A . 
B 2 HOH 41  241 162 HOH HOH A . 
B 2 HOH 42  242 160 HOH HOH A . 
B 2 HOH 43  243 38  HOH HOH A . 
B 2 HOH 44  244 10  HOH HOH A . 
B 2 HOH 45  245 18  HOH HOH A . 
B 2 HOH 46  246 192 HOH HOH A . 
B 2 HOH 47  247 65  HOH HOH A . 
B 2 HOH 48  248 154 HOH HOH A . 
B 2 HOH 49  249 16  HOH HOH A . 
B 2 HOH 50  250 304 HOH HOH A . 
B 2 HOH 51  251 48  HOH HOH A . 
B 2 HOH 52  252 124 HOH HOH A . 
B 2 HOH 53  253 32  HOH HOH A . 
B 2 HOH 54  254 81  HOH HOH A . 
B 2 HOH 55  255 20  HOH HOH A . 
B 2 HOH 56  256 167 HOH HOH A . 
B 2 HOH 57  257 23  HOH HOH A . 
B 2 HOH 58  258 62  HOH HOH A . 
B 2 HOH 59  259 204 HOH HOH A . 
B 2 HOH 60  260 11  HOH HOH A . 
B 2 HOH 61  261 534 HOH HOH A . 
B 2 HOH 62  262 9   HOH HOH A . 
B 2 HOH 63  263 164 HOH HOH A . 
B 2 HOH 64  264 24  HOH HOH A . 
B 2 HOH 65  265 183 HOH HOH A . 
B 2 HOH 66  266 13  HOH HOH A . 
B 2 HOH 67  267 125 HOH HOH A . 
B 2 HOH 68  268 2   HOH HOH A . 
B 2 HOH 69  269 53  HOH HOH A . 
B 2 HOH 70  270 315 HOH HOH A . 
B 2 HOH 71  271 143 HOH HOH A . 
B 2 HOH 72  272 153 HOH HOH A . 
B 2 HOH 73  273 25  HOH HOH A . 
B 2 HOH 74  274 1   HOH HOH A . 
B 2 HOH 75  275 136 HOH HOH A . 
B 2 HOH 76  276 50  HOH HOH A . 
B 2 HOH 77  277 31  HOH HOH A . 
B 2 HOH 78  278 80  HOH HOH A . 
B 2 HOH 79  279 67  HOH HOH A . 
B 2 HOH 80  280 17  HOH HOH A . 
B 2 HOH 81  281 238 HOH HOH A . 
B 2 HOH 82  282 216 HOH HOH A . 
B 2 HOH 83  283 130 HOH HOH A . 
B 2 HOH 84  284 412 HOH HOH A . 
B 2 HOH 85  285 189 HOH HOH A . 
B 2 HOH 86  286 148 HOH HOH A . 
B 2 HOH 87  287 152 HOH HOH A . 
B 2 HOH 88  288 33  HOH HOH A . 
B 2 HOH 89  289 43  HOH HOH A . 
B 2 HOH 90  290 45  HOH HOH A . 
B 2 HOH 91  291 142 HOH HOH A . 
B 2 HOH 92  292 127 HOH HOH A . 
B 2 HOH 93  293 119 HOH HOH A . 
B 2 HOH 94  294 208 HOH HOH A . 
B 2 HOH 95  295 117 HOH HOH A . 
B 2 HOH 96  296 131 HOH HOH A . 
B 2 HOH 97  297 297 HOH HOH A . 
B 2 HOH 98  298 90  HOH HOH A . 
B 2 HOH 99  299 29  HOH HOH A . 
B 2 HOH 100 300 46  HOH HOH A . 
B 2 HOH 101 301 134 HOH HOH A . 
B 2 HOH 102 302 159 HOH HOH A . 
B 2 HOH 103 303 560 HOH HOH A . 
B 2 HOH 104 304 200 HOH HOH A . 
B 2 HOH 105 305 290 HOH HOH A . 
B 2 HOH 106 306 317 HOH HOH A . 
B 2 HOH 107 307 268 HOH HOH A . 
B 2 HOH 108 308 221 HOH HOH A . 
B 2 HOH 109 309 270 HOH HOH A . 
B 2 HOH 110 310 417 HOH HOH A . 
B 2 HOH 111 311 468 HOH HOH A . 
B 2 HOH 112 312 71  HOH HOH A . 
B 2 HOH 113 313 129 HOH HOH A . 
B 2 HOH 114 314 165 HOH HOH A . 
B 2 HOH 115 315 244 HOH HOH A . 
B 2 HOH 116 316 76  HOH HOH A . 
B 2 HOH 117 317 344 HOH HOH A . 
B 2 HOH 118 318 302 HOH HOH A . 
B 2 HOH 119 319 222 HOH HOH A . 
B 2 HOH 120 320 470 HOH HOH A . 
B 2 HOH 121 321 169 HOH HOH A . 
B 2 HOH 122 322 121 HOH HOH A . 
B 2 HOH 123 323 477 HOH HOH A . 
B 2 HOH 124 324 122 HOH HOH A . 
B 2 HOH 125 325 203 HOH HOH A . 
B 2 HOH 126 326 324 HOH HOH A . 
B 2 HOH 127 327 34  HOH HOH A . 
B 2 HOH 128 328 103 HOH HOH A . 
B 2 HOH 129 329 366 HOH HOH A . 
B 2 HOH 130 330 49  HOH HOH A . 
B 2 HOH 131 331 262 HOH HOH A . 
B 2 HOH 132 332 68  HOH HOH A . 
B 2 HOH 133 333 241 HOH HOH A . 
B 2 HOH 134 334 337 HOH HOH A . 
B 2 HOH 135 335 177 HOH HOH A . 
B 2 HOH 136 336 521 HOH HOH A . 
B 2 HOH 137 337 411 HOH HOH A . 
B 2 HOH 138 338 22  HOH HOH A . 
B 2 HOH 139 339 353 HOH HOH A . 
B 2 HOH 140 340 156 HOH HOH A . 
B 2 HOH 141 341 213 HOH HOH A . 
B 2 HOH 142 342 346 HOH HOH A . 
B 2 HOH 143 343 314 HOH HOH A . 
B 2 HOH 144 344 59  HOH HOH A . 
# 
loop_
_software.citation_id 
_software.classification 
_software.compiler_name 
_software.compiler_version 
_software.contact_author 
_software.contact_author_email 
_software.date 
_software.description 
_software.dependencies 
_software.hardware 
_software.language 
_software.location 
_software.mods 
_software.name 
_software.os 
_software.os_version 
_software.type 
_software.version 
_software.pdbx_ordinal 
? refinement       ? ? ? ? ? ? ? ? ? ? ? PHENIX   ? ? ? 1.21_5207 1 
? 'data scaling'   ? ? ? ? ? ? ? ? ? ? ? HKL-3000 ? ? ? .         2 
? 'data reduction' ? ? ? ? ? ? ? ? ? ? ? HKL-3000 ? ? ? .         3 
? phasing          ? ? ? ? ? ? ? ? ? ? ? AutoSol  ? ? ? .         4 
# 
_cell.angle_alpha                  90.000 
_cell.angle_alpha_esd              ? 
_cell.angle_beta                   90.000 
_cell.angle_beta_esd               ? 
_cell.angle_gamma                  90.000 
_cell.angle_gamma_esd              ? 
_cell.entry_id                     9BK1 
_cell.details                      ? 
_cell.formula_units_Z              ? 
_cell.length_a                     66.684 
_cell.length_a_esd                 ? 
_cell.length_b                     66.684 
_cell.length_b_esd                 ? 
_cell.length_c                     66.684 
_cell.length_c_esd                 ? 
_cell.volume                       296527.468 
_cell.volume_esd                   ? 
_cell.Z_PDB                        12 
_cell.reciprocal_angle_alpha       ? 
_cell.reciprocal_angle_beta        ? 
_cell.reciprocal_angle_gamma       ? 
_cell.reciprocal_angle_alpha_esd   ? 
_cell.reciprocal_angle_beta_esd    ? 
_cell.reciprocal_angle_gamma_esd   ? 
_cell.reciprocal_length_a          ? 
_cell.reciprocal_length_b          ? 
_cell.reciprocal_length_c          ? 
_cell.reciprocal_length_a_esd      ? 
_cell.reciprocal_length_b_esd      ? 
_cell.reciprocal_length_c_esd      ? 
_cell.pdbx_unique_axis             ? 
_cell.pdbx_esd_method              ? 
# 
_symmetry.entry_id                         9BK1 
_symmetry.cell_setting                     ? 
_symmetry.Int_Tables_number                198 
_symmetry.space_group_name_Hall            'P 2ac 2ab 3' 
_symmetry.space_group_name_H-M             'P 21 3' 
_symmetry.pdbx_full_space_group_name_H-M   ? 
# 
_exptl.absorpt_coefficient_mu     ? 
_exptl.absorpt_correction_T_max   ? 
_exptl.absorpt_correction_T_min   ? 
_exptl.absorpt_correction_type    ? 
_exptl.absorpt_process_details    ? 
_exptl.entry_id                   9BK1 
_exptl.crystals_number            1 
_exptl.details                    ? 
_exptl.method                     'X-RAY DIFFRACTION' 
_exptl.method_details             ? 
# 
_exptl_crystal.colour                       ? 
_exptl_crystal.density_diffrn               ? 
_exptl_crystal.density_Matthews             1.92 
_exptl_crystal.density_method               ? 
_exptl_crystal.density_percent_sol          35.80 
_exptl_crystal.description                  ? 
_exptl_crystal.F_000                        ? 
_exptl_crystal.id                           1 
_exptl_crystal.preparation                  ? 
_exptl_crystal.size_max                     ? 
_exptl_crystal.size_mid                     ? 
_exptl_crystal.size_min                     ? 
_exptl_crystal.size_rad                     ? 
_exptl_crystal.colour_lustre                ? 
_exptl_crystal.colour_modifier              ? 
_exptl_crystal.colour_primary               ? 
_exptl_crystal.density_meas                 ? 
_exptl_crystal.density_meas_esd             ? 
_exptl_crystal.density_meas_gt              ? 
_exptl_crystal.density_meas_lt              ? 
_exptl_crystal.density_meas_temp            ? 
_exptl_crystal.density_meas_temp_esd        ? 
_exptl_crystal.density_meas_temp_gt         ? 
_exptl_crystal.density_meas_temp_lt         ? 
_exptl_crystal.pdbx_crystal_image_url       ? 
_exptl_crystal.pdbx_crystal_image_format    ? 
_exptl_crystal.pdbx_mosaicity               ? 
_exptl_crystal.pdbx_mosaicity_esd           ? 
_exptl_crystal.pdbx_mosaic_method           ? 
_exptl_crystal.pdbx_mosaic_block_size       ? 
_exptl_crystal.pdbx_mosaic_block_size_esd   ? 
# 
_exptl_crystal_grow.apparatus       ? 
_exptl_crystal_grow.atmosphere      ? 
_exptl_crystal_grow.crystal_id      1 
_exptl_crystal_grow.details         ? 
_exptl_crystal_grow.method          'VAPOR DIFFUSION, HANGING DROP' 
_exptl_crystal_grow.method_ref      ? 
_exptl_crystal_grow.pH              ? 
_exptl_crystal_grow.pressure        ? 
_exptl_crystal_grow.pressure_esd    ? 
_exptl_crystal_grow.seeding         ? 
_exptl_crystal_grow.seeding_ref     ? 
_exptl_crystal_grow.temp_details    ? 
_exptl_crystal_grow.temp_esd        ? 
_exptl_crystal_grow.time            ? 
_exptl_crystal_grow.pdbx_details    '0.1 M Magnesium formate dihydrate, 15% w/v Polyethylene glycol 3,350' 
_exptl_crystal_grow.pdbx_pH_range   ? 
_exptl_crystal_grow.temp            298 
# 
_diffrn.ambient_environment              ? 
_diffrn.ambient_temp                     100 
_diffrn.ambient_temp_details             ? 
_diffrn.ambient_temp_esd                 ? 
_diffrn.crystal_id                       1 
_diffrn.crystal_support                  ? 
_diffrn.crystal_treatment                ? 
_diffrn.details                          ? 
_diffrn.id                               1 
_diffrn.ambient_pressure                 ? 
_diffrn.ambient_pressure_esd             ? 
_diffrn.ambient_pressure_gt              ? 
_diffrn.ambient_pressure_lt              ? 
_diffrn.ambient_temp_gt                  ? 
_diffrn.ambient_temp_lt                  ? 
_diffrn.pdbx_serial_crystal_experiment   N 
# 
_diffrn_detector.details                      ? 
_diffrn_detector.detector                     PIXEL 
_diffrn_detector.diffrn_id                    1 
_diffrn_detector.type                         'DECTRIS PILATUS 200K' 
_diffrn_detector.area_resol_mean              ? 
_diffrn_detector.dtime                        ? 
_diffrn_detector.pdbx_frames_total            ? 
_diffrn_detector.pdbx_collection_time_total   ? 
_diffrn_detector.pdbx_collection_date         2019-07-13 
_diffrn_detector.pdbx_frequency               ? 
_diffrn_detector.id                           ? 
_diffrn_detector.number_of_axes               ? 
# 
_diffrn_radiation.collimation                      ? 
_diffrn_radiation.diffrn_id                        1 
_diffrn_radiation.filter_edge                      ? 
_diffrn_radiation.inhomogeneity                    ? 
_diffrn_radiation.monochromator                    ? 
_diffrn_radiation.polarisn_norm                    ? 
_diffrn_radiation.polarisn_ratio                   ? 
_diffrn_radiation.probe                            ? 
_diffrn_radiation.type                             ? 
_diffrn_radiation.xray_symbol                      ? 
_diffrn_radiation.wavelength_id                    1 
_diffrn_radiation.pdbx_monochromatic_or_laue_m_l   M 
_diffrn_radiation.pdbx_wavelength_list             ? 
_diffrn_radiation.pdbx_wavelength                  ? 
_diffrn_radiation.pdbx_diffrn_protocol             'SINGLE WAVELENGTH' 
_diffrn_radiation.pdbx_analyzer                    ? 
_diffrn_radiation.pdbx_scattering_type             x-ray 
# 
_diffrn_radiation_wavelength.id           1 
_diffrn_radiation_wavelength.wavelength   1.5418 
_diffrn_radiation_wavelength.wt           1.0 
# 
_diffrn_source.current                     ? 
_diffrn_source.details                     ? 
_diffrn_source.diffrn_id                   1 
_diffrn_source.power                       ? 
_diffrn_source.size                        ? 
_diffrn_source.source                      'ROTATING ANODE' 
_diffrn_source.target                      ? 
_diffrn_source.type                        'RIGAKU MICROMAX-002' 
_diffrn_source.voltage                     ? 
_diffrn_source.take-off_angle              ? 
_diffrn_source.pdbx_wavelength_list        1.5418 
_diffrn_source.pdbx_wavelength             ? 
_diffrn_source.pdbx_synchrotron_beamline   ? 
_diffrn_source.pdbx_synchrotron_site       ? 
# 
_reflns.B_iso_Wilson_estimate                          13.64 
_reflns.entry_id                                       9BK1 
_reflns.data_reduction_details                         ? 
_reflns.data_reduction_method                          ? 
_reflns.d_resolution_high                              1.57 
_reflns.d_resolution_low                               50 
_reflns.details                                        ? 
_reflns.limit_h_max                                    ? 
_reflns.limit_h_min                                    ? 
_reflns.limit_k_max                                    ? 
_reflns.limit_k_min                                    ? 
_reflns.limit_l_max                                    ? 
_reflns.limit_l_min                                    ? 
_reflns.number_all                                     ? 
_reflns.number_obs                                     13020 
_reflns.observed_criterion                             ? 
_reflns.observed_criterion_F_max                       ? 
_reflns.observed_criterion_F_min                       ? 
_reflns.observed_criterion_I_max                       ? 
_reflns.observed_criterion_I_min                       ? 
_reflns.observed_criterion_sigma_F                     ? 
_reflns.observed_criterion_sigma_I                     ? 
_reflns.percent_possible_obs                           94.1 
_reflns.R_free_details                                 ? 
_reflns.Rmerge_F_all                                   ? 
_reflns.Rmerge_F_obs                                   ? 
_reflns.Friedel_coverage                               ? 
_reflns.number_gt                                      ? 
_reflns.threshold_expression                           ? 
_reflns.pdbx_redundancy                                28.5 
_reflns.pdbx_netI_over_av_sigmaI                       ? 
_reflns.pdbx_netI_over_sigmaI                          118.35 
_reflns.pdbx_res_netI_over_av_sigmaI_2                 ? 
_reflns.pdbx_res_netI_over_sigmaI_2                    ? 
_reflns.pdbx_chi_squared                               1.110 
_reflns.pdbx_scaling_rejects                           ? 
_reflns.pdbx_d_res_high_opt                            ? 
_reflns.pdbx_d_res_low_opt                             ? 
_reflns.pdbx_d_res_opt_method                          ? 
_reflns.phase_calculation_details                      ? 
_reflns.pdbx_Rrim_I_all                                0.029 
_reflns.pdbx_Rpim_I_all                                0.005 
_reflns.pdbx_d_opt                                     ? 
_reflns.pdbx_number_measured_all                       ? 
_reflns.pdbx_diffrn_id                                 1 
_reflns.pdbx_ordinal                                   1 
_reflns.pdbx_CC_half                                   ? 
_reflns.pdbx_CC_star                                   ? 
_reflns.pdbx_R_split                                   ? 
_reflns.pdbx_Rmerge_I_obs                              0.029 
_reflns.pdbx_Rmerge_I_all                              ? 
_reflns.pdbx_Rsym_value                                ? 
_reflns.pdbx_CC_split_method                           ? 
_reflns.pdbx_aniso_diffraction_limit_axis_1_ortho[1]   ? 
_reflns.pdbx_aniso_diffraction_limit_axis_1_ortho[2]   ? 
_reflns.pdbx_aniso_diffraction_limit_axis_1_ortho[3]   ? 
_reflns.pdbx_aniso_diffraction_limit_axis_2_ortho[1]   ? 
_reflns.pdbx_aniso_diffraction_limit_axis_2_ortho[2]   ? 
_reflns.pdbx_aniso_diffraction_limit_axis_2_ortho[3]   ? 
_reflns.pdbx_aniso_diffraction_limit_axis_3_ortho[1]   ? 
_reflns.pdbx_aniso_diffraction_limit_axis_3_ortho[2]   ? 
_reflns.pdbx_aniso_diffraction_limit_axis_3_ortho[3]   ? 
_reflns.pdbx_aniso_diffraction_limit_1                 ? 
_reflns.pdbx_aniso_diffraction_limit_2                 ? 
_reflns.pdbx_aniso_diffraction_limit_3                 ? 
_reflns.pdbx_aniso_B_tensor_eigenvector_1_ortho[1]     ? 
_reflns.pdbx_aniso_B_tensor_eigenvector_1_ortho[2]     ? 
_reflns.pdbx_aniso_B_tensor_eigenvector_1_ortho[3]     ? 
_reflns.pdbx_aniso_B_tensor_eigenvector_2_ortho[1]     ? 
_reflns.pdbx_aniso_B_tensor_eigenvector_2_ortho[2]     ? 
_reflns.pdbx_aniso_B_tensor_eigenvector_2_ortho[3]     ? 
_reflns.pdbx_aniso_B_tensor_eigenvector_3_ortho[1]     ? 
_reflns.pdbx_aniso_B_tensor_eigenvector_3_ortho[2]     ? 
_reflns.pdbx_aniso_B_tensor_eigenvector_3_ortho[3]     ? 
_reflns.pdbx_aniso_B_tensor_eigenvalue_1               ? 
_reflns.pdbx_aniso_B_tensor_eigenvalue_2               ? 
_reflns.pdbx_aniso_B_tensor_eigenvalue_3               ? 
_reflns.pdbx_orthogonalization_convention              ? 
_reflns.pdbx_percent_possible_ellipsoidal              ? 
_reflns.pdbx_percent_possible_spherical                ? 
_reflns.pdbx_percent_possible_ellipsoidal_anomalous    ? 
_reflns.pdbx_percent_possible_spherical_anomalous      ? 
_reflns.pdbx_redundancy_anomalous                      ? 
_reflns.pdbx_CC_half_anomalous                         ? 
_reflns.pdbx_absDiff_over_sigma_anomalous              ? 
_reflns.pdbx_percent_possible_anomalous                ? 
_reflns.pdbx_observed_signal_threshold                 ? 
_reflns.pdbx_signal_type                               ? 
_reflns.pdbx_signal_details                            ? 
_reflns.pdbx_signal_software_id                        ? 
# 
_reflns_shell.d_res_high                                    1.57 
_reflns_shell.d_res_low                                     1.60 
_reflns_shell.meanI_over_sigI_all                           ? 
_reflns_shell.meanI_over_sigI_obs                           7.45 
_reflns_shell.number_measured_all                           ? 
_reflns_shell.number_measured_obs                           ? 
_reflns_shell.number_possible                               ? 
_reflns_shell.number_unique_all                             ? 
_reflns_shell.number_unique_obs                             153 
_reflns_shell.percent_possible_obs                          ? 
_reflns_shell.Rmerge_F_all                                  ? 
_reflns_shell.Rmerge_F_obs                                  ? 
_reflns_shell.meanI_over_sigI_gt                            ? 
_reflns_shell.meanI_over_uI_all                             ? 
_reflns_shell.meanI_over_uI_gt                              ? 
_reflns_shell.number_measured_gt                            ? 
_reflns_shell.number_unique_gt                              ? 
_reflns_shell.percent_possible_gt                           ? 
_reflns_shell.Rmerge_F_gt                                   ? 
_reflns_shell.Rmerge_I_gt                                   ? 
_reflns_shell.pdbx_redundancy                               ? 
_reflns_shell.pdbx_chi_squared                              0.848 
_reflns_shell.pdbx_netI_over_sigmaI_all                     ? 
_reflns_shell.pdbx_netI_over_sigmaI_obs                     ? 
_reflns_shell.pdbx_Rrim_I_all                               0.099 
_reflns_shell.pdbx_Rpim_I_all                               0.066 
_reflns_shell.pdbx_rejects                                  ? 
_reflns_shell.pdbx_ordinal                                  1 
_reflns_shell.pdbx_diffrn_id                                1 
_reflns_shell.pdbx_CC_half                                  0.984 
_reflns_shell.pdbx_CC_star                                  ? 
_reflns_shell.pdbx_R_split                                  ? 
_reflns_shell.percent_possible_all                          ? 
_reflns_shell.Rmerge_I_all                                  ? 
_reflns_shell.Rmerge_I_obs                                  0.073 
_reflns_shell.pdbx_Rsym_value                               ? 
_reflns_shell.pdbx_percent_possible_ellipsoidal             ? 
_reflns_shell.pdbx_percent_possible_spherical               ? 
_reflns_shell.pdbx_percent_possible_ellipsoidal_anomalous   ? 
_reflns_shell.pdbx_percent_possible_spherical_anomalous     ? 
_reflns_shell.pdbx_redundancy_anomalous                     ? 
_reflns_shell.pdbx_CC_half_anomalous                        ? 
_reflns_shell.pdbx_absDiff_over_sigma_anomalous             ? 
_reflns_shell.pdbx_percent_possible_anomalous               ? 
# 
_refine.aniso_B[1][1]                            ? 
_refine.aniso_B[1][2]                            ? 
_refine.aniso_B[1][3]                            ? 
_refine.aniso_B[2][2]                            ? 
_refine.aniso_B[2][3]                            ? 
_refine.aniso_B[3][3]                            ? 
_refine.B_iso_max                                ? 
_refine.B_iso_mean                               16.34 
_refine.B_iso_min                                ? 
_refine.correlation_coeff_Fo_to_Fc               ? 
_refine.correlation_coeff_Fo_to_Fc_free          ? 
_refine.details                                  ? 
_refine.diff_density_max                         ? 
_refine.diff_density_max_esd                     ? 
_refine.diff_density_min                         ? 
_refine.diff_density_min_esd                     ? 
_refine.diff_density_rms                         ? 
_refine.diff_density_rms_esd                     ? 
_refine.entry_id                                 9BK1 
_refine.pdbx_refine_id                           'X-RAY DIFFRACTION' 
_refine.ls_abs_structure_details                 ? 
_refine.ls_abs_structure_Flack                   ? 
_refine.ls_abs_structure_Flack_esd               ? 
_refine.ls_abs_structure_Rogers                  ? 
_refine.ls_abs_structure_Rogers_esd              ? 
_refine.ls_d_res_high                            1.57 
_refine.ls_d_res_low                             47.15 
_refine.ls_extinction_coef                       ? 
_refine.ls_extinction_coef_esd                   ? 
_refine.ls_extinction_expression                 ? 
_refine.ls_extinction_method                     ? 
_refine.ls_goodness_of_fit_all                   ? 
_refine.ls_goodness_of_fit_all_esd               ? 
_refine.ls_goodness_of_fit_obs                   ? 
_refine.ls_goodness_of_fit_obs_esd               ? 
_refine.ls_hydrogen_treatment                    ? 
_refine.ls_matrix_type                           ? 
_refine.ls_number_constraints                    ? 
_refine.ls_number_parameters                     ? 
_refine.ls_number_reflns_all                     ? 
_refine.ls_number_reflns_obs                     13020 
_refine.ls_number_reflns_R_free                  1302 
_refine.ls_number_reflns_R_work                  11718 
_refine.ls_number_restraints                     ? 
_refine.ls_percent_reflns_obs                    93.00 
_refine.ls_percent_reflns_R_free                 10.00 
_refine.ls_R_factor_all                          ? 
_refine.ls_R_factor_obs                          0.1800 
_refine.ls_R_factor_R_free                       0.2054 
_refine.ls_R_factor_R_free_error                 ? 
_refine.ls_R_factor_R_free_error_details         ? 
_refine.ls_R_factor_R_work                       0.1772 
_refine.ls_R_Fsqd_factor_obs                     ? 
_refine.ls_R_I_factor_obs                        ? 
_refine.ls_redundancy_reflns_all                 ? 
_refine.ls_redundancy_reflns_obs                 ? 
_refine.ls_restrained_S_all                      ? 
_refine.ls_restrained_S_obs                      ? 
_refine.ls_shift_over_esd_max                    ? 
_refine.ls_shift_over_esd_mean                   ? 
_refine.ls_structure_factor_coef                 ? 
_refine.ls_weighting_details                     ? 
_refine.ls_weighting_scheme                      ? 
_refine.ls_wR_factor_all                         ? 
_refine.ls_wR_factor_obs                         ? 
_refine.ls_wR_factor_R_free                      ? 
_refine.ls_wR_factor_R_work                      ? 
_refine.occupancy_max                            ? 
_refine.occupancy_min                            ? 
_refine.solvent_model_details                    'FLAT BULK SOLVENT MODEL' 
_refine.solvent_model_param_bsol                 ? 
_refine.solvent_model_param_ksol                 ? 
_refine.pdbx_R_complete                          ? 
_refine.ls_R_factor_gt                           ? 
_refine.ls_goodness_of_fit_gt                    ? 
_refine.ls_goodness_of_fit_ref                   ? 
_refine.ls_shift_over_su_max                     ? 
_refine.ls_shift_over_su_max_lt                  ? 
_refine.ls_shift_over_su_mean                    ? 
_refine.ls_shift_over_su_mean_lt                 ? 
_refine.pdbx_ls_sigma_I                          ? 
_refine.pdbx_ls_sigma_F                          0.40 
_refine.pdbx_ls_sigma_Fsqd                       ? 
_refine.pdbx_data_cutoff_high_absF               ? 
_refine.pdbx_data_cutoff_high_rms_absF           ? 
_refine.pdbx_data_cutoff_low_absF                ? 
_refine.pdbx_isotropic_thermal_model             ? 
_refine.pdbx_ls_cross_valid_method               'FREE R-VALUE' 
_refine.pdbx_method_to_determine_struct          SAD 
_refine.pdbx_starting_model                      ? 
_refine.pdbx_stereochemistry_target_values       'GeoStd + Monomer Library + CDL v1.2' 
_refine.pdbx_R_Free_selection_details            ? 
_refine.pdbx_stereochem_target_val_spec_case     ? 
_refine.pdbx_overall_ESU_R                       ? 
_refine.pdbx_overall_ESU_R_Free                  ? 
_refine.pdbx_solvent_vdw_probe_radii             1.1000 
_refine.pdbx_solvent_ion_probe_radii             ? 
_refine.pdbx_solvent_shrinkage_radii             0.9000 
_refine.pdbx_real_space_R                        ? 
_refine.pdbx_density_correlation                 ? 
_refine.pdbx_pd_number_of_powder_patterns        ? 
_refine.pdbx_pd_number_of_points                 ? 
_refine.pdbx_pd_meas_number_of_points            ? 
_refine.pdbx_pd_proc_ls_prof_R_factor            ? 
_refine.pdbx_pd_proc_ls_prof_wR_factor           ? 
_refine.pdbx_pd_Marquardt_correlation_coeff      ? 
_refine.pdbx_pd_Fsqrd_R_factor                   ? 
_refine.pdbx_pd_ls_matrix_band_width             ? 
_refine.pdbx_overall_phase_error                 20.5330 
_refine.pdbx_overall_SU_R_free_Cruickshank_DPI   ? 
_refine.pdbx_overall_SU_R_free_Blow_DPI          ? 
_refine.pdbx_overall_SU_R_Blow_DPI               ? 
_refine.pdbx_TLS_residual_ADP_flag               ? 
_refine.pdbx_diffrn_id                           1 
_refine.overall_SU_B                             ? 
_refine.overall_SU_ML                            0.1426 
_refine.overall_SU_R_Cruickshank_DPI             ? 
_refine.overall_SU_R_free                        ? 
_refine.overall_FOM_free_R_set                   ? 
_refine.overall_FOM_work_R_set                   ? 
_refine.pdbx_average_fsc_overall                 ? 
_refine.pdbx_average_fsc_work                    ? 
_refine.pdbx_average_fsc_free                    ? 
# 
_refine_hist.pdbx_refine_id                   'X-RAY DIFFRACTION' 
_refine_hist.cycle_id                         LAST 
_refine_hist.details                          ? 
_refine_hist.d_res_high                       1.57 
_refine_hist.d_res_low                        47.15 
_refine_hist.number_atoms_solvent             144 
_refine_hist.number_atoms_total               1038 
_refine_hist.number_reflns_all                ? 
_refine_hist.number_reflns_obs                ? 
_refine_hist.number_reflns_R_free             ? 
_refine_hist.number_reflns_R_work             ? 
_refine_hist.R_factor_all                     ? 
_refine_hist.R_factor_obs                     ? 
_refine_hist.R_factor_R_free                  ? 
_refine_hist.R_factor_R_work                  ? 
_refine_hist.pdbx_number_residues_total       ? 
_refine_hist.pdbx_B_iso_mean_ligand           ? 
_refine_hist.pdbx_B_iso_mean_solvent          ? 
_refine_hist.pdbx_number_atoms_protein        894 
_refine_hist.pdbx_number_atoms_nucleic_acid   0 
_refine_hist.pdbx_number_atoms_ligand         0 
_refine_hist.pdbx_number_atoms_lipid          ? 
_refine_hist.pdbx_number_atoms_carb           ? 
_refine_hist.pdbx_pseudo_atom_details         ? 
# 
loop_
_refine_ls_restr.pdbx_refine_id 
_refine_ls_restr.criterion 
_refine_ls_restr.dev_ideal 
_refine_ls_restr.dev_ideal_target 
_refine_ls_restr.number 
_refine_ls_restr.rejects 
_refine_ls_restr.type 
_refine_ls_restr.weight 
_refine_ls_restr.pdbx_restraint_function 
'X-RAY DIFFRACTION' ? 0.0053  ? 906  ? f_bond_d           ? ? 
'X-RAY DIFFRACTION' ? 0.7074  ? 1231 ? f_angle_d          ? ? 
'X-RAY DIFFRACTION' ? 0.0556  ? 149  ? f_chiral_restr     ? ? 
'X-RAY DIFFRACTION' ? 0.0051  ? 158  ? f_plane_restr      ? ? 
'X-RAY DIFFRACTION' ? 12.9568 ? 335  ? f_dihedral_angle_d ? ? 
# 
loop_
_refine_ls_shell.pdbx_refine_id 
_refine_ls_shell.d_res_high 
_refine_ls_shell.d_res_low 
_refine_ls_shell.number_reflns_all 
_refine_ls_shell.number_reflns_obs 
_refine_ls_shell.number_reflns_R_free 
_refine_ls_shell.number_reflns_R_work 
_refine_ls_shell.percent_reflns_obs 
_refine_ls_shell.percent_reflns_R_free 
_refine_ls_shell.R_factor_all 
_refine_ls_shell.R_factor_obs 
_refine_ls_shell.R_factor_R_free_error 
_refine_ls_shell.R_factor_R_work 
_refine_ls_shell.redundancy_reflns_all 
_refine_ls_shell.redundancy_reflns_obs 
_refine_ls_shell.wR_factor_all 
_refine_ls_shell.wR_factor_obs 
_refine_ls_shell.wR_factor_R_free 
_refine_ls_shell.wR_factor_R_work 
_refine_ls_shell.pdbx_R_complete 
_refine_ls_shell.pdbx_total_number_of_bins_used 
_refine_ls_shell.pdbx_phase_error 
_refine_ls_shell.pdbx_fsc_work 
_refine_ls_shell.pdbx_fsc_free 
_refine_ls_shell.R_factor_R_free 
'X-RAY DIFFRACTION' 1.57 1.64  . . 79  716  51.56 . . . . 0.1795 . . . . . . . . . . . 0.2204 
'X-RAY DIFFRACTION' 1.64 1.71  . . 147 1300 95.07 . . . . 0.1805 . . . . . . . . . . . 0.2136 
'X-RAY DIFFRACTION' 1.71 1.80  . . 145 1360 98.11 . . . . 0.1949 . . . . . . . . . . . 0.2385 
'X-RAY DIFFRACTION' 1.80 1.91  . . 151 1366 98.19 . . . . 0.1972 . . . . . . . . . . . 0.2644 
'X-RAY DIFFRACTION' 1.91 2.06  . . 150 1351 98.49 . . . . 0.1825 . . . . . . . . . . . 0.2071 
'X-RAY DIFFRACTION' 2.06 2.27  . . 160 1393 98.98 . . . . 0.1845 . . . . . . . . . . . 0.2123 
'X-RAY DIFFRACTION' 2.27 2.60  . . 148 1376 98.07 . . . . 0.1793 . . . . . . . . . . . 0.1981 
'X-RAY DIFFRACTION' 2.60 3.27  . . 157 1384 98.47 . . . . 0.1773 . . . . . . . . . . . 0.2036 
'X-RAY DIFFRACTION' 3.28 47.15 . . 165 1472 99.51 . . . . 0.1622 . . . . . . . . . . . 0.1844 
# 
_struct.entry_id                     9BK1 
_struct.title                        'Crystal structure of Endoribonuclease L-PSP family protein PSPTO0102 Sulfur SAD phased' 
_struct.pdbx_model_details           ? 
_struct.pdbx_formula_weight          ? 
_struct.pdbx_formula_weight_method   ? 
_struct.pdbx_model_type_details      ? 
_struct.pdbx_CASP_flag               N 
# 
_struct_keywords.entry_id        9BK1 
_struct_keywords.text            'Sulfur SAD, Rid protein, Endoribonuclease L-PSP family protein, HYDROLASE' 
_struct_keywords.pdbx_keywords   HYDROLASE 
# 
loop_
_struct_asym.id 
_struct_asym.pdbx_blank_PDB_chainid_flag 
_struct_asym.pdbx_modified 
_struct_asym.entity_id 
_struct_asym.details 
A N N 1 ? 
B N N 2 ? 
# 
_struct_ref.id                         1 
_struct_ref.db_name                    UNP 
_struct_ref.db_code                    Q88BB5_PSESM 
_struct_ref.pdbx_db_accession          Q88BB5 
_struct_ref.pdbx_db_isoform            ? 
_struct_ref.entity_id                  1 
_struct_ref.pdbx_seq_one_letter_code   
;MSIQRQLTNERMSQVVVHNGTVYLAGQVGDDMTAGVEQQTREVLNSIERLLDLAGTDKTRILSVTIYLKDIDADFAGMNS
VWDKWLPKGFAPARATVEAKLCEPQILVELSVIAALP
;
_struct_ref.pdbx_align_begin           1 
# 
_struct_ref_seq.align_id                      1 
_struct_ref_seq.ref_id                        1 
_struct_ref_seq.pdbx_PDB_id_code              9BK1 
_struct_ref_seq.pdbx_strand_id                A 
_struct_ref_seq.seq_align_beg                 1 
_struct_ref_seq.pdbx_seq_align_beg_ins_code   ? 
_struct_ref_seq.seq_align_end                 117 
_struct_ref_seq.pdbx_seq_align_end_ins_code   ? 
_struct_ref_seq.pdbx_db_accession             Q88BB5 
_struct_ref_seq.db_align_beg                  1 
_struct_ref_seq.pdbx_db_align_beg_ins_code    ? 
_struct_ref_seq.db_align_end                  117 
_struct_ref_seq.pdbx_db_align_end_ins_code    ? 
_struct_ref_seq.pdbx_auth_seq_align_beg       1 
_struct_ref_seq.pdbx_auth_seq_align_end       117 
# 
_pdbx_struct_assembly.id                   1 
_pdbx_struct_assembly.details              author_and_software_defined_assembly 
_pdbx_struct_assembly.method_details       PISA 
_pdbx_struct_assembly.oligomeric_details   trimeric 
_pdbx_struct_assembly.oligomeric_count     3 
# 
loop_
_pdbx_struct_assembly_prop.biol_id 
_pdbx_struct_assembly_prop.type 
_pdbx_struct_assembly_prop.value 
_pdbx_struct_assembly_prop.details 
1 'ABSA (A^2)' 6260  ? 
1 MORE         -26   ? 
1 'SSA (A^2)'  13250 ? 
# 
_pdbx_struct_assembly_gen.assembly_id       1 
_pdbx_struct_assembly_gen.oper_expression   1,2,3 
_pdbx_struct_assembly_gen.asym_id_list      A,B 
# 
loop_
_pdbx_struct_oper_list.id 
_pdbx_struct_oper_list.type 
_pdbx_struct_oper_list.name 
_pdbx_struct_oper_list.symmetry_operation 
_pdbx_struct_oper_list.matrix[1][1] 
_pdbx_struct_oper_list.matrix[1][2] 
_pdbx_struct_oper_list.matrix[1][3] 
_pdbx_struct_oper_list.vector[1] 
_pdbx_struct_oper_list.matrix[2][1] 
_pdbx_struct_oper_list.matrix[2][2] 
_pdbx_struct_oper_list.matrix[2][3] 
_pdbx_struct_oper_list.vector[2] 
_pdbx_struct_oper_list.matrix[3][1] 
_pdbx_struct_oper_list.matrix[3][2] 
_pdbx_struct_oper_list.matrix[3][3] 
_pdbx_struct_oper_list.vector[3] 
1 'identity operation'         1_555  x,y,z             1.0000000000  0.0000000000  0.0000000000  0.0000000000  0.0000000000  1.0000000000 0.0000000000 0.0000000000  0.0000000000  0.0000000000 1.0000000000 0.0000000000   
2 'crystal symmetry operation' 6_456  z-1/2,-x+1/2,-y+1 -0.4035784964 -0.3259957991 0.8548983192  20.2360076917 0.8500431853  0.2120446500 0.4821448428 -5.6968313163 -0.3384538082 0.9212837811 0.1915338464 -1.7755305653  
3 'crystal symmetry operation' 12_565 -y+1/2,-z+1,x+1/2 -0.4035784964 0.8500431853  -0.3384538082 12.4084351149 -0.3259957991 0.2120446500 0.9212837811 9.4406036126  0.8548983192  0.4821448428 0.1915338464 -14.2129569254 
# 
loop_
_struct_conf.conf_type_id 
_struct_conf.id 
_struct_conf.pdbx_PDB_helix_id 
_struct_conf.beg_label_comp_id 
_struct_conf.beg_label_asym_id 
_struct_conf.beg_label_seq_id 
_struct_conf.pdbx_beg_PDB_ins_code 
_struct_conf.end_label_comp_id 
_struct_conf.end_label_asym_id 
_struct_conf.end_label_seq_id 
_struct_conf.pdbx_end_PDB_ins_code 
_struct_conf.beg_auth_comp_id 
_struct_conf.beg_auth_asym_id 
_struct_conf.beg_auth_seq_id 
_struct_conf.end_auth_comp_id 
_struct_conf.end_auth_asym_id 
_struct_conf.end_auth_seq_id 
_struct_conf.pdbx_PDB_helix_class 
_struct_conf.details 
_struct_conf.pdbx_PDB_helix_length 
HELX_P HELX_P1 AA1 GLY A 35 ? GLY A 55 ? GLY A 35 GLY A 55 1 ? 21 
HELX_P HELX_P2 AA2 ASP A 57 ? THR A 59 ? ASP A 57 THR A 59 5 ? 3  
HELX_P HELX_P3 AA3 ASP A 70 ? ASP A 83 ? ASP A 70 ASP A 83 1 ? 14 
# 
_struct_conf_type.id          HELX_P 
_struct_conf_type.criteria    ? 
_struct_conf_type.reference   ? 
# 
loop_
_struct_sheet.id 
_struct_sheet.type 
_struct_sheet.number_strands 
_struct_sheet.details 
AA1 ? 5 ? 
AA2 ? 6 ? 
# 
loop_
_struct_sheet_order.sheet_id 
_struct_sheet_order.range_id_1 
_struct_sheet_order.range_id_2 
_struct_sheet_order.offset 
_struct_sheet_order.sense 
AA1 1 2 ? anti-parallel 
AA1 2 3 ? anti-parallel 
AA1 3 4 ? anti-parallel 
AA1 4 5 ? anti-parallel 
AA2 1 2 ? anti-parallel 
AA2 2 3 ? anti-parallel 
AA2 3 4 ? anti-parallel 
AA2 4 5 ? anti-parallel 
AA2 5 6 ? parallel      
# 
loop_
_struct_sheet_range.sheet_id 
_struct_sheet_range.id 
_struct_sheet_range.beg_label_comp_id 
_struct_sheet_range.beg_label_asym_id 
_struct_sheet_range.beg_label_seq_id 
_struct_sheet_range.pdbx_beg_PDB_ins_code 
_struct_sheet_range.end_label_comp_id 
_struct_sheet_range.end_label_asym_id 
_struct_sheet_range.end_label_seq_id 
_struct_sheet_range.pdbx_end_PDB_ins_code 
_struct_sheet_range.beg_auth_comp_id 
_struct_sheet_range.beg_auth_asym_id 
_struct_sheet_range.beg_auth_seq_id 
_struct_sheet_range.end_auth_comp_id 
_struct_sheet_range.end_auth_asym_id 
_struct_sheet_range.end_auth_seq_id 
AA1 1 ILE A 3   ? THR A 8   ? ILE A 3   THR A 8   
AA1 2 SER A 13  ? HIS A 18  ? SER A 13  HIS A 18  
AA1 3 THR A 21  ? LEU A 24  ? THR A 21  LEU A 24  
AA1 4 VAL A 108 ? ALA A 115 ? VAL A 108 ALA A 115 
AA1 5 GLN A 27  ? VAL A 28  ? GLN A 27  VAL A 28  
AA2 1 ILE A 3   ? THR A 8   ? ILE A 3   THR A 8   
AA2 2 SER A 13  ? HIS A 18  ? SER A 13  HIS A 18  
AA2 3 THR A 21  ? LEU A 24  ? THR A 21  LEU A 24  
AA2 4 VAL A 108 ? ALA A 115 ? VAL A 108 ALA A 115 
AA2 5 ILE A 61  ? LEU A 68  ? ILE A 61  LEU A 68  
AA2 6 ALA A 93  ? GLU A 98  ? ALA A 93  GLU A 98  
# 
loop_
_pdbx_struct_sheet_hbond.sheet_id 
_pdbx_struct_sheet_hbond.range_id_1 
_pdbx_struct_sheet_hbond.range_id_2 
_pdbx_struct_sheet_hbond.range_1_label_atom_id 
_pdbx_struct_sheet_hbond.range_1_label_comp_id 
_pdbx_struct_sheet_hbond.range_1_label_asym_id 
_pdbx_struct_sheet_hbond.range_1_label_seq_id 
_pdbx_struct_sheet_hbond.range_1_PDB_ins_code 
_pdbx_struct_sheet_hbond.range_1_auth_atom_id 
_pdbx_struct_sheet_hbond.range_1_auth_comp_id 
_pdbx_struct_sheet_hbond.range_1_auth_asym_id 
_pdbx_struct_sheet_hbond.range_1_auth_seq_id 
_pdbx_struct_sheet_hbond.range_2_label_atom_id 
_pdbx_struct_sheet_hbond.range_2_label_comp_id 
_pdbx_struct_sheet_hbond.range_2_label_asym_id 
_pdbx_struct_sheet_hbond.range_2_label_seq_id 
_pdbx_struct_sheet_hbond.range_2_PDB_ins_code 
_pdbx_struct_sheet_hbond.range_2_auth_atom_id 
_pdbx_struct_sheet_hbond.range_2_auth_comp_id 
_pdbx_struct_sheet_hbond.range_2_auth_asym_id 
_pdbx_struct_sheet_hbond.range_2_auth_seq_id 
AA1 1 2 N GLN A 4   ? N GLN A 4   O VAL A 17  ? O VAL A 17  
AA1 2 3 N VAL A 16  ? N VAL A 16  O TYR A 23  ? O TYR A 23  
AA1 3 4 N VAL A 22  ? N VAL A 22  O ALA A 114 ? O ALA A 114 
AA1 4 5 O LEU A 110 ? O LEU A 110 N GLN A 27  ? N GLN A 27  
AA2 1 2 N GLN A 4   ? N GLN A 4   O VAL A 17  ? O VAL A 17  
AA2 2 3 N VAL A 16  ? N VAL A 16  O TYR A 23  ? O TYR A 23  
AA2 3 4 N VAL A 22  ? N VAL A 22  O ALA A 114 ? O ALA A 114 
AA2 4 5 O GLU A 109 ? O GLU A 109 N TYR A 67  ? N TYR A 67  
AA2 5 6 N ILE A 66  ? N ILE A 66  O ALA A 95  ? O ALA A 95  
# 
loop_
_pdbx_validate_close_contact.id 
_pdbx_validate_close_contact.PDB_model_num 
_pdbx_validate_close_contact.auth_atom_id_1 
_pdbx_validate_close_contact.auth_asym_id_1 
_pdbx_validate_close_contact.auth_comp_id_1 
_pdbx_validate_close_contact.auth_seq_id_1 
_pdbx_validate_close_contact.PDB_ins_code_1 
_pdbx_validate_close_contact.label_alt_id_1 
_pdbx_validate_close_contact.auth_atom_id_2 
_pdbx_validate_close_contact.auth_asym_id_2 
_pdbx_validate_close_contact.auth_comp_id_2 
_pdbx_validate_close_contact.auth_seq_id_2 
_pdbx_validate_close_contact.PDB_ins_code_2 
_pdbx_validate_close_contact.label_alt_id_2 
_pdbx_validate_close_contact.dist 
1  1 O   A HOH 205 ? ? O A HOH 272 ? ? 1.91 
2  1 O   A HOH 310 ? ? O A HOH 320 ? ? 1.92 
3  1 O   A HOH 296 ? ? O A HOH 324 ? ? 1.98 
4  1 O   A HOH 252 ? ? O A HOH 324 ? ? 2.00 
5  1 O   A HOH 210 ? ? O A HOH 324 ? ? 2.01 
6  1 O   A HOH 205 ? ? O A HOH 291 ? ? 2.03 
7  1 O   A HOH 304 ? ? O A HOH 314 ? ? 2.06 
8  1 NE2 A GLN 4   ? ? O A HOH 201 ? ? 2.06 
9  1 O   A HOH 251 ? ? O A HOH 298 ? ? 2.13 
10 1 O   A HOH 242 ? ? O A HOH 296 ? ? 2.14 
11 1 O   A HOH 301 ? ? O A HOH 341 ? ? 2.14 
12 1 O   A HOH 285 ? ? O A HOH 302 ? ? 2.19 
# 
loop_
_pdbx_validate_symm_contact.id 
_pdbx_validate_symm_contact.PDB_model_num 
_pdbx_validate_symm_contact.auth_atom_id_1 
_pdbx_validate_symm_contact.auth_asym_id_1 
_pdbx_validate_symm_contact.auth_comp_id_1 
_pdbx_validate_symm_contact.auth_seq_id_1 
_pdbx_validate_symm_contact.PDB_ins_code_1 
_pdbx_validate_symm_contact.label_alt_id_1 
_pdbx_validate_symm_contact.site_symmetry_1 
_pdbx_validate_symm_contact.auth_atom_id_2 
_pdbx_validate_symm_contact.auth_asym_id_2 
_pdbx_validate_symm_contact.auth_comp_id_2 
_pdbx_validate_symm_contact.auth_seq_id_2 
_pdbx_validate_symm_contact.PDB_ins_code_2 
_pdbx_validate_symm_contact.label_alt_id_2 
_pdbx_validate_symm_contact.site_symmetry_2 
_pdbx_validate_symm_contact.dist 
1 1 O A HOH 320 ? ? 1_555 O A HOH 323 ? ? 5_555 1.76 
2 1 O A HOH 284 ? ? 1_555 O A HOH 311 ? ? 6_456 1.78 
3 1 O A HOH 283 ? ? 1_555 O A HOH 324 ? ? 9_555 1.95 
4 1 O A HOH 275 ? ? 1_555 O A HOH 324 ? ? 9_555 2.03 
5 1 O A HOH 311 ? ? 1_555 O A HOH 311 ? ? 6_456 2.12 
# 
loop_
_pdbx_struct_special_symmetry.id 
_pdbx_struct_special_symmetry.PDB_model_num 
_pdbx_struct_special_symmetry.auth_asym_id 
_pdbx_struct_special_symmetry.auth_comp_id 
_pdbx_struct_special_symmetry.auth_seq_id 
_pdbx_struct_special_symmetry.PDB_ins_code 
_pdbx_struct_special_symmetry.label_asym_id 
_pdbx_struct_special_symmetry.label_comp_id 
_pdbx_struct_special_symmetry.label_seq_id 
1 1 A HOH 229 ? B HOH . 
2 1 A HOH 266 ? B HOH . 
3 1 A HOH 274 ? B HOH . 
4 1 A HOH 328 ? B HOH . 
5 1 A HOH 330 ? B HOH . 
6 1 A HOH 340 ? B HOH . 
7 1 A HOH 344 ? B HOH . 
# 
_pdbx_distant_solvent_atoms.id                                1 
_pdbx_distant_solvent_atoms.PDB_model_num                     1 
_pdbx_distant_solvent_atoms.auth_atom_id                      O 
_pdbx_distant_solvent_atoms.label_alt_id                      ? 
_pdbx_distant_solvent_atoms.auth_asym_id                      A 
_pdbx_distant_solvent_atoms.auth_comp_id                      HOH 
_pdbx_distant_solvent_atoms.auth_seq_id                       344 
_pdbx_distant_solvent_atoms.PDB_ins_code                      ? 
_pdbx_distant_solvent_atoms.neighbor_macromolecule_distance   6.11 
_pdbx_distant_solvent_atoms.neighbor_ligand_distance          . 
# 
_pdbx_unobs_or_zero_occ_residues.id               1 
_pdbx_unobs_or_zero_occ_residues.PDB_model_num    1 
_pdbx_unobs_or_zero_occ_residues.polymer_flag     Y 
_pdbx_unobs_or_zero_occ_residues.occupancy_flag   1 
_pdbx_unobs_or_zero_occ_residues.auth_asym_id     A 
_pdbx_unobs_or_zero_occ_residues.auth_comp_id     MET 
_pdbx_unobs_or_zero_occ_residues.auth_seq_id      1 
_pdbx_unobs_or_zero_occ_residues.PDB_ins_code     ? 
_pdbx_unobs_or_zero_occ_residues.label_asym_id    A 
_pdbx_unobs_or_zero_occ_residues.label_comp_id    MET 
_pdbx_unobs_or_zero_occ_residues.label_seq_id     1 
# 
loop_
_chem_comp_atom.comp_id 
_chem_comp_atom.atom_id 
_chem_comp_atom.type_symbol 
_chem_comp_atom.pdbx_aromatic_flag 
_chem_comp_atom.pdbx_stereo_config 
_chem_comp_atom.pdbx_ordinal 
ALA N    N N N 1   
ALA CA   C N S 2   
ALA C    C N N 3   
ALA O    O N N 4   
ALA CB   C N N 5   
ALA OXT  O N N 6   
ALA H    H N N 7   
ALA H2   H N N 8   
ALA HA   H N N 9   
ALA HB1  H N N 10  
ALA HB2  H N N 11  
ALA HB3  H N N 12  
ALA HXT  H N N 13  
ARG N    N N N 14  
ARG CA   C N S 15  
ARG C    C N N 16  
ARG O    O N N 17  
ARG CB   C N N 18  
ARG CG   C N N 19  
ARG CD   C N N 20  
ARG NE   N N N 21  
ARG CZ   C N N 22  
ARG NH1  N N N 23  
ARG NH2  N N N 24  
ARG OXT  O N N 25  
ARG H    H N N 26  
ARG H2   H N N 27  
ARG HA   H N N 28  
ARG HB2  H N N 29  
ARG HB3  H N N 30  
ARG HG2  H N N 31  
ARG HG3  H N N 32  
ARG HD2  H N N 33  
ARG HD3  H N N 34  
ARG HE   H N N 35  
ARG HH11 H N N 36  
ARG HH12 H N N 37  
ARG HH21 H N N 38  
ARG HH22 H N N 39  
ARG HXT  H N N 40  
ASN N    N N N 41  
ASN CA   C N S 42  
ASN C    C N N 43  
ASN O    O N N 44  
ASN CB   C N N 45  
ASN CG   C N N 46  
ASN OD1  O N N 47  
ASN ND2  N N N 48  
ASN OXT  O N N 49  
ASN H    H N N 50  
ASN H2   H N N 51  
ASN HA   H N N 52  
ASN HB2  H N N 53  
ASN HB3  H N N 54  
ASN HD21 H N N 55  
ASN HD22 H N N 56  
ASN HXT  H N N 57  
ASP N    N N N 58  
ASP CA   C N S 59  
ASP C    C N N 60  
ASP O    O N N 61  
ASP CB   C N N 62  
ASP CG   C N N 63  
ASP OD1  O N N 64  
ASP OD2  O N N 65  
ASP OXT  O N N 66  
ASP H    H N N 67  
ASP H2   H N N 68  
ASP HA   H N N 69  
ASP HB2  H N N 70  
ASP HB3  H N N 71  
ASP HD2  H N N 72  
ASP HXT  H N N 73  
CYS N    N N N 74  
CYS CA   C N R 75  
CYS C    C N N 76  
CYS O    O N N 77  
CYS CB   C N N 78  
CYS SG   S N N 79  
CYS OXT  O N N 80  
CYS H    H N N 81  
CYS H2   H N N 82  
CYS HA   H N N 83  
CYS HB2  H N N 84  
CYS HB3  H N N 85  
CYS HG   H N N 86  
CYS HXT  H N N 87  
GLN N    N N N 88  
GLN CA   C N S 89  
GLN C    C N N 90  
GLN O    O N N 91  
GLN CB   C N N 92  
GLN CG   C N N 93  
GLN CD   C N N 94  
GLN OE1  O N N 95  
GLN NE2  N N N 96  
GLN OXT  O N N 97  
GLN H    H N N 98  
GLN H2   H N N 99  
GLN HA   H N N 100 
GLN HB2  H N N 101 
GLN HB3  H N N 102 
GLN HG2  H N N 103 
GLN HG3  H N N 104 
GLN HE21 H N N 105 
GLN HE22 H N N 106 
GLN HXT  H N N 107 
GLU N    N N N 108 
GLU CA   C N S 109 
GLU C    C N N 110 
GLU O    O N N 111 
GLU CB   C N N 112 
GLU CG   C N N 113 
GLU CD   C N N 114 
GLU OE1  O N N 115 
GLU OE2  O N N 116 
GLU OXT  O N N 117 
GLU H    H N N 118 
GLU H2   H N N 119 
GLU HA   H N N 120 
GLU HB2  H N N 121 
GLU HB3  H N N 122 
GLU HG2  H N N 123 
GLU HG3  H N N 124 
GLU HE2  H N N 125 
GLU HXT  H N N 126 
GLY N    N N N 127 
GLY CA   C N N 128 
GLY C    C N N 129 
GLY O    O N N 130 
GLY OXT  O N N 131 
GLY H    H N N 132 
GLY H2   H N N 133 
GLY HA2  H N N 134 
GLY HA3  H N N 135 
GLY HXT  H N N 136 
HIS N    N N N 137 
HIS CA   C N S 138 
HIS C    C N N 139 
HIS O    O N N 140 
HIS CB   C N N 141 
HIS CG   C Y N 142 
HIS ND1  N Y N 143 
HIS CD2  C Y N 144 
HIS CE1  C Y N 145 
HIS NE2  N Y N 146 
HIS OXT  O N N 147 
HIS H    H N N 148 
HIS H2   H N N 149 
HIS HA   H N N 150 
HIS HB2  H N N 151 
HIS HB3  H N N 152 
HIS HD1  H N N 153 
HIS HD2  H N N 154 
HIS HE1  H N N 155 
HIS HE2  H N N 156 
HIS HXT  H N N 157 
HOH O    O N N 158 
HOH H1   H N N 159 
HOH H2   H N N 160 
ILE N    N N N 161 
ILE CA   C N S 162 
ILE C    C N N 163 
ILE O    O N N 164 
ILE CB   C N S 165 
ILE CG1  C N N 166 
ILE CG2  C N N 167 
ILE CD1  C N N 168 
ILE OXT  O N N 169 
ILE H    H N N 170 
ILE H2   H N N 171 
ILE HA   H N N 172 
ILE HB   H N N 173 
ILE HG12 H N N 174 
ILE HG13 H N N 175 
ILE HG21 H N N 176 
ILE HG22 H N N 177 
ILE HG23 H N N 178 
ILE HD11 H N N 179 
ILE HD12 H N N 180 
ILE HD13 H N N 181 
ILE HXT  H N N 182 
LEU N    N N N 183 
LEU CA   C N S 184 
LEU C    C N N 185 
LEU O    O N N 186 
LEU CB   C N N 187 
LEU CG   C N N 188 
LEU CD1  C N N 189 
LEU CD2  C N N 190 
LEU OXT  O N N 191 
LEU H    H N N 192 
LEU H2   H N N 193 
LEU HA   H N N 194 
LEU HB2  H N N 195 
LEU HB3  H N N 196 
LEU HG   H N N 197 
LEU HD11 H N N 198 
LEU HD12 H N N 199 
LEU HD13 H N N 200 
LEU HD21 H N N 201 
LEU HD22 H N N 202 
LEU HD23 H N N 203 
LEU HXT  H N N 204 
LYS N    N N N 205 
LYS CA   C N S 206 
LYS C    C N N 207 
LYS O    O N N 208 
LYS CB   C N N 209 
LYS CG   C N N 210 
LYS CD   C N N 211 
LYS CE   C N N 212 
LYS NZ   N N N 213 
LYS OXT  O N N 214 
LYS H    H N N 215 
LYS H2   H N N 216 
LYS HA   H N N 217 
LYS HB2  H N N 218 
LYS HB3  H N N 219 
LYS HG2  H N N 220 
LYS HG3  H N N 221 
LYS HD2  H N N 222 
LYS HD3  H N N 223 
LYS HE2  H N N 224 
LYS HE3  H N N 225 
LYS HZ1  H N N 226 
LYS HZ2  H N N 227 
LYS HZ3  H N N 228 
LYS HXT  H N N 229 
MET N    N N N 230 
MET CA   C N S 231 
MET C    C N N 232 
MET O    O N N 233 
MET CB   C N N 234 
MET CG   C N N 235 
MET SD   S N N 236 
MET CE   C N N 237 
MET OXT  O N N 238 
MET H    H N N 239 
MET H2   H N N 240 
MET HA   H N N 241 
MET HB2  H N N 242 
MET HB3  H N N 243 
MET HG2  H N N 244 
MET HG3  H N N 245 
MET HE1  H N N 246 
MET HE2  H N N 247 
MET HE3  H N N 248 
MET HXT  H N N 249 
PHE N    N N N 250 
PHE CA   C N S 251 
PHE C    C N N 252 
PHE O    O N N 253 
PHE CB   C N N 254 
PHE CG   C Y N 255 
PHE CD1  C Y N 256 
PHE CD2  C Y N 257 
PHE CE1  C Y N 258 
PHE CE2  C Y N 259 
PHE CZ   C Y N 260 
PHE OXT  O N N 261 
PHE H    H N N 262 
PHE H2   H N N 263 
PHE HA   H N N 264 
PHE HB2  H N N 265 
PHE HB3  H N N 266 
PHE HD1  H N N 267 
PHE HD2  H N N 268 
PHE HE1  H N N 269 
PHE HE2  H N N 270 
PHE HZ   H N N 271 
PHE HXT  H N N 272 
PRO N    N N N 273 
PRO CA   C N S 274 
PRO C    C N N 275 
PRO O    O N N 276 
PRO CB   C N N 277 
PRO CG   C N N 278 
PRO CD   C N N 279 
PRO OXT  O N N 280 
PRO H    H N N 281 
PRO HA   H N N 282 
PRO HB2  H N N 283 
PRO HB3  H N N 284 
PRO HG2  H N N 285 
PRO HG3  H N N 286 
PRO HD2  H N N 287 
PRO HD3  H N N 288 
PRO HXT  H N N 289 
SER N    N N N 290 
SER CA   C N S 291 
SER C    C N N 292 
SER O    O N N 293 
SER CB   C N N 294 
SER OG   O N N 295 
SER OXT  O N N 296 
SER H    H N N 297 
SER H2   H N N 298 
SER HA   H N N 299 
SER HB2  H N N 300 
SER HB3  H N N 301 
SER HG   H N N 302 
SER HXT  H N N 303 
THR N    N N N 304 
THR CA   C N S 305 
THR C    C N N 306 
THR O    O N N 307 
THR CB   C N R 308 
THR OG1  O N N 309 
THR CG2  C N N 310 
THR OXT  O N N 311 
THR H    H N N 312 
THR H2   H N N 313 
THR HA   H N N 314 
THR HB   H N N 315 
THR HG1  H N N 316 
THR HG21 H N N 317 
THR HG22 H N N 318 
THR HG23 H N N 319 
THR HXT  H N N 320 
TRP N    N N N 321 
TRP CA   C N S 322 
TRP C    C N N 323 
TRP O    O N N 324 
TRP CB   C N N 325 
TRP CG   C Y N 326 
TRP CD1  C Y N 327 
TRP CD2  C Y N 328 
TRP NE1  N Y N 329 
TRP CE2  C Y N 330 
TRP CE3  C Y N 331 
TRP CZ2  C Y N 332 
TRP CZ3  C Y N 333 
TRP CH2  C Y N 334 
TRP OXT  O N N 335 
TRP H    H N N 336 
TRP H2   H N N 337 
TRP HA   H N N 338 
TRP HB2  H N N 339 
TRP HB3  H N N 340 
TRP HD1  H N N 341 
TRP HE1  H N N 342 
TRP HE3  H N N 343 
TRP HZ2  H N N 344 
TRP HZ3  H N N 345 
TRP HH2  H N N 346 
TRP HXT  H N N 347 
TYR N    N N N 348 
TYR CA   C N S 349 
TYR C    C N N 350 
TYR O    O N N 351 
TYR CB   C N N 352 
TYR CG   C Y N 353 
TYR CD1  C Y N 354 
TYR CD2  C Y N 355 
TYR CE1  C Y N 356 
TYR CE2  C Y N 357 
TYR CZ   C Y N 358 
TYR OH   O N N 359 
TYR OXT  O N N 360 
TYR H    H N N 361 
TYR H2   H N N 362 
TYR HA   H N N 363 
TYR HB2  H N N 364 
TYR HB3  H N N 365 
TYR HD1  H N N 366 
TYR HD2  H N N 367 
TYR HE1  H N N 368 
TYR HE2  H N N 369 
TYR HH   H N N 370 
TYR HXT  H N N 371 
VAL N    N N N 372 
VAL CA   C N S 373 
VAL C    C N N 374 
VAL O    O N N 375 
VAL CB   C N N 376 
VAL CG1  C N N 377 
VAL CG2  C N N 378 
VAL OXT  O N N 379 
VAL H    H N N 380 
VAL H2   H N N 381 
VAL HA   H N N 382 
VAL HB   H N N 383 
VAL HG11 H N N 384 
VAL HG12 H N N 385 
VAL HG13 H N N 386 
VAL HG21 H N N 387 
VAL HG22 H N N 388 
VAL HG23 H N N 389 
VAL HXT  H N N 390 
# 
loop_
_chem_comp_bond.comp_id 
_chem_comp_bond.atom_id_1 
_chem_comp_bond.atom_id_2 
_chem_comp_bond.value_order 
_chem_comp_bond.pdbx_aromatic_flag 
_chem_comp_bond.pdbx_stereo_config 
_chem_comp_bond.pdbx_ordinal 
ALA N   CA   sing N N 1   
ALA N   H    sing N N 2   
ALA N   H2   sing N N 3   
ALA CA  C    sing N N 4   
ALA CA  CB   sing N N 5   
ALA CA  HA   sing N N 6   
ALA C   O    doub N N 7   
ALA C   OXT  sing N N 8   
ALA CB  HB1  sing N N 9   
ALA CB  HB2  sing N N 10  
ALA CB  HB3  sing N N 11  
ALA OXT HXT  sing N N 12  
ARG N   CA   sing N N 13  
ARG N   H    sing N N 14  
ARG N   H2   sing N N 15  
ARG CA  C    sing N N 16  
ARG CA  CB   sing N N 17  
ARG CA  HA   sing N N 18  
ARG C   O    doub N N 19  
ARG C   OXT  sing N N 20  
ARG CB  CG   sing N N 21  
ARG CB  HB2  sing N N 22  
ARG CB  HB3  sing N N 23  
ARG CG  CD   sing N N 24  
ARG CG  HG2  sing N N 25  
ARG CG  HG3  sing N N 26  
ARG CD  NE   sing N N 27  
ARG CD  HD2  sing N N 28  
ARG CD  HD3  sing N N 29  
ARG NE  CZ   sing N N 30  
ARG NE  HE   sing N N 31  
ARG CZ  NH1  sing N N 32  
ARG CZ  NH2  doub N N 33  
ARG NH1 HH11 sing N N 34  
ARG NH1 HH12 sing N N 35  
ARG NH2 HH21 sing N N 36  
ARG NH2 HH22 sing N N 37  
ARG OXT HXT  sing N N 38  
ASN N   CA   sing N N 39  
ASN N   H    sing N N 40  
ASN N   H2   sing N N 41  
ASN CA  C    sing N N 42  
ASN CA  CB   sing N N 43  
ASN CA  HA   sing N N 44  
ASN C   O    doub N N 45  
ASN C   OXT  sing N N 46  
ASN CB  CG   sing N N 47  
ASN CB  HB2  sing N N 48  
ASN CB  HB3  sing N N 49  
ASN CG  OD1  doub N N 50  
ASN CG  ND2  sing N N 51  
ASN ND2 HD21 sing N N 52  
ASN ND2 HD22 sing N N 53  
ASN OXT HXT  sing N N 54  
ASP N   CA   sing N N 55  
ASP N   H    sing N N 56  
ASP N   H2   sing N N 57  
ASP CA  C    sing N N 58  
ASP CA  CB   sing N N 59  
ASP CA  HA   sing N N 60  
ASP C   O    doub N N 61  
ASP C   OXT  sing N N 62  
ASP CB  CG   sing N N 63  
ASP CB  HB2  sing N N 64  
ASP CB  HB3  sing N N 65  
ASP CG  OD1  doub N N 66  
ASP CG  OD2  sing N N 67  
ASP OD2 HD2  sing N N 68  
ASP OXT HXT  sing N N 69  
CYS N   CA   sing N N 70  
CYS N   H    sing N N 71  
CYS N   H2   sing N N 72  
CYS CA  C    sing N N 73  
CYS CA  CB   sing N N 74  
CYS CA  HA   sing N N 75  
CYS C   O    doub N N 76  
CYS C   OXT  sing N N 77  
CYS CB  SG   sing N N 78  
CYS CB  HB2  sing N N 79  
CYS CB  HB3  sing N N 80  
CYS SG  HG   sing N N 81  
CYS OXT HXT  sing N N 82  
GLN N   CA   sing N N 83  
GLN N   H    sing N N 84  
GLN N   H2   sing N N 85  
GLN CA  C    sing N N 86  
GLN CA  CB   sing N N 87  
GLN CA  HA   sing N N 88  
GLN C   O    doub N N 89  
GLN C   OXT  sing N N 90  
GLN CB  CG   sing N N 91  
GLN CB  HB2  sing N N 92  
GLN CB  HB3  sing N N 93  
GLN CG  CD   sing N N 94  
GLN CG  HG2  sing N N 95  
GLN CG  HG3  sing N N 96  
GLN CD  OE1  doub N N 97  
GLN CD  NE2  sing N N 98  
GLN NE2 HE21 sing N N 99  
GLN NE2 HE22 sing N N 100 
GLN OXT HXT  sing N N 101 
GLU N   CA   sing N N 102 
GLU N   H    sing N N 103 
GLU N   H2   sing N N 104 
GLU CA  C    sing N N 105 
GLU CA  CB   sing N N 106 
GLU CA  HA   sing N N 107 
GLU C   O    doub N N 108 
GLU C   OXT  sing N N 109 
GLU CB  CG   sing N N 110 
GLU CB  HB2  sing N N 111 
GLU CB  HB3  sing N N 112 
GLU CG  CD   sing N N 113 
GLU CG  HG2  sing N N 114 
GLU CG  HG3  sing N N 115 
GLU CD  OE1  doub N N 116 
GLU CD  OE2  sing N N 117 
GLU OE2 HE2  sing N N 118 
GLU OXT HXT  sing N N 119 
GLY N   CA   sing N N 120 
GLY N   H    sing N N 121 
GLY N   H2   sing N N 122 
GLY CA  C    sing N N 123 
GLY CA  HA2  sing N N 124 
GLY CA  HA3  sing N N 125 
GLY C   O    doub N N 126 
GLY C   OXT  sing N N 127 
GLY OXT HXT  sing N N 128 
HIS N   CA   sing N N 129 
HIS N   H    sing N N 130 
HIS N   H2   sing N N 131 
HIS CA  C    sing N N 132 
HIS CA  CB   sing N N 133 
HIS CA  HA   sing N N 134 
HIS C   O    doub N N 135 
HIS C   OXT  sing N N 136 
HIS CB  CG   sing N N 137 
HIS CB  HB2  sing N N 138 
HIS CB  HB3  sing N N 139 
HIS CG  ND1  sing Y N 140 
HIS CG  CD2  doub Y N 141 
HIS ND1 CE1  doub Y N 142 
HIS ND1 HD1  sing N N 143 
HIS CD2 NE2  sing Y N 144 
HIS CD2 HD2  sing N N 145 
HIS CE1 NE2  sing Y N 146 
HIS CE1 HE1  sing N N 147 
HIS NE2 HE2  sing N N 148 
HIS OXT HXT  sing N N 149 
HOH O   H1   sing N N 150 
HOH O   H2   sing N N 151 
ILE N   CA   sing N N 152 
ILE N   H    sing N N 153 
ILE N   H2   sing N N 154 
ILE CA  C    sing N N 155 
ILE CA  CB   sing N N 156 
ILE CA  HA   sing N N 157 
ILE C   O    doub N N 158 
ILE C   OXT  sing N N 159 
ILE CB  CG1  sing N N 160 
ILE CB  CG2  sing N N 161 
ILE CB  HB   sing N N 162 
ILE CG1 CD1  sing N N 163 
ILE CG1 HG12 sing N N 164 
ILE CG1 HG13 sing N N 165 
ILE CG2 HG21 sing N N 166 
ILE CG2 HG22 sing N N 167 
ILE CG2 HG23 sing N N 168 
ILE CD1 HD11 sing N N 169 
ILE CD1 HD12 sing N N 170 
ILE CD1 HD13 sing N N 171 
ILE OXT HXT  sing N N 172 
LEU N   CA   sing N N 173 
LEU N   H    sing N N 174 
LEU N   H2   sing N N 175 
LEU CA  C    sing N N 176 
LEU CA  CB   sing N N 177 
LEU CA  HA   sing N N 178 
LEU C   O    doub N N 179 
LEU C   OXT  sing N N 180 
LEU CB  CG   sing N N 181 
LEU CB  HB2  sing N N 182 
LEU CB  HB3  sing N N 183 
LEU CG  CD1  sing N N 184 
LEU CG  CD2  sing N N 185 
LEU CG  HG   sing N N 186 
LEU CD1 HD11 sing N N 187 
LEU CD1 HD12 sing N N 188 
LEU CD1 HD13 sing N N 189 
LEU CD2 HD21 sing N N 190 
LEU CD2 HD22 sing N N 191 
LEU CD2 HD23 sing N N 192 
LEU OXT HXT  sing N N 193 
LYS N   CA   sing N N 194 
LYS N   H    sing N N 195 
LYS N   H2   sing N N 196 
LYS CA  C    sing N N 197 
LYS CA  CB   sing N N 198 
LYS CA  HA   sing N N 199 
LYS C   O    doub N N 200 
LYS C   OXT  sing N N 201 
LYS CB  CG   sing N N 202 
LYS CB  HB2  sing N N 203 
LYS CB  HB3  sing N N 204 
LYS CG  CD   sing N N 205 
LYS CG  HG2  sing N N 206 
LYS CG  HG3  sing N N 207 
LYS CD  CE   sing N N 208 
LYS CD  HD2  sing N N 209 
LYS CD  HD3  sing N N 210 
LYS CE  NZ   sing N N 211 
LYS CE  HE2  sing N N 212 
LYS CE  HE3  sing N N 213 
LYS NZ  HZ1  sing N N 214 
LYS NZ  HZ2  sing N N 215 
LYS NZ  HZ3  sing N N 216 
LYS OXT HXT  sing N N 217 
MET N   CA   sing N N 218 
MET N   H    sing N N 219 
MET N   H2   sing N N 220 
MET CA  C    sing N N 221 
MET CA  CB   sing N N 222 
MET CA  HA   sing N N 223 
MET C   O    doub N N 224 
MET C   OXT  sing N N 225 
MET CB  CG   sing N N 226 
MET CB  HB2  sing N N 227 
MET CB  HB3  sing N N 228 
MET CG  SD   sing N N 229 
MET CG  HG2  sing N N 230 
MET CG  HG3  sing N N 231 
MET SD  CE   sing N N 232 
MET CE  HE1  sing N N 233 
MET CE  HE2  sing N N 234 
MET CE  HE3  sing N N 235 
MET OXT HXT  sing N N 236 
PHE N   CA   sing N N 237 
PHE N   H    sing N N 238 
PHE N   H2   sing N N 239 
PHE CA  C    sing N N 240 
PHE CA  CB   sing N N 241 
PHE CA  HA   sing N N 242 
PHE C   O    doub N N 243 
PHE C   OXT  sing N N 244 
PHE CB  CG   sing N N 245 
PHE CB  HB2  sing N N 246 
PHE CB  HB3  sing N N 247 
PHE CG  CD1  doub Y N 248 
PHE CG  CD2  sing Y N 249 
PHE CD1 CE1  sing Y N 250 
PHE CD1 HD1  sing N N 251 
PHE CD2 CE2  doub Y N 252 
PHE CD2 HD2  sing N N 253 
PHE CE1 CZ   doub Y N 254 
PHE CE1 HE1  sing N N 255 
PHE CE2 CZ   sing Y N 256 
PHE CE2 HE2  sing N N 257 
PHE CZ  HZ   sing N N 258 
PHE OXT HXT  sing N N 259 
PRO N   CA   sing N N 260 
PRO N   CD   sing N N 261 
PRO N   H    sing N N 262 
PRO CA  C    sing N N 263 
PRO CA  CB   sing N N 264 
PRO CA  HA   sing N N 265 
PRO C   O    doub N N 266 
PRO C   OXT  sing N N 267 
PRO CB  CG   sing N N 268 
PRO CB  HB2  sing N N 269 
PRO CB  HB3  sing N N 270 
PRO CG  CD   sing N N 271 
PRO CG  HG2  sing N N 272 
PRO CG  HG3  sing N N 273 
PRO CD  HD2  sing N N 274 
PRO CD  HD3  sing N N 275 
PRO OXT HXT  sing N N 276 
SER N   CA   sing N N 277 
SER N   H    sing N N 278 
SER N   H2   sing N N 279 
SER CA  C    sing N N 280 
SER CA  CB   sing N N 281 
SER CA  HA   sing N N 282 
SER C   O    doub N N 283 
SER C   OXT  sing N N 284 
SER CB  OG   sing N N 285 
SER CB  HB2  sing N N 286 
SER CB  HB3  sing N N 287 
SER OG  HG   sing N N 288 
SER OXT HXT  sing N N 289 
THR N   CA   sing N N 290 
THR N   H    sing N N 291 
THR N   H2   sing N N 292 
THR CA  C    sing N N 293 
THR CA  CB   sing N N 294 
THR CA  HA   sing N N 295 
THR C   O    doub N N 296 
THR C   OXT  sing N N 297 
THR CB  OG1  sing N N 298 
THR CB  CG2  sing N N 299 
THR CB  HB   sing N N 300 
THR OG1 HG1  sing N N 301 
THR CG2 HG21 sing N N 302 
THR CG2 HG22 sing N N 303 
THR CG2 HG23 sing N N 304 
THR OXT HXT  sing N N 305 
TRP N   CA   sing N N 306 
TRP N   H    sing N N 307 
TRP N   H2   sing N N 308 
TRP CA  C    sing N N 309 
TRP CA  CB   sing N N 310 
TRP CA  HA   sing N N 311 
TRP C   O    doub N N 312 
TRP C   OXT  sing N N 313 
TRP CB  CG   sing N N 314 
TRP CB  HB2  sing N N 315 
TRP CB  HB3  sing N N 316 
TRP CG  CD1  doub Y N 317 
TRP CG  CD2  sing Y N 318 
TRP CD1 NE1  sing Y N 319 
TRP CD1 HD1  sing N N 320 
TRP CD2 CE2  doub Y N 321 
TRP CD2 CE3  sing Y N 322 
TRP NE1 CE2  sing Y N 323 
TRP NE1 HE1  sing N N 324 
TRP CE2 CZ2  sing Y N 325 
TRP CE3 CZ3  doub Y N 326 
TRP CE3 HE3  sing N N 327 
TRP CZ2 CH2  doub Y N 328 
TRP CZ2 HZ2  sing N N 329 
TRP CZ3 CH2  sing Y N 330 
TRP CZ3 HZ3  sing N N 331 
TRP CH2 HH2  sing N N 332 
TRP OXT HXT  sing N N 333 
TYR N   CA   sing N N 334 
TYR N   H    sing N N 335 
TYR N   H2   sing N N 336 
TYR CA  C    sing N N 337 
TYR CA  CB   sing N N 338 
TYR CA  HA   sing N N 339 
TYR C   O    doub N N 340 
TYR C   OXT  sing N N 341 
TYR CB  CG   sing N N 342 
TYR CB  HB2  sing N N 343 
TYR CB  HB3  sing N N 344 
TYR CG  CD1  doub Y N 345 
TYR CG  CD2  sing Y N 346 
TYR CD1 CE1  sing Y N 347 
TYR CD1 HD1  sing N N 348 
TYR CD2 CE2  doub Y N 349 
TYR CD2 HD2  sing N N 350 
TYR CE1 CZ   doub Y N 351 
TYR CE1 HE1  sing N N 352 
TYR CE2 CZ   sing Y N 353 
TYR CE2 HE2  sing N N 354 
TYR CZ  OH   sing N N 355 
TYR OH  HH   sing N N 356 
TYR OXT HXT  sing N N 357 
VAL N   CA   sing N N 358 
VAL N   H    sing N N 359 
VAL N   H2   sing N N 360 
VAL CA  C    sing N N 361 
VAL CA  CB   sing N N 362 
VAL CA  HA   sing N N 363 
VAL C   O    doub N N 364 
VAL C   OXT  sing N N 365 
VAL CB  CG1  sing N N 366 
VAL CB  CG2  sing N N 367 
VAL CB  HB   sing N N 368 
VAL CG1 HG11 sing N N 369 
VAL CG1 HG12 sing N N 370 
VAL CG1 HG13 sing N N 371 
VAL CG2 HG21 sing N N 372 
VAL CG2 HG22 sing N N 373 
VAL CG2 HG23 sing N N 374 
VAL OXT HXT  sing N N 375 
# 
_pdbx_audit_support.funding_organization   'Not funded' 
_pdbx_audit_support.country                ? 
_pdbx_audit_support.grant_number           ? 
_pdbx_audit_support.ordinal                1 
# 
_atom_sites.entry_id                    9BK1 
_atom_sites.Cartn_transf_matrix[1][1]   ? 
_atom_sites.Cartn_transf_matrix[1][2]   ? 
_atom_sites.Cartn_transf_matrix[1][3]   ? 
_atom_sites.Cartn_transf_matrix[2][1]   ? 
_atom_sites.Cartn_transf_matrix[2][2]   ? 
_atom_sites.Cartn_transf_matrix[2][3]   ? 
_atom_sites.Cartn_transf_matrix[3][1]   ? 
_atom_sites.Cartn_transf_matrix[3][2]   ? 
_atom_sites.Cartn_transf_matrix[3][3]   ? 
_atom_sites.Cartn_transf_vector[1]      ? 
_atom_sites.Cartn_transf_vector[2]      ? 
_atom_sites.Cartn_transf_vector[3]      ? 
_atom_sites.Cartn_transform_axes        ? 
_atom_sites.fract_transf_matrix[1][1]   -0.01225263 
_atom_sites.fract_transf_matrix[1][2]   -0.00862667 
_atom_sites.fract_transf_matrix[1][3]   0.00057759 
_atom_sites.fract_transf_matrix[2][1]   -0.00825093 
_atom_sites.fract_transf_matrix[2][2]   0.01196602 
_atom_sites.fract_transf_matrix[2][3]   0.00369004 
_atom_sites.fract_transf_matrix[3][1]   -0.00258363 
_atom_sites.fract_transf_matrix[3][2]   0.00269719 
_atom_sites.fract_transf_matrix[3][3]   -0.01452343 
_atom_sites.fract_transf_vector[1]      0.371838 
_atom_sites.fract_transf_vector[2]      0.369844 
_atom_sites.fract_transf_vector[3]      0.672010 
_atom_sites.solution_primary            ? 
_atom_sites.solution_secondary          ? 
_atom_sites.solution_hydrogens          ? 
_atom_sites.special_details             ? 
# 
loop_
_atom_type.symbol 
C 
N 
O 
S 
# 
loop_
_atom_site.group_PDB 
_atom_site.id 
_atom_site.type_symbol 
_atom_site.label_atom_id 
_atom_site.label_alt_id 
_atom_site.label_comp_id 
_atom_site.label_asym_id 
_atom_site.label_entity_id 
_atom_site.label_seq_id 
_atom_site.pdbx_PDB_ins_code 
_atom_site.Cartn_x 
_atom_site.Cartn_y 
_atom_site.Cartn_z 
_atom_site.occupancy 
_atom_site.B_iso_or_equiv 
_atom_site.pdbx_formal_charge 
_atom_site.auth_seq_id 
_atom_site.auth_comp_id 
_atom_site.auth_asym_id 
_atom_site.auth_atom_id 
_atom_site.pdbx_PDB_model_num 
ATOM   1    N N   . SER A 1 2   ? 15.55480  7.50135   16.70110  1.000 34.77589 ? 2   SER A N   1 
ATOM   2    C CA  . SER A 1 2   ? 16.42729  6.76668   15.78989  1.000 28.81109 ? 2   SER A CA  1 
ATOM   3    C C   . SER A 1 2   ? 15.60913  6.04615   14.72919  1.000 24.25971 ? 2   SER A C   1 
ATOM   4    O O   . SER A 1 2   ? 15.09708  6.65719   13.78608  1.000 24.77540 ? 2   SER A O   1 
ATOM   5    C CB  . SER A 1 2   ? 17.28902  5.75696   16.56069  1.000 34.78285 ? 2   SER A CB  1 
ATOM   6    O OG  . SER A 1 2   ? 16.50186  4.73937   17.16402  1.000 34.10285 ? 2   SER A OG  1 
ATOM   7    N N   . ILE A 1 3   ? 15.50080  4.73425   14.89775  1.000 21.06198 ? 3   ILE A N   1 
ATOM   8    C CA  . ILE A 1 3   ? 14.68242  3.88086   14.04708  1.000 20.34202 ? 3   ILE A CA  1 
ATOM   9    C C   . ILE A 1 3   ? 13.69120  3.14836   14.93544  1.000 22.96647 ? 3   ILE A C   1 
ATOM   10   O O   . ILE A 1 3   ? 14.08293  2.53339   15.93372  1.000 23.20136 ? 3   ILE A O   1 
ATOM   11   C CB  . ILE A 1 3   ? 15.53428  2.87491   13.25825  1.000 17.79294 ? 3   ILE A CB  1 
ATOM   12   C CG1 . ILE A 1 3   ? 16.51166  3.61149   12.34399  1.000 17.65936 ? 3   ILE A CG1 1 
ATOM   13   C CG2 . ILE A 1 3   ? 14.63988  1.90992   12.48016  1.000 17.85766 ? 3   ILE A CG2 1 
ATOM   14   C CD1 . ILE A 1 3   ? 17.63151  2.73492   11.86822  1.000 17.99089 ? 3   ILE A CD1 1 
ATOM   15   N N   . GLN A 1 4   ? 12.41422  3.21922   14.57937  1.000 18.51047 ? 4   GLN A N   1 
ATOM   16   C CA  . GLN A 1 4   ? 11.37741  2.45059   15.25150  1.000 15.90085 ? 4   GLN A CA  1 
ATOM   17   C C   . GLN A 1 4   ? 10.85782  1.39487   14.29265  1.000 17.29494 ? 4   GLN A C   1 
ATOM   18   O O   . GLN A 1 4   ? 10.57684  1.70096   13.13610  1.000 18.67247 ? 4   GLN A O   1 
ATOM   19   C CB  . GLN A 1 4   ? 10.22918  3.34600   15.71896  1.000 16.95204 ? 4   GLN A CB  1 
ATOM   20   C CG  . GLN A 1 4   ? 10.53832  4.09245   17.00346  1.000 25.77377 ? 4   GLN A CG  1 
ATOM   21   C CD  . GLN A 1 4   ? 11.34511  5.34024   16.74523  1.000 31.44385 ? 4   GLN A CD  1 
ATOM   22   O OE1 . GLN A 1 4   ? 12.38516  5.57023   17.37054  1.000 29.81794 ? 4   GLN A OE1 1 
ATOM   23   N NE2 . GLN A 1 4   ? 10.86718  6.16434   15.81526  1.000 30.62631 ? 4   GLN A NE2 1 
ATOM   24   N N   . ARG A 1 5   ? 10.74521  0.15740   14.76242  1.000 13.70475 ? 5   ARG A N   1 
ATOM   25   C CA  . ARG A 1 5   ? 10.19149  -0.92920  13.96493  1.000 12.63359 ? 5   ARG A CA  1 
ATOM   26   C C   . ARG A 1 5   ? 8.96259   -1.47801  14.66742  1.000 16.01419 ? 5   ARG A C   1 
ATOM   27   O O   . ARG A 1 5   ? 8.94952   -1.60696  15.89579  1.000 19.18630 ? 5   ARG A O   1 
ATOM   28   C CB  . ARG A 1 5   ? 11.21366  -2.04989  13.74125  1.000 13.06814 ? 5   ARG A CB  1 
ATOM   29   C CG  . ARG A 1 5   ? 12.49277  -1.57830  13.08778  1.000 12.96913 ? 5   ARG A CG  1 
ATOM   30   C CD  . ARG A 1 5   ? 13.52982  -2.67919  13.00247  1.000 15.07799 ? 5   ARG A CD  1 
ATOM   31   N NE  . ARG A 1 5   ? 14.84993  -2.16438  12.65953  1.000 15.72438 ? 5   ARG A NE  1 
ATOM   32   C CZ  . ARG A 1 5   ? 15.25390  -1.95064  11.41368  1.000 13.72610 ? 5   ARG A CZ  1 
ATOM   33   N NH1 . ARG A 1 5   ? 14.46974  -2.21870  10.38287  1.000 14.10675 ? 5   ARG A NH1 1 
ATOM   34   N NH2 . ARG A 1 5   ? 16.46685  -1.44983  11.19656  1.000 13.25164 ? 5   ARG A NH2 1 
ATOM   35   N N   . GLN A 1 6   ? 7.92931   -1.78779  13.88331  1.000 14.88195 ? 6   GLN A N   1 
ATOM   36   C CA  . GLN A 1 6   ? 6.68278   -2.33161  14.40435  1.000 15.96584 ? 6   GLN A CA  1 
ATOM   37   C C   . GLN A 1 6   ? 6.22365   -3.49923  13.54448  1.000 17.85960 ? 6   GLN A C   1 
ATOM   38   O O   . GLN A 1 6   ? 6.39697   -3.50322  12.31300  1.000 15.02753 ? 6   GLN A O   1 
ATOM   39   C CB  . GLN A 1 6   ? 5.56302   -1.28336  14.45551  1.000 16.85015 ? 6   GLN A CB  1 
ATOM   40   C CG  . GLN A 1 6   ? 5.84974   -0.07752  15.31251  1.000 21.52938 ? 6   GLN A CG  1 
ATOM   41   C CD  . GLN A 1 6   ? 4.60022   0.75052   15.52733  1.000 20.50268 ? 6   GLN A CD  1 
ATOM   42   O OE1 . GLN A 1 6   ? 3.54168   0.21133   15.84018  1.000 26.02362 ? 6   GLN A OE1 1 
ATOM   43   N NE2 . GLN A 1 6   ? 4.70930   2.05907   15.33985  1.000 21.90647 ? 6   GLN A NE2 1 
ATOM   44   N N   . LEU A 1 7   ? 5.60638   -4.47555  14.22186  1.000 17.49340 ? 7   LEU A N   1 
ATOM   45   C CA  . LEU A 1 7   ? 5.06789   -5.69994  13.62770  1.000 13.58269 ? 7   LEU A CA  1 
ATOM   46   C C   . LEU A 1 7   ? 6.17034   -6.46254  12.88521  1.000 16.42052 ? 7   LEU A C   1 
ATOM   47   O O   . LEU A 1 7   ? 6.18746   -6.58726  11.65610  1.000 16.86352 ? 7   LEU A O   1 
ATOM   48   C CB  . LEU A 1 7   ? 3.87071   -5.38485  12.72108  1.000 17.12423 ? 7   LEU A CB  1 
ATOM   49   C CG  . LEU A 1 7   ? 2.66754   -4.70658  13.39885  1.000 18.28321 ? 7   LEU A CG  1 
ATOM   50   C CD1 . LEU A 1 7   ? 1.49085   -4.57543  12.43093  1.000 16.05168 ? 7   LEU A CD1 1 
ATOM   51   C CD2 . LEU A 1 7   ? 2.23648   -5.44059  14.66745  1.000 20.25212 ? 7   LEU A CD2 1 
ATOM   52   N N   . THR A 1 8   ? 7.09914   -6.97404  13.68628  1.000 18.82355 ? 8   THR A N   1 
ATOM   53   C CA  . THR A 1 8   ? 8.37260   -7.49890  13.21372  1.000 15.83193 ? 8   THR A CA  1 
ATOM   54   C C   . THR A 1 8   ? 8.39547   -9.01119  13.36134  1.000 19.80771 ? 8   THR A C   1 
ATOM   55   O O   . THR A 1 8   ? 7.98326   -9.54470  14.39807  1.000 20.40507 ? 8   THR A O   1 
ATOM   56   C CB  . THR A 1 8   ? 9.53731   -6.88474  14.00054  1.000 19.42915 ? 8   THR A CB  1 
ATOM   57   O OG1 . THR A 1 8   ? 9.50964   -5.45838  13.87379  1.000 18.17361 ? 8   THR A OG1 1 
ATOM   58   C CG2 . THR A 1 8   ? 10.87513  -7.40802  13.50291  1.000 17.15892 ? 8   THR A CG2 1 
ATOM   59   N N   . ASN A 1 9   ? 8.85720   -9.69662  12.31918  1.000 15.73937 ? 9   ASN A N   1 
ATOM   60   C CA  . ASN A 1 9   ? 9.26636   -11.08889 12.45078  1.000 18.53917 ? 9   ASN A CA  1 
ATOM   61   C C   . ASN A 1 9   ? 10.65192  -11.25047 11.83071  1.000 17.97344 ? 9   ASN A C   1 
ATOM   62   O O   . ASN A 1 9   ? 11.31862  -10.25314 11.52943  1.000 16.77152 ? 9   ASN A O   1 
ATOM   63   C CB  . ASN A 1 9   ? 8.23137   -12.03264 11.82353  1.000 17.29387 ? 9   ASN A CB  1 
ATOM   64   C CG  . ASN A 1 9   ? 7.98279   -11.75516 10.34552  1.000 18.80946 ? 9   ASN A CG  1 
ATOM   65   O OD1 . ASN A 1 9   ? 8.85761   -11.27980 9.63043   1.000 19.42906 ? 9   ASN A OD1 1 
ATOM   66   N ND2 . ASN A 1 9   ? 6.77350   -12.05762 9.88676   1.000 19.44503 ? 9   ASN A ND2 1 
ATOM   67   N N   . GLU A 1 10  ? 11.11141  -12.49146 11.66200  1.000 19.15941 ? 10  GLU A N   1 
ATOM   68   C CA  . GLU A 1 10  ? 12.45749  -12.72036 11.15537  1.000 19.91238 ? 10  GLU A CA  1 
ATOM   69   C C   . GLU A 1 10  ? 12.64085  -12.18296 9.74560   1.000 16.01275 ? 10  GLU A C   1 
ATOM   70   O O   . GLU A 1 10  ? 13.77132  -11.87987 9.34620   1.000 16.71074 ? 10  GLU A O   1 
ATOM   71   C CB  . GLU A 1 10  ? 12.77996  -14.21496 11.17174  1.000 21.01137 ? 10  GLU A CB  1 
ATOM   72   C CG  . GLU A 1 10  ? 13.10588  -14.78186 12.55156  1.000 25.04908 ? 10  GLU A CG  1 
ATOM   73   C CD  . GLU A 1 10  ? 11.89926  -14.84706 13.47977  1.000 34.17277 ? 10  GLU A CD  1 
ATOM   74   O OE1 . GLU A 1 10  ? 10.75004  -14.88964 12.97726  1.000 33.14920 ? 10  GLU A OE1 1 
ATOM   75   O OE2 . GLU A 1 10  ? 12.10488  -14.85222 14.71705  1.000 32.64531 ? 10  GLU A OE2 1 
ATOM   76   N N   . ARG A 1 11  ? 11.55421  -12.05162 8.99388   1.000 14.50859 ? 11  ARG A N   1 
ATOM   77   C CA  . ARG A 1 11  ? 11.63939  -11.69643 7.58570   1.000 13.59240 ? 11  ARG A CA  1 
ATOM   78   C C   . ARG A 1 11  ? 11.47493  -10.20391 7.35090   1.000 12.00087 ? 11  ARG A C   1 
ATOM   79   O O   . ARG A 1 11  ? 12.15711  -9.63827  6.48705   1.000 13.28486 ? 11  ARG A O   1 
ATOM   80   C CB  . ARG A 1 11  ? 10.58157  -12.46523 6.79769   1.000 13.57036 ? 11  ARG A CB  1 
ATOM   81   C CG  . ARG A 1 11  ? 10.55025  -12.16172 5.31478   1.000 12.38358 ? 11  ARG A CG  1 
ATOM   82   C CD  . ARG A 1 11  ? 9.52359   -13.04468 4.64006   1.000 14.65480 ? 11  ARG A CD  1 
ATOM   83   N NE  . ARG A 1 11  ? 9.91704   -14.44786 4.69984   1.000 13.88820 ? 11  ARG A NE  1 
ATOM   84   C CZ  . ARG A 1 11  ? 9.16575   -15.44365 4.24904   1.000 15.24921 ? 11  ARG A CZ  1 
ATOM   85   N NH1 . ARG A 1 11  ? 7.97234   -15.22087 3.72597   1.000 16.74423 ? 11  ARG A NH1 1 
ATOM   86   N NH2 . ARG A 1 11  ? 9.62799   -16.68978 4.31532   1.000 18.14993 ? 11  ARG A NH2 1 
ATOM   87   N N   . MET A 1 12  ? 10.57483  -9.55019  8.07798   1.000 13.16808 ? 12  MET A N   1 
ATOM   88   C CA  . MET A 1 12  ? 10.30191  -8.15013  7.78160   1.000 11.47895 ? 12  MET A CA  1 
ATOM   89   C C   . MET A 1 12  ? 9.62169   -7.49247  8.96807   1.000 13.77696 ? 12  MET A C   1 
ATOM   90   O O   . MET A 1 12  ? 9.08050   -8.16035  9.85229   1.000 15.11917 ? 12  MET A O   1 
ATOM   91   C CB  . MET A 1 12  ? 9.41900   -8.00309  6.53119   1.000 10.34184 ? 12  MET A CB  1 
ATOM   92   C CG  . MET A 1 12  ? 7.95920   -8.44490  6.72811   1.000 11.76982 ? 12  MET A CG  1 
ATOM   93   S SD  . MET A 1 12  ? 6.98014   -8.34020  5.21233   1.000 11.71498 ? 12  MET A SD  1 
ATOM   94   C CE  . MET A 1 12  ? 7.63135   -9.74427  4.28768   1.000 14.79187 ? 12  MET A CE  1 
ATOM   95   N N   . SER A 1 13  ? 9.65541   -6.16642  8.97096   1.000 10.17746 ? 13  SER A N   1 
ATOM   96   C CA  . SER A 1 13  ? 8.78155   -5.34936  9.79796   1.000 10.45617 ? 13  SER A CA  1 
ATOM   97   C C   . SER A 1 13  ? 7.71599   -4.74841  8.90167   1.000 11.88024 ? 13  SER A C   1 
ATOM   98   O O   . SER A 1 13  ? 8.02343   -4.28940  7.79597   1.000 10.27788 ? 13  SER A O   1 
ATOM   99   C CB  . SER A 1 13  ? 9.54715   -4.22087  10.49292  1.000 13.16025 ? 13  SER A CB  1 
ATOM   100  O OG  . SER A 1 13  ? 10.49758  -4.72726  11.40971  1.000 12.26287 ? 13  SER A OG  1 
ATOM   101  N N   . GLN A 1 14  ? 6.46530   -4.73711  9.37443   1.000 11.15430 ? 14  GLN A N   1 
ATOM   102  C CA  . GLN A 1 14  ? 5.43070   -4.07837  8.58553   1.000 12.39176 ? 14  GLN A CA  1 
ATOM   103  C C   . GLN A 1 14  ? 5.64220   -2.57543  8.55429   1.000 10.41727 ? 14  GLN A C   1 
ATOM   104  O O   . GLN A 1 14  ? 5.28040   -1.92429  7.55957   1.000 10.17007 ? 14  GLN A O   1 
ATOM   105  C CB  . GLN A 1 14  ? 4.03682   -4.38170  9.13314   1.000 10.82664 ? 14  GLN A CB  1 
ATOM   106  C CG  . GLN A 1 14  ? 3.63691   -5.84641  9.10122   1.000 10.43456 ? 14  GLN A CG  1 
ATOM   107  C CD  . GLN A 1 14  ? 3.74069   -6.43189  7.71300   1.000 14.76481 ? 14  GLN A CD  1 
ATOM   108  O OE1 . GLN A 1 14  ? 3.14906   -5.91512  6.77453   1.000 15.91177 ? 14  GLN A OE1 1 
ATOM   109  N NE2 . GLN A 1 14  ? 4.51049   -7.49536  7.57346   1.000 18.41680 ? 14  GLN A NE2 1 
ATOM   110  N N   . VAL A 1 15  ? 6.20526   -2.01139  9.63096   1.000 10.81617 ? 15  VAL A N   1 
ATOM   111  C CA  . VAL A 1 15  ? 6.38097   -0.56934  9.77762   1.000 12.11367 ? 15  VAL A CA  1 
ATOM   112  C C   . VAL A 1 15  ? 7.81780   -0.28510  10.18535  1.000 13.62394 ? 15  VAL A C   1 
ATOM   113  O O   . VAL A 1 15  ? 8.30642   -0.85500  11.16944  1.000 12.04787 ? 15  VAL A O   1 
ATOM   114  C CB  . VAL A 1 15  ? 5.42725   0.01662   10.83493  1.000 12.26665 ? 15  VAL A CB  1 
ATOM   115  C CG1 . VAL A 1 15  ? 5.74296   1.48711   11.07549  1.000 15.13316 ? 15  VAL A CG1 1 
ATOM   116  C CG2 . VAL A 1 15  ? 3.96905   -0.18453  10.42710  1.000 12.89355 ? 15  VAL A CG2 1 
ATOM   117  N N   . VAL A 1 16  ? 8.48217   0.62844   9.47383   1.000 9.70384  ? 16  VAL A N   1 
ATOM   118  C CA  . VAL A 1 16  ? 9.77736   1.14396   9.90632   1.000 9.36354  ? 16  VAL A CA  1 
ATOM   119  C C   . VAL A 1 16  ? 9.72686   2.65831   9.81903   1.000 13.14481 ? 16  VAL A C   1 
ATOM   120  O O   . VAL A 1 16  ? 9.33819   3.21055   8.78770   1.000 13.50512 ? 16  VAL A O   1 
ATOM   121  C CB  . VAL A 1 16  ? 10.94680  0.58627   9.06725   1.000 8.66303  ? 16  VAL A CB  1 
ATOM   122  C CG1 . VAL A 1 16  ? 12.28227  1.20682   9.51570   1.000 11.65282 ? 16  VAL A CG1 1 
ATOM   123  C CG2 . VAL A 1 16  ? 11.00380  -0.94121  9.17171   1.000 9.89009  ? 16  VAL A CG2 1 
ATOM   124  N N   . VAL A 1 17  ? 10.09884  3.33748   10.89871  1.000 11.45544 ? 17  VAL A N   1 
ATOM   125  C CA  . VAL A 1 17  ? 10.06009  4.79219   10.96208  1.000 10.76420 ? 17  VAL A CA  1 
ATOM   126  C C   . VAL A 1 17  ? 11.47422  5.28261   11.22904  1.000 12.47858 ? 17  VAL A C   1 
ATOM   127  O O   . VAL A 1 17  ? 12.13222  4.81483   12.16776  1.000 14.63182 ? 17  VAL A O   1 
ATOM   128  C CB  . VAL A 1 17  ? 9.07720   5.28914   12.04294  1.000 11.20499 ? 17  VAL A CB  1 
ATOM   129  C CG1 . VAL A 1 17  ? 8.98977   6.81789   12.04313  1.000 12.48957 ? 17  VAL A CG1 1 
ATOM   130  C CG2 . VAL A 1 17  ? 7.67836   4.67573   11.83603  1.000 12.40313 ? 17  VAL A CG2 1 
ATOM   131  N N   . HIS A 1 18  ? 11.95959  6.18194   10.37620  1.000 9.75846  ? 18  HIS A N   1 
ATOM   132  C CA  . HIS A 1 18  ? 13.30614  6.73108   10.51522  1.000 10.63185 ? 18  HIS A CA  1 
ATOM   133  C C   . HIS A 1 18  ? 13.27422  8.22457   10.24949  1.000 11.96353 ? 18  HIS A C   1 
ATOM   134  O O   . HIS A 1 18  ? 12.94929  8.64913   9.13819   1.000 12.00347 ? 18  HIS A O   1 
ATOM   135  C CB  . HIS A 1 18  ? 14.29188  6.05422   9.56165   1.000 12.04131 ? 18  HIS A CB  1 
ATOM   136  C CG  . HIS A 1 18  ? 15.60275  6.77379   9.46402   1.000 10.19604 ? 18  HIS A CG  1 
ATOM   137  N ND1 . HIS A 1 18  ? 16.04905  7.35276   8.29845   1.000 10.43303 ? 18  HIS A ND1 1 
ATOM   138  C CD2 . HIS A 1 18  ? 16.54429  7.03817   10.40341  1.000 11.99447 ? 18  HIS A CD2 1 
ATOM   139  C CE1 . HIS A 1 18  ? 17.22006  7.93029   8.51604   1.000 12.22444 ? 18  HIS A CE1 1 
ATOM   140  N NE2 . HIS A 1 18  ? 17.54405  7.74768   9.78507   1.000 11.42171 ? 18  HIS A NE2 1 
ATOM   141  N N   . ASN A 1 19  ? 13.61039  9.01776   11.26935  1.000 13.81244 ? 19  ASN A N   1 
ATOM   142  C CA  . ASN A 1 19  ? 13.79651  10.45870  11.10212  1.000 14.33265 ? 19  ASN A CA  1 
ATOM   143  C C   . ASN A 1 19  ? 12.63290  11.07977  10.34069  1.000 10.71244 ? 19  ASN A C   1 
ATOM   144  O O   . ASN A 1 19  ? 12.81335  11.85249  9.39810   1.000 13.87455 ? 19  ASN A O   1 
ATOM   145  C CB  . ASN A 1 19  ? 15.12289  10.75718  10.40313  1.000 14.05719 ? 19  ASN A CB  1 
ATOM   146  C CG  . ASN A 1 19  ? 16.31348  10.56155  11.31765  1.000 21.47460 ? 19  ASN A CG  1 
ATOM   147  O OD1 . ASN A 1 19  ? 16.16388  10.13327  12.46505  1.000 27.40064 ? 19  ASN A OD1 1 
ATOM   148  N ND2 . ASN A 1 19  ? 17.50692  10.85964  10.81108  1.000 24.59084 ? 19  ASN A ND2 1 
ATOM   149  N N   . GLY A 1 20  ? 11.42200  10.70193  10.73700  1.000 12.61603 ? 20  GLY A N   1 
ATOM   150  C CA  . GLY A 1 20  ? 10.22307  11.30318  10.20400  1.000 11.16273 ? 20  GLY A CA  1 
ATOM   151  C C   . GLY A 1 20  ? 9.64465   10.64101  8.97284   1.000 12.98558 ? 20  GLY A C   1 
ATOM   152  O O   . GLY A 1 20  ? 8.57606   11.06246  8.51167   1.000 11.74881 ? 20  GLY A O   1 
ATOM   153  N N   . THR A 1 21  ? 10.30860  9.63063   8.41956   1.000 10.72959 ? 21  THR A N   1 
ATOM   154  C CA  . THR A 1 21  ? 9.82655   8.94618   7.22413   1.000 9.76668  ? 21  THR A CA  1 
ATOM   155  C C   . THR A 1 21  ? 9.37699   7.53603   7.58977   1.000 12.93126 ? 21  THR A C   1 
ATOM   156  O O   . THR A 1 21  ? 10.08390  6.82472   8.30751   1.000 10.81468 ? 21  THR A O   1 
ATOM   157  C CB  . THR A 1 21  ? 10.91339  8.90935   6.14200   1.000 11.03285 ? 21  THR A CB  1 
ATOM   158  O OG1 . THR A 1 21  ? 11.32961  10.24976  5.84609   1.000 10.35762 ? 21  THR A OG1 1 
ATOM   159  C CG2 . THR A 1 21  ? 10.37337  8.29056   4.86616   1.000 12.10703 ? 21  THR A CG2 1 
ATOM   160  N N   . VAL A 1 22  ? 8.19958   7.14408   7.09759   1.000 9.13498  ? 22  VAL A N   1 
ATOM   161  C CA  . VAL A 1 22  ? 7.56795   5.85769   7.37846   1.000 10.71490 ? 22  VAL A CA  1 
ATOM   162  C C   . VAL A 1 22  ? 7.69575   4.98643   6.13681   1.000 10.23402 ? 22  VAL A C   1 
ATOM   163  O O   . VAL A 1 22  ? 7.23933   5.37008   5.05522   1.000 8.81535  ? 22  VAL A O   1 
ATOM   164  C CB  . VAL A 1 22  ? 6.08822   6.03254   7.75421   1.000 10.61534 ? 22  VAL A CB  1 
ATOM   165  C CG1 . VAL A 1 22  ? 5.44432   4.68978   8.02507   1.000 12.18168 ? 22  VAL A CG1 1 
ATOM   166  C CG2 . VAL A 1 22  ? 5.94989   6.95832   8.95711   1.000 9.58938  ? 22  VAL A CG2 1 
ATOM   167  N N   . TYR A 1 23  ? 8.31012   3.81672   6.28974   1.000 9.04888  ? 23  TYR A N   1 
ATOM   168  C CA  . TYR A 1 23  ? 8.44849   2.83126   5.22538   1.000 7.34829  ? 23  TYR A CA  1 
ATOM   169  C C   . TYR A 1 23  ? 7.58659   1.63158   5.58242   1.000 8.76133  ? 23  TYR A C   1 
ATOM   170  O O   . TYR A 1 23  ? 7.79310   1.00435   6.63150   1.000 10.09660 ? 23  TYR A O   1 
ATOM   171  C CB  . TYR A 1 23  ? 9.90586   2.39381   5.06352   1.000 8.90780  ? 23  TYR A CB  1 
ATOM   172  C CG  . TYR A 1 23  ? 10.85873  3.53098   4.76773   1.000 7.64008  ? 23  TYR A CG  1 
ATOM   173  C CD1 . TYR A 1 23  ? 11.42588  4.27619   5.78932   1.000 8.89348  ? 23  TYR A CD1 1 
ATOM   174  C CD2 . TYR A 1 23  ? 11.18706  3.85751   3.44996   1.000 8.68937  ? 23  TYR A CD2 1 
ATOM   175  C CE1 . TYR A 1 23  ? 12.28941  5.32049   5.50464   1.000 9.20476  ? 23  TYR A CE1 1 
ATOM   176  C CE2 . TYR A 1 23  ? 12.05353  4.88410   3.16560   1.000 9.38780  ? 23  TYR A CE2 1 
ATOM   177  C CZ  . TYR A 1 23  ? 12.60289  5.61069   4.19433   1.000 9.98414  ? 23  TYR A CZ  1 
ATOM   178  O OH  . TYR A 1 23  ? 13.45921  6.64843   3.90409   1.000 11.97397 ? 23  TYR A OH  1 
ATOM   179  N N   . LEU A 1 24  ? 6.62626   1.29629   4.72454   1.000 7.60301  ? 24  LEU A N   1 
ATOM   180  C CA  . LEU A 1 24  ? 5.79115   0.13014   4.98013   1.000 7.04644  ? 24  LEU A CA  1 
ATOM   181  C C   . LEU A 1 24  ? 6.24808   -1.05046  4.12923   1.000 9.30237  ? 24  LEU A C   1 
ATOM   182  O O   . LEU A 1 24  ? 6.67897   -0.87478  2.98485   1.000 9.89045  ? 24  LEU A O   1 
ATOM   183  C CB  . LEU A 1 24  ? 4.31279   0.42655   4.70660   1.000 6.74715  ? 24  LEU A CB  1 
ATOM   184  C CG  . LEU A 1 24  ? 3.67491   1.59205   5.47067   1.000 7.65337  ? 24  LEU A CG  1 
ATOM   185  C CD1 . LEU A 1 24  ? 2.16981   1.64113   5.17442   1.000 8.58216  ? 24  LEU A CD1 1 
ATOM   186  C CD2 . LEU A 1 24  ? 3.93110   1.44427   6.97366   1.000 10.00316 ? 24  LEU A CD2 1 
ATOM   187  N N   . ALA A 1 25  ? 6.17481   -2.24932  4.70838   1.000 7.31468  ? 25  ALA A N   1 
ATOM   188  C CA  . ALA A 1 25  ? 6.32193   -3.47850  3.93424   1.000 8.93045  ? 25  ALA A CA  1 
ATOM   189  C C   . ALA A 1 25  ? 5.25009   -3.53601  2.84758   1.000 8.33663  ? 25  ALA A C   1 
ATOM   190  O O   . ALA A 1 25  ? 4.19907   -2.90151  2.94030   1.000 8.84311  ? 25  ALA A O   1 
ATOM   191  C CB  . ALA A 1 25  ? 6.21300   -4.70582  4.84785   1.000 9.02352  ? 25  ALA A CB  1 
ATOM   192  N N   . GLY A 1 26  ? 5.52885   -4.30547  1.79204   1.000 8.99151  ? 26  GLY A N   1 
ATOM   193  C CA  . GLY A 1 26  ? 4.54710   -4.45201  0.73198   1.000 8.93337  ? 26  GLY A CA  1 
ATOM   194  C C   . GLY A 1 26  ? 3.25940   -5.05007  1.26990   1.000 8.21149  ? 26  GLY A C   1 
ATOM   195  O O   . GLY A 1 26  ? 3.28270   -5.99216  2.05908   1.000 10.18547 ? 26  GLY A O   1 
ATOM   196  N N   . GLN A 1 27  ? 2.12715   -4.48694  0.84096   1.000 7.30247  ? 27  GLN A N   1 
ATOM   197  C CA  . GLN A 1 27  ? 0.82064   -4.87643  1.35870   1.000 8.99870  ? 27  GLN A CA  1 
ATOM   198  C C   . GLN A 1 27  ? -0.00091  -5.51319  0.24993   1.000 9.07454  ? 27  GLN A C   1 
ATOM   199  O O   . GLN A 1 27  ? -0.00671  -5.02926  -0.88579  1.000 9.99352  ? 27  GLN A O   1 
ATOM   200  C CB  . GLN A 1 27  ? 0.06138   -3.67328  1.93356   1.000 10.50744 ? 27  GLN A CB  1 
ATOM   201  C CG  . GLN A 1 27  ? 0.75360   -3.01233  3.12672   1.000 10.50720 ? 27  GLN A CG  1 
ATOM   202  C CD  . GLN A 1 27  ? 0.97086   -3.97571  4.27131   1.000 11.55309 ? 27  GLN A CD  1 
ATOM   203  O OE1 . GLN A 1 27  ? 0.02098   -4.59262  4.77047   1.000 13.75955 ? 27  GLN A OE1 1 
ATOM   204  N NE2 . GLN A 1 27  ? 2.21700   -4.12290  4.69171   1.000 9.05599  ? 27  GLN A NE2 1 
ATOM   205  N N   . VAL A 1 28  ? -0.67453  -6.61396  0.58185   1.000 10.24901 ? 28  VAL A N   1 
ATOM   206  C CA  . VAL A 1 28  ? -1.57926  -7.29554  -0.33270  1.000 10.91742 ? 28  VAL A CA  1 
ATOM   207  C C   . VAL A 1 28  ? -2.93386  -7.44046  0.34764   1.000 13.73548 ? 28  VAL A C   1 
ATOM   208  O O   . VAL A 1 28  ? -3.09325  -7.15902  1.53588   1.000 13.74765 ? 28  VAL A O   1 
ATOM   209  C CB  . VAL A 1 28  ? -1.04081  -8.67069  -0.77824  1.000 10.42764 ? 28  VAL A CB  1 
ATOM   210  C CG1 . VAL A 1 28  ? 0.31612   -8.50815  -1.46451  1.000 10.67882 ? 28  VAL A CG1 1 
ATOM   211  C CG2 . VAL A 1 28  ? -0.92602  -9.61296  0.40567   1.000 12.71635 ? 28  VAL A CG2 1 
ATOM   212  N N   . GLY A 1 29  ? -3.92177  -7.87548  -0.43686  1.000 12.63792 ? 29  GLY A N   1 
ATOM   213  C CA  . GLY A 1 29  ? -5.28004  -7.99395  0.04741   1.000 11.70206 ? 29  GLY A CA  1 
ATOM   214  C C   . GLY A 1 29  ? -5.49917  -9.24739  0.87630   1.000 13.40129 ? 29  GLY A C   1 
ATOM   215  O O   . GLY A 1 29  ? -4.58897  -10.03014 1.14286   1.000 15.19743 ? 29  GLY A O   1 
ATOM   216  N N   . ASP A 1 30  ? -6.75138  -9.43750  1.29408   1.000 14.00566 ? 30  ASP A N   1 
ATOM   217  C CA  . ASP A 1 30  ? -7.11910  -10.57050 2.14391   1.000 14.30146 ? 30  ASP A CA  1 
ATOM   218  C C   . ASP A 1 30  ? -7.82579  -11.68362 1.38003   1.000 15.59707 ? 30  ASP A C   1 
ATOM   219  O O   . ASP A 1 30  ? -7.47191  -12.85146 1.54597   1.000 17.80422 ? 30  ASP A O   1 
ATOM   220  C CB  . ASP A 1 30  ? -8.01615  -10.11278 3.29871   1.000 17.30306 ? 30  ASP A CB  1 
ATOM   221  C CG  . ASP A 1 30  ? -7.37284  -9.04675  4.15777   1.000 14.54152 ? 30  ASP A CG  1 
ATOM   222  O OD1 . ASP A 1 30  ? -6.16784  -9.16057  4.46835   1.000 17.17060 ? 30  ASP A OD1 1 
ATOM   223  O OD2 . ASP A 1 30  ? -8.08361  -8.08818  4.52235   1.000 17.55228 ? 30  ASP A OD2 1 
ATOM   224  N N   . ASP A 1 31  ? -8.80924  -11.34029 0.54049   1.000 18.06123 ? 31  ASP A N   1 
ATOM   225  C CA  . ASP A 1 31  ? -9.62903  -12.32593 -0.16504  1.000 18.32571 ? 31  ASP A CA  1 
ATOM   226  C C   . ASP A 1 31  ? -8.98735  -12.67556 -1.50523  1.000 17.27504 ? 31  ASP A C   1 
ATOM   227  O O   . ASP A 1 31  ? -9.07148  -11.90535 -2.46717  1.000 17.88762 ? 31  ASP A O   1 
ATOM   228  C CB  . ASP A 1 31  ? -11.04582 -11.79615 -0.36535  1.000 21.54828 ? 31  ASP A CB  1 
ATOM   229  C CG  . ASP A 1 31  ? -11.97137 -12.82997 -0.98966  1.000 22.71738 ? 31  ASP A CG  1 
ATOM   230  O OD1 . ASP A 1 31  ? -11.51836 -13.97208 -1.23284  1.000 23.61631 ? 31  ASP A OD1 1 
ATOM   231  O OD2 . ASP A 1 31  ? -13.15155 -12.49269 -1.22957  1.000 24.82645 ? 31  ASP A OD2 1 
ATOM   232  N N   . MET A 1 32  ? -8.39912  -13.86357 -1.57995  1.000 21.58040 ? 32  MET A N   1 
ATOM   233  C CA  . MET A 1 32  ? -7.68053  -14.28552 -2.77185  1.000 22.94938 ? 32  MET A CA  1 
ATOM   234  C C   . MET A 1 32  ? -8.59289  -14.66348 -3.92654  1.000 25.88976 ? 32  MET A C   1 
ATOM   235  O O   . MET A 1 32  ? -8.10982  -14.76510 -5.06107  1.000 29.95765 ? 32  MET A O   1 
ATOM   236  C CB  . MET A 1 32  ? -6.76798  -15.44467 -2.40302  1.000 26.30531 ? 32  MET A CB  1 
ATOM   237  C CG  . MET A 1 32  ? -5.74962  -15.03502 -1.36076  1.000 24.78420 ? 32  MET A CG  1 
ATOM   238  S SD  . MET A 1 32  ? -4.56071  -13.88271 -2.08109  1.000 21.55170 ? 32  MET A SD  1 
ATOM   239  C CE  . MET A 1 32  ? -5.17611  -12.24963 -1.68424  1.000 22.70599 ? 32  MET A CE  1 
ATOM   240  N N   . THR A 1 33  ? -9.88242  -14.85951 -3.67606  1.000 25.48471 ? 33  THR A N   1 
ATOM   241  C CA  . THR A 1 33  ? -10.83558 -15.18099 -4.72784  1.000 24.68001 ? 33  THR A CA  1 
ATOM   242  C C   . THR A 1 33  ? -11.47719 -13.94412 -5.33837  1.000 24.34935 ? 33  THR A C   1 
ATOM   243  O O   . THR A 1 33  ? -12.24998 -14.06803 -6.29444  1.000 24.71528 ? 33  THR A O   1 
ATOM   244  C CB  . THR A 1 33  ? -11.93016 -16.10415 -4.17996  1.000 24.67903 ? 33  THR A CB  1 
ATOM   245  O OG1 . THR A 1 33  ? -12.78486 -15.35891 -3.30586  1.000 28.70508 ? 33  THR A OG1 1 
ATOM   246  C CG2 . THR A 1 33  ? -11.31463 -17.24976 -3.40476  1.000 30.46134 ? 33  THR A CG2 1 
ATOM   247  N N   . ALA A 1 34  ? -11.17826 -12.76078 -4.82133  1.000 19.81925 ? 34  ALA A N   1 
ATOM   248  C CA  . ALA A 1 34  ? -11.86509 -11.55298 -5.24525  1.000 18.41485 ? 34  ALA A CA  1 
ATOM   249  C C   . ALA A 1 34  ? -11.09702 -10.86191 -6.36847  1.000 15.96559 ? 34  ALA A C   1 
ATOM   250  O O   . ALA A 1 34  ? -9.92233  -11.14655 -6.61569  1.000 17.70634 ? 34  ALA A O   1 
ATOM   251  C CB  . ALA A 1 34  ? -12.04868 -10.59650 -4.06448  1.000 21.17906 ? 34  ALA A CB  1 
ATOM   252  N N   . GLY A 1 35  ? -11.78240 -9.93996  -7.04553  1.000 14.54371 ? 35  GLY A N   1 
ATOM   253  C CA  . GLY A 1 35  ? -11.18109 -9.17219  -8.11298  1.000 15.94618 ? 35  GLY A CA  1 
ATOM   254  C C   . GLY A 1 35  ? -10.27180 -8.07655  -7.58815  1.000 15.37675 ? 35  GLY A C   1 
ATOM   255  O O   . GLY A 1 35  ? -10.11882 -7.86671  -6.38275  1.000 15.95693 ? 35  GLY A O   1 
ATOM   256  N N   . VAL A 1 36  ? -9.67435  -7.34602  -8.53122  1.000 15.35446 ? 36  VAL A N   1 
ATOM   257  C CA  . VAL A 1 36  ? -8.67052  -6.35308  -8.14925  1.000 12.45842 ? 36  VAL A CA  1 
ATOM   258  C C   . VAL A 1 36  ? -9.28850  -5.21509  -7.33488  1.000 15.50353 ? 36  VAL A C   1 
ATOM   259  O O   . VAL A 1 36  ? -8.61554  -4.64076  -6.47469  1.000 12.68516 ? 36  VAL A O   1 
ATOM   260  C CB  . VAL A 1 36  ? -7.92319  -5.82935  -9.39335  1.000 14.72882 ? 36  VAL A CB  1 
ATOM   261  C CG1 . VAL A 1 36  ? -8.80495  -4.92705  -10.22765 1.000 14.83409 ? 36  VAL A CG1 1 
ATOM   262  C CG2 . VAL A 1 36  ? -6.63530  -5.08740  -8.97837  1.000 14.02068 ? 36  VAL A CG2 1 
ATOM   263  N N   . GLU A 1 37  ? -10.56624 -4.88245  -7.55538  1.000 15.63610 ? 37  GLU A N   1 
ATOM   264  C CA  . GLU A 1 37  ? -11.17102 -3.77522  -6.81439  1.000 15.01839 ? 37  GLU A CA  1 
ATOM   265  C C   . GLU A 1 37  ? -11.25707 -4.09036  -5.32350  1.000 13.95464 ? 37  GLU A C   1 
ATOM   266  O O   . GLU A 1 37  ? -10.85330 -3.28002  -4.47349  1.000 16.78587 ? 37  GLU A O   1 
ATOM   267  C CB  . GLU A 1 37  ? -12.56351 -3.45718  -7.37299  1.000 13.52040 ? 37  GLU A CB  1 
ATOM   268  C CG  . GLU A 1 37  ? -12.56823 -2.97371  -8.79796  1.000 16.71407 ? 37  GLU A CG  1 
ATOM   269  C CD  . GLU A 1 37  ? -12.64701 -4.10404  -9.80574  1.000 18.45251 ? 37  GLU A CD  1 
ATOM   270  O OE1 . GLU A 1 37  ? -12.55844 -5.28941  -9.40730  1.000 19.00122 ? 37  GLU A OE1 1 
ATOM   271  O OE2 . GLU A 1 37  ? -12.79772 -3.79577  -11.00560 1.000 21.42754 ? 37  GLU A OE2 1 
ATOM   272  N N   . GLN A 1 38  ? -11.79046 -5.26627  -4.98053  1.000 15.28187 ? 38  GLN A N   1 
ATOM   273  C CA  . GLN A 1 38  ? -11.90858 -5.62841  -3.57562  1.000 17.73543 ? 38  GLN A CA  1 
ATOM   274  C C   . GLN A 1 38  ? -10.53672 -5.83696  -2.93917  1.000 14.61612 ? 38  GLN A C   1 
ATOM   275  O O   . GLN A 1 38  ? -10.31519 -5.45264  -1.78113  1.000 16.52773 ? 38  GLN A O   1 
ATOM   276  C CB  . GLN A 1 38  ? -12.77065 -6.88074  -3.42903  1.000 19.15806 ? 38  GLN A CB  1 
ATOM   277  C CG  . GLN A 1 38  ? -12.96959 -7.30358  -1.98573  1.000 20.58211 ? 38  GLN A CG  1 
ATOM   278  C CD  . GLN A 1 38  ? -13.73612 -8.60118  -1.85074  1.000 23.62621 ? 38  GLN A CD  1 
ATOM   279  O OE1 . GLN A 1 38  ? -14.63705 -8.88782  -2.64054  1.000 30.98876 ? 38  GLN A OE1 1 
ATOM   280  N NE2 . GLN A 1 38  ? -13.37065 -9.40275  -0.85445  1.000 24.24902 ? 38  GLN A NE2 1 
ATOM   281  N N   . GLN A 1 39  ? -9.60098  -6.44899  -3.67362  1.000 15.55919 ? 39  GLN A N   1 
ATOM   282  C CA  . GLN A 1 39  ? -8.25657  -6.60951  -3.12303  1.000 14.01299 ? 39  GLN A CA  1 
ATOM   283  C C   . GLN A 1 39  ? -7.61497  -5.25672  -2.86172  1.000 12.72605 ? 39  GLN A C   1 
ATOM   284  O O   . GLN A 1 39  ? -6.92913  -5.07357  -1.84858  1.000 12.58317 ? 39  GLN A O   1 
ATOM   285  C CB  . GLN A 1 39  ? -7.37571  -7.44378  -4.05247  1.000 11.77815 ? 39  GLN A CB  1 
ATOM   286  C CG  . GLN A 1 39  ? -7.77004  -8.91633  -4.11159  1.000 12.29270 ? 39  GLN A CG  1 
ATOM   287  C CD  . GLN A 1 39  ? -6.70551  -9.78294  -4.75356  1.000 14.80811 ? 39  GLN A CD  1 
ATOM   288  O OE1 . GLN A 1 39  ? -5.58102  -9.33731  -4.98916  1.000 13.09869 ? 39  GLN A OE1 1 
ATOM   289  N NE2 . GLN A 1 39  ? -7.05703  -11.03120 -5.04658  1.000 17.72591 ? 39  GLN A NE2 1 
ATOM   290  N N   . THR A 1 40  ? -7.82951  -4.29104  -3.75966  1.000 11.95876 ? 40  THR A N   1 
ATOM   291  C CA  . THR A 1 40  ? -7.27451  -2.95859  -3.55083  1.000 11.34944 ? 40  THR A CA  1 
ATOM   292  C C   . THR A 1 40  ? -7.88815  -2.30487  -2.32100  1.000 13.58474 ? 40  THR A C   1 
ATOM   293  O O   . THR A 1 40  ? -7.17468  -1.68156  -1.52355  1.000 12.12316 ? 40  THR A O   1 
ATOM   294  C CB  . THR A 1 40  ? -7.48316  -2.09709  -4.80480  1.000 11.95964 ? 40  THR A CB  1 
ATOM   295  O OG1 . THR A 1 40  ? -6.80832  -2.71055  -5.90907  1.000 14.06431 ? 40  THR A OG1 1 
ATOM   296  C CG2 . THR A 1 40  ? -6.91535  -0.69573  -4.62283  1.000 12.05444 ? 40  THR A CG2 1 
ATOM   297  N N   . ARG A 1 41  ? -9.20790  -2.45070  -2.13238  1.000 14.43130 ? 41  ARG A N   1 
ATOM   298  C CA  . ARG A 1 41  ? -9.83175  -1.91426  -0.92009  1.000 16.59437 ? 41  ARG A CA  1 
ATOM   299  C C   . ARG A 1 41  ? -9.19968  -2.50089  0.33400   1.000 12.89938 ? 41  ARG A C   1 
ATOM   300  O O   . ARG A 1 41  ? -8.93604  -1.77852  1.30437   1.000 14.51434 ? 41  ARG A O   1 
ATOM   301  C CB  . ARG A 1 41  ? -11.33733 -2.19483  -0.91344  1.000 18.45626 ? 41  ARG A CB  1 
ATOM   302  C CG  . ARG A 1 41  ? -12.15421 -1.30105  -1.84063  1.000 21.70165 ? 41  ARG A CG  1 
ATOM   303  C CD  . ARG A 1 41  ? -13.66368 -1.47572  -1.60650  1.000 29.01129 ? 41  ARG A CD  1 
ATOM   304  N NE  . ARG A 1 41  ? -14.19716 -2.68086  -2.22925  1.000 31.45267 ? 41  ARG A NE  1 
ATOM   305  C CZ  . ARG A 1 41  ? -14.51425 -2.77775  -3.51253  1.000 26.07782 ? 41  ARG A CZ  1 
ATOM   306  N NH1 . ARG A 1 41  ? -14.32179 -1.76847  -4.34946  1.000 26.15151 ? 41  ARG A NH1 1 
ATOM   307  N NH2 . ARG A 1 41  ? -15.03339 -3.91539  -3.96968  1.000 26.20771 ? 41  ARG A NH2 1 
ATOM   308  N N   . GLU A 1 42  ? -8.95383  -3.81391  0.32497   1.000 14.08767 ? 42  GLU A N   1 
ATOM   309  C CA  . GLU A 1 42  ? -8.38607  -4.47192  1.49616   1.000 12.00900 ? 42  GLU A CA  1 
ATOM   310  C C   . GLU A 1 42  ? -6.95643  -3.99871  1.74440   1.000 14.48358 ? 42  GLU A C   1 
ATOM   311  O O   . GLU A 1 42  ? -6.55690  -3.77127  2.89527   1.000 14.92392 ? 42  GLU A O   1 
ATOM   312  C CB  . GLU A 1 42  ? -8.47750  -5.99189  1.31935   1.000 13.80490 ? 42  GLU A CB  1 
ATOM   313  C CG  . GLU A 1 42  ? -9.95369  -6.46632  1.33438   1.000 16.93120 ? 42  GLU A CG  1 
ATOM   314  C CD  . GLU A 1 42  ? -10.17983 -7.89775  0.85796   1.000 21.18875 ? 42  GLU A CD  1 
ATOM   315  O OE1 . GLU A 1 42  ? -9.24043  -8.54429  0.35267   1.000 17.47889 ? 42  GLU A OE1 1 
ATOM   316  O OE2 . GLU A 1 42  ? -11.33250 -8.38280  0.97907   1.000 20.17303 ? 42  GLU A OE2 1 
ATOM   317  N N   . VAL A 1 43  ? -6.18875  -3.80701  0.66870   1.000 12.64048 ? 43  VAL A N   1 
ATOM   318  C CA  . VAL A 1 43  ? -4.83604  -3.26157  0.79225   1.000 11.24811 ? 43  VAL A CA  1 
ATOM   319  C C   . VAL A 1 43  ? -4.87126  -1.88109  1.42833   1.000 12.77578 ? 43  VAL A C   1 
ATOM   320  O O   . VAL A 1 43  ? -4.05985  -1.55699  2.30711   1.000 12.90085 ? 43  VAL A O   1 
ATOM   321  C CB  . VAL A 1 43  ? -4.15135  -3.20238  -0.58410  1.000 9.31975  ? 43  VAL A CB  1 
ATOM   322  C CG1 . VAL A 1 43  ? -2.85043  -2.38358  -0.49470  1.000 12.81176 ? 43  VAL A CG1 1 
ATOM   323  C CG2 . VAL A 1 43  ? -3.83973  -4.57819  -1.07348  1.000 12.58161 ? 43  VAL A CG2 1 
ATOM   324  N N   . LEU A 1 44  ? -5.78173  -1.02751  0.96054   1.000 11.80814 ? 44  LEU A N   1 
ATOM   325  C CA  . LEU A 1 44  ? -5.81491  0.33647   1.46872   1.000 11.84974 ? 44  LEU A CA  1 
ATOM   326  C C   . LEU A 1 44  ? -6.24412  0.36051   2.93371   1.000 12.91603 ? 44  LEU A C   1 
ATOM   327  O O   . LEU A 1 44  ? -5.70792  1.14415   3.73087   1.000 11.64659 ? 44  LEU A O   1 
ATOM   328  C CB  . LEU A 1 44  ? -6.73031  1.19332   0.59616   1.000 12.35501 ? 44  LEU A CB  1 
ATOM   329  C CG  . LEU A 1 44  ? -6.34201  1.29905   -0.88148  1.000 12.21344 ? 44  LEU A CG  1 
ATOM   330  C CD1 . LEU A 1 44  ? -7.37709  2.12319   -1.60454  1.000 14.54996 ? 44  LEU A CD1 1 
ATOM   331  C CD2 . LEU A 1 44  ? -4.98950  1.93886   -1.03119  1.000 12.53086 ? 44  LEU A CD2 1 
ATOM   332  N N   . ASN A 1 45  ? -7.18247  -0.51513  3.31757   1.000 13.63605 ? 45  ASN A N   1 
ATOM   333  C CA  . ASN A 1 45  ? -7.54120  -0.63730  4.73220   1.000 13.72431 ? 45  ASN A CA  1 
ATOM   334  C C   . ASN A 1 45  ? -6.33256  -1.03307  5.57594   1.000 14.00994 ? 45  ASN A C   1 
ATOM   335  O O   . ASN A 1 45  ? -6.09896  -0.47402  6.66264   1.000 13.93596 ? 45  ASN A O   1 
ATOM   336  C CB  . ASN A 1 45  ? -8.66381  -1.66396  4.91407   1.000 15.81807 ? 45  ASN A CB  1 
ATOM   337  C CG  . ASN A 1 45  ? -9.98522  -1.20339  4.32920   1.000 17.44144 ? 45  ASN A CG  1 
ATOM   338  O OD1 . ASN A 1 45  ? -10.19701 -0.01581  4.09717   1.000 20.03547 ? 45  ASN A OD1 1 
ATOM   339  N ND2 . ASN A 1 45  ? -10.89182 -2.14939  4.10742   1.000 21.98994 ? 45  ASN A ND2 1 
ATOM   340  N N   . SER A 1 46  ? -5.56892  -2.02727  5.10202   1.000 12.99424 ? 46  SER A N   1 
ATOM   341  C CA  . SER A 1 46  ? -4.37001  -2.45802  5.81727   1.000 11.49532 ? 46  SER A CA  1 
ATOM   342  C C   . SER A 1 46  ? -3.36950  -1.31780  5.96296   1.000 13.94148 ? 46  SER A C   1 
ATOM   343  O O   . SER A 1 46  ? -2.77237  -1.12897  7.03281   1.000 14.16935 ? 46  SER A O   1 
ATOM   344  C CB  . SER A 1 46  ? -3.72943  -3.63463  5.08336   1.000 13.73687 ? 46  SER A CB  1 
ATOM   345  O OG  . SER A 1 46  ? -4.55725  -4.78877  5.13415   1.000 22.98123 ? 46  SER A OG  1 
ATOM   346  N N   . ILE A 1 47  ? -3.15947  -0.56021  4.88373   1.000 11.46476 ? 47  ILE A N   1 
ATOM   347  C CA  . ILE A 1 47  ? -2.24630  0.57934   4.94403   1.000 9.80755  ? 47  ILE A CA  1 
ATOM   348  C C   . ILE A 1 47  ? -2.71107  1.57363   5.99542   1.000 11.82709 ? 47  ILE A C   1 
ATOM   349  O O   . ILE A 1 47  ? -1.90018  2.09870   6.76774   1.000 13.15115 ? 47  ILE A O   1 
ATOM   350  C CB  . ILE A 1 47  ? -2.12140  1.23726   3.55046   1.000 7.74207  ? 47  ILE A CB  1 
ATOM   351  C CG1 . ILE A 1 47  ? -1.29005  0.33877   2.61850   1.000 9.43641  ? 47  ILE A CG1 1 
ATOM   352  C CG2 . ILE A 1 47  ? -1.49482  2.62853   3.65075   1.000 10.02184 ? 47  ILE A CG2 1 
ATOM   353  C CD1 . ILE A 1 47  ? -1.42967  0.67688   1.14934   1.000 10.90848 ? 47  ILE A CD1 1 
ATOM   354  N N   . GLU A 1 48  ? -4.01818  1.85273   6.03844   1.000 12.42507 ? 48  GLU A N   1 
ATOM   355  C CA  . GLU A 1 48  ? -4.52855  2.80507   7.02161   1.000 11.61483 ? 48  GLU A CA  1 
ATOM   356  C C   . GLU A 1 48  ? -4.24078  2.32683   8.43791   1.000 13.27306 ? 48  GLU A C   1 
ATOM   357  O O   . GLU A 1 48  ? -3.81883  3.11530   9.29513   1.000 16.13678 ? 48  GLU A O   1 
ATOM   358  C CB  . GLU A 1 48  ? -6.02885  3.03356   6.81019   1.000 14.71199 ? 48  GLU A CB  1 
ATOM   359  C CG  . GLU A 1 48  ? -6.36331  3.80917   5.53567   1.000 14.62266 ? 48  GLU A CG  1 
ATOM   360  C CD  . GLU A 1 48  ? -7.86140  4.01671   5.32973   1.000 21.39247 ? 48  GLU A CD  1 
ATOM   361  O OE1 . GLU A 1 48  ? -8.63027  3.88114   6.30382   1.000 26.01772 ? 48  GLU A OE1 1 
ATOM   362  O OE2 . GLU A 1 48  ? -8.27328  4.31992   4.18906   1.000 19.98029 ? 48  GLU A OE2 1 
ATOM   363  N N   . ARG A 1 49  ? -4.43103  1.03045   8.69728   1.000 14.94608 ? 49  ARG A N   1 
ATOM   364  C CA  . ARG A 1 49  ? -4.12196  0.51670   10.03386  1.000 12.46959 ? 49  ARG A CA  1 
ATOM   365  C C   . ARG A 1 49  ? -2.64296  0.69405   10.36885  1.000 13.53789 ? 49  ARG A C   1 
ATOM   366  O O   . ARG A 1 49  ? -2.28361  1.07723   11.49747  1.000 13.43224 ? 49  ARG A O   1 
ATOM   367  C CB  . ARG A 1 49  ? -4.52261  -0.95431  10.14424  1.000 15.92791 ? 49  ARG A CB  1 
ATOM   368  C CG  . ARG A 1 49  ? -6.02902  -1.18158  10.10582  1.000 20.83340 ? 49  ARG A CG  1 
ATOM   369  C CD  . ARG A 1 49  ? -6.39190  -2.61781  10.46311  1.000 21.44643 ? 49  ARG A CD  1 
ATOM   370  N NE  . ARG A 1 49  ? -5.90869  -3.58867  9.48551   1.000 22.87804 ? 49  ARG A NE  1 
ATOM   371  C CZ  . ARG A 1 49  ? -6.60112  -3.99538  8.42784   1.000 23.85331 ? 49  ARG A CZ  1 
ATOM   372  N NH1 . ARG A 1 49  ? -7.80316  -3.51314  8.16186   1.000 22.36261 ? 49  ARG A NH1 1 
ATOM   373  N NH2 . ARG A 1 49  ? -6.07445  -4.90973  7.61878   1.000 25.35914 ? 49  ARG A NH2 1 
ATOM   374  N N   . LEU A 1 50  ? -1.76561  0.42088   9.39747   1.000 11.52731 ? 50  LEU A N   1 
ATOM   375  C CA  . LEU A 1 50  ? -0.33569  0.54766   9.65764   1.000 12.40919 ? 50  LEU A CA  1 
ATOM   376  C C   . LEU A 1 50  ? 0.06154   2.00625   9.86173   1.000 12.76145 ? 50  LEU A C   1 
ATOM   377  O O   . LEU A 1 50  ? 0.92550   2.31068   10.69212  1.000 11.74431 ? 50  LEU A O   1 
ATOM   378  C CB  . LEU A 1 50  ? 0.46480   -0.07647  8.51253   1.000 10.17099 ? 50  LEU A CB  1 
ATOM   379  C CG  . LEU A 1 50  ? 0.32237   -1.58681  8.32047   1.000 11.31735 ? 50  LEU A CG  1 
ATOM   380  C CD1 . LEU A 1 50  ? 1.17756   -2.04606  7.15971   1.000 10.27304 ? 50  LEU A CD1 1 
ATOM   381  C CD2 . LEU A 1 50  ? 0.68176   -2.35643  9.59438   1.000 10.39338 ? 50  LEU A CD2 1 
ATOM   382  N N   . LEU A 1 51  ? -0.54009  2.91914   9.10012   1.000 11.97015 ? 51  LEU A N   1 
ATOM   383  C CA  . LEU A 1 51  ? -0.24081  4.33243   9.29334   1.000 14.66082 ? 51  LEU A CA  1 
ATOM   384  C C   . LEU A 1 51  ? -0.69358  4.79414   10.67506  1.000 13.51804 ? 51  LEU A C   1 
ATOM   385  O O   . LEU A 1 51  ? 0.01309   5.56380   11.33890  1.000 12.94853 ? 51  LEU A O   1 
ATOM   386  C CB  . LEU A 1 51  ? -0.88327  5.17375   8.18600   1.000 14.56078 ? 51  LEU A CB  1 
ATOM   387  C CG  . LEU A 1 51  ? -0.31832  4.95254   6.77686   1.000 15.36254 ? 51  LEU A CG  1 
ATOM   388  C CD1 . LEU A 1 51  ? -0.98809  5.90095   5.80191   1.000 20.44066 ? 51  LEU A CD1 1 
ATOM   389  C CD2 . LEU A 1 51  ? 1.20339   5.12906   6.74836   1.000 15.53135 ? 51  LEU A CD2 1 
ATOM   390  N N   . ASP A 1 52  ? -1.86189  4.32239   11.12744  1.000 13.52859 ? 52  ASP A N   1 
ATOM   391  C CA  . ASP A 1 52  ? -2.29944  4.59827   12.49696  1.000 14.49551 ? 52  ASP A CA  1 
ATOM   392  C C   . ASP A 1 52  ? -1.23690  4.17744   13.50877  1.000 14.99145 ? 52  ASP A C   1 
ATOM   393  O O   . ASP A 1 52  ? -0.90925  4.93022   14.43898  1.000 15.73316 ? 52  ASP A O   1 
ATOM   394  C CB  . ASP A 1 52  ? -3.61413  3.86926   12.80677  1.000 14.25421 ? 52  ASP A CB  1 
ATOM   395  C CG  . ASP A 1 52  ? -4.83721  4.47933   12.11323  1.000 22.12004 ? 52  ASP A CG  1 
ATOM   396  O OD1 . ASP A 1 52  ? -4.79131  5.64431   11.65516  1.000 22.66961 ? 52  ASP A OD1 1 
ATOM   397  O OD2 . ASP A 1 52  ? -5.87434  3.77185   12.06200  1.000 22.86019 ? 52  ASP A OD2 1 
ATOM   398  N N   . LEU A 1 53  ? -0.69949  2.95827   13.35492  1.000 14.30795 ? 53  LEU A N   1 
ATOM   399  C CA  . LEU A 1 53  ? 0.32052   2.49560   14.30195  1.000 12.53981 ? 53  LEU A CA  1 
ATOM   400  C C   . LEU A 1 53  ? 1.59810   3.32484   14.20900  1.000 16.28223 ? 53  LEU A C   1 
ATOM   401  O O   . LEU A 1 53  ? 2.24778   3.59761   15.22789  1.000 16.30024 ? 53  LEU A O   1 
ATOM   402  C CB  . LEU A 1 53  ? 0.64328   1.01793   14.07313  1.000 15.81059 ? 53  LEU A CB  1 
ATOM   403  C CG  . LEU A 1 53  ? -0.42032  0.00364   14.46433  1.000 18.60889 ? 53  LEU A CG  1 
ATOM   404  C CD1 . LEU A 1 53  ? 0.05168   -1.37570  14.05399  1.000 17.57701 ? 53  LEU A CD1 1 
ATOM   405  C CD2 . LEU A 1 53  ? -0.66759  0.05537   15.96436  1.000 18.41761 ? 53  LEU A CD2 1 
ATOM   406  N N   . ALA A 1 54  ? 1.97826   3.72629   12.99386  1.000 13.54370 ? 54  ALA A N   1 
ATOM   407  C CA  . ALA A 1 54  ? 3.20867   4.48153   12.78789  1.000 13.96140 ? 54  ALA A CA  1 
ATOM   408  C C   . ALA A 1 54  ? 3.12553   5.90095   13.34024  1.000 16.26070 ? 54  ALA A C   1 
ATOM   409  O O   . ALA A 1 54  ? 4.16609   6.53403   13.56092  1.000 19.40323 ? 54  ALA A O   1 
ATOM   410  C CB  . ALA A 1 54  ? 3.54421   4.51958   11.29045  1.000 14.14671 ? 54  ALA A CB  1 
ATOM   411  N N   . GLY A 1 55  ? 1.92844   6.40704   13.58513  1.000 14.35765 ? 55  GLY A N   1 
ATOM   412  C CA  . GLY A 1 55  ? 1.76524   7.76127   14.06339  1.000 16.22130 ? 55  GLY A CA  1 
ATOM   413  C C   . GLY A 1 55  ? 1.46404   8.78030   12.99060  1.000 17.34781 ? 55  GLY A C   1 
ATOM   414  O O   . GLY A 1 55  ? 1.70624   9.97250   13.21789  1.000 17.33239 ? 55  GLY A O   1 
ATOM   415  N N   . THR A 1 56  ? 0.96072   8.36703   11.84308  1.000 14.86529 ? 56  THR A N   1 
ATOM   416  C CA  . THR A 1 56  ? 0.59686   9.32669   10.80843  1.000 15.78076 ? 56  THR A CA  1 
ATOM   417  C C   . THR A 1 56  ? -0.73797  8.89078   10.21387  1.000 15.58902 ? 56  THR A C   1 
ATOM   418  O O   . THR A 1 56  ? -1.48758  8.12302   10.82816  1.000 16.19972 ? 56  THR A O   1 
ATOM   419  C CB  . THR A 1 56  ? 1.73135   9.47962   9.78891   1.000 14.81337 ? 56  THR A CB  1 
ATOM   420  O OG1 . THR A 1 56  ? 1.41961   10.57808  8.92633   1.000 14.63968 ? 56  THR A OG1 1 
ATOM   421  C CG2 . THR A 1 56  ? 1.92686   8.20187   8.97016   1.000 14.34090 ? 56  THR A CG2 1 
ATOM   422  N N   . ASP A 1 57  ? -1.06642  9.41487   9.03230   1.000 13.95741 ? 57  ASP A N   1 
ATOM   423  C CA  . ASP A 1 57  ? -2.37986  9.21776   8.43478   1.000 15.50135 ? 57  ASP A CA  1 
ATOM   424  C C   . ASP A 1 57  ? -2.27632  9.35547   6.92091   1.000 15.32094 ? 57  ASP A C   1 
ATOM   425  O O   . ASP A 1 57  ? -1.24024  9.74473   6.37610   1.000 13.60155 ? 57  ASP A O   1 
ATOM   426  C CB  . ASP A 1 57  ? -3.40002  10.21513  8.98799   1.000 15.27910 ? 57  ASP A CB  1 
ATOM   427  C CG  . ASP A 1 57  ? -3.14626  11.62082  8.49450   1.000 18.22084 ? 57  ASP A CG  1 
ATOM   428  O OD1 . ASP A 1 57  ? -2.27744  12.31020  9.06899   1.000 20.83927 ? 57  ASP A OD1 1 
ATOM   429  O OD2 . ASP A 1 57  ? -3.79784  12.01462  7.50930   1.000 22.24015 ? 57  ASP A OD2 1 
ATOM   430  N N   . LYS A 1 58  ? -3.38017  9.04429   6.23946   1.000 16.36723 ? 58  LYS A N   1 
ATOM   431  C CA  . LYS A 1 58  ? -3.31023  8.87108   4.79288   1.000 18.08201 ? 58  LYS A CA  1 
ATOM   432  C C   . LYS A 1 58  ? -3.18862  10.18580  4.02545   1.000 18.63706 ? 58  LYS A C   1 
ATOM   433  O O   . LYS A 1 58  ? -2.93958  10.14275  2.81679   1.000 18.98200 ? 58  LYS A O   1 
ATOM   434  C CB  . LYS A 1 58  ? -4.51980  8.06933   4.29888   1.000 19.75565 ? 58  LYS A CB  1 
ATOM   435  C CG  . LYS A 1 58  ? -5.86592  8.70394   4.55400   1.000 20.81176 ? 58  LYS A CG  1 
ATOM   436  C CD  . LYS A 1 58  ? -6.97121  7.89722   3.87043   1.000 21.43031 ? 58  LYS A CD  1 
ATOM   437  C CE  . LYS A 1 58  ? -8.31969  8.60173   3.99021   1.000 29.73691 ? 58  LYS A CE  1 
ATOM   438  N NZ  . LYS A 1 58  ? -9.32380  8.06990   3.02313   1.000 30.43608 ? 58  LYS A NZ  1 
ATOM   439  N N   . THR A 1 59  ? -3.32178  11.34049  4.68283   1.000 17.23108 ? 59  THR A N   1 
ATOM   440  C CA  . THR A 1 59  ? -2.99653  12.61442  4.04393   1.000 18.47546 ? 59  THR A CA  1 
ATOM   441  C C   . THR A 1 59  ? -1.50782  12.94604  4.07519   1.000 16.51514 ? 59  THR A C   1 
ATOM   442  O O   . THR A 1 59  ? -1.11859  14.01284  3.58444   1.000 17.54305 ? 59  THR A O   1 
ATOM   443  C CB  . THR A 1 59  ? -3.77266  13.76314  4.69457   1.000 22.43798 ? 59  THR A CB  1 
ATOM   444  O OG1 . THR A 1 59  ? -3.25246  14.03982  6.00649   1.000 22.00631 ? 59  THR A OG1 1 
ATOM   445  C CG2 . THR A 1 59  ? -5.24509  13.40750  4.78433   1.000 19.39558 ? 59  THR A CG2 1 
ATOM   446  N N   . ARG A 1 60  ? -0.66600  12.07485  4.63248   1.000 13.75538 ? 60  ARG A N   1 
ATOM   447  C CA  . ARG A 1 60  ? 0.76587   12.33578  4.68698   1.000 12.19096 ? 60  ARG A CA  1 
ATOM   448  C C   . ARG A 1 60  ? 1.55599   11.25800  3.95449   1.000 11.62935 ? 60  ARG A C   1 
ATOM   449  O O   . ARG A 1 60  ? 2.68540   10.93711  4.32362   1.000 11.47278 ? 60  ARG A O   1 
ATOM   450  C CB  . ARG A 1 60  ? 1.22553   12.47769  6.13508   1.000 11.51468 ? 60  ARG A CB  1 
ATOM   451  C CG  . ARG A 1 60  ? 0.71839   13.77105  6.76894   1.000 14.53594 ? 60  ARG A CG  1 
ATOM   452  C CD  . ARG A 1 60  ? 1.03353   13.84947  8.25416   1.000 20.75822 ? 60  ARG A CD  1 
ATOM   453  N NE  . ARG A 1 60  ? 0.84410   15.20303  8.76987   1.000 22.24830 ? 60  ARG A NE  1 
ATOM   454  C CZ  . ARG A 1 60  ? -0.28367  15.65436  9.30284   1.000 27.42802 ? 60  ARG A CZ  1 
ATOM   455  N NH1 . ARG A 1 60  ? -1.33650  14.86913  9.46399   1.000 23.29545 ? 60  ARG A NH1 1 
ATOM   456  N NH2 . ARG A 1 60  ? -0.35760  16.92811  9.68167   1.000 28.11434 ? 60  ARG A NH2 1 
ATOM   457  N N   . ILE A 1 61  ? 0.97562   10.70130  2.90240   1.000 10.83627 ? 61  ILE A N   1 
ATOM   458  C CA  . ILE A 1 61  ? 1.67902   9.71156   2.09727   1.000 11.01961 ? 61  ILE A CA  1 
ATOM   459  C C   . ILE A 1 61  ? 2.53795   10.44320  1.08158   1.000 9.60875  ? 61  ILE A C   1 
ATOM   460  O O   . ILE A 1 61  ? 2.13924   11.48088  0.53679   1.000 10.73807 ? 61  ILE A O   1 
ATOM   461  C CB  . ILE A 1 61  ? 0.67995   8.75346   1.42819   1.000 12.64045 ? 61  ILE A CB  1 
ATOM   462  C CG1 . ILE A 1 61  ? -0.09845  8.00022   2.50099   1.000 14.94476 ? 61  ILE A CG1 1 
ATOM   463  C CG2 . ILE A 1 61  ? 1.42104   7.78166   0.49738   1.000 12.82308 ? 61  ILE A CG2 1 
ATOM   464  C CD1 . ILE A 1 61  ? -1.18252  7.13543   1.94270   1.000 16.21330 ? 61  ILE A CD1 1 
ATOM   465  N N   . LEU A 1 62  ? 3.75591   9.95312   0.88180   1.000 9.13483  ? 62  LEU A N   1 
ATOM   466  C CA  . LEU A 1 62  ? 4.69928   10.64852  0.01803   1.000 8.59827  ? 62  LEU A CA  1 
ATOM   467  C C   . LEU A 1 62  ? 4.80890   9.99464   -1.34856  1.000 9.80737  ? 62  LEU A C   1 
ATOM   468  O O   . LEU A 1 62  ? 4.78794   10.69204  -2.37208  1.000 9.22544  ? 62  LEU A O   1 
ATOM   469  C CB  . LEU A 1 62  ? 6.08440   10.71269  0.67772   1.000 8.52215  ? 62  LEU A CB  1 
ATOM   470  C CG  . LEU A 1 62  ? 6.14433   11.30105  2.08957   1.000 9.15786  ? 62  LEU A CG  1 
ATOM   471  C CD1 . LEU A 1 62  ? 7.55169   11.18402  2.64364   1.000 9.66966  ? 62  LEU A CD1 1 
ATOM   472  C CD2 . LEU A 1 62  ? 5.67068   12.75841  2.09542   1.000 11.28023 ? 62  LEU A CD2 1 
ATOM   473  N N   . SER A 1 63  ? 4.91337   8.66370   -1.38133  1.000 9.10895  ? 63  SER A N   1 
ATOM   474  C CA  . SER A 1 63  ? 5.16847   7.96177   -2.63528  1.000 9.24461  ? 63  SER A CA  1 
ATOM   475  C C   . SER A 1 63  ? 4.64608   6.53888   -2.50833  1.000 7.80909  ? 63  SER A C   1 
ATOM   476  O O   . SER A 1 63  ? 4.84853   5.89354   -1.47845  1.000 9.43109  ? 63  SER A O   1 
ATOM   477  C CB  . SER A 1 63  ? 6.67157   7.95612   -2.94979  1.000 8.16343  ? 63  SER A CB  1 
ATOM   478  O OG  . SER A 1 63  ? 6.95622   7.26169   -4.15253  1.000 9.23375  ? 63  SER A OG  1 
ATOM   479  N N   . VAL A 1 64  ? 3.96306   6.05097   -3.54556  1.000 8.44896  ? 64  VAL A N   1 
ATOM   480  C CA  . VAL A 1 64  ? 3.44134   4.68823   -3.55222  1.000 7.95956  ? 64  VAL A CA  1 
ATOM   481  C C   . VAL A 1 64  ? 3.81548   4.04726   -4.87178  1.000 7.77466  ? 64  VAL A C   1 
ATOM   482  O O   . VAL A 1 64  ? 3.63357   4.64840   -5.93806  1.000 7.52341  ? 64  VAL A O   1 
ATOM   483  C CB  . VAL A 1 64  ? 1.91396   4.63598   -3.35272  1.000 7.30767  ? 64  VAL A CB  1 
ATOM   484  C CG1 . VAL A 1 64  ? 1.41463   3.19939   -3.36501  1.000 8.04899  ? 64  VAL A CG1 1 
ATOM   485  C CG2 . VAL A 1 64  ? 1.56105   5.28472   -2.03766  1.000 9.17600  ? 64  VAL A CG2 1 
ATOM   486  N N   . THR A 1 65  ? 4.35139   2.84032   -4.80198  1.000 6.60501  ? 65  THR A N   1 
ATOM   487  C CA  . THR A 1 65  ? 4.56817   2.02972   -5.98657  1.000 8.59663  ? 65  THR A CA  1 
ATOM   488  C C   . THR A 1 65  ? 3.56690   0.88838   -5.96193  1.000 8.22503  ? 65  THR A C   1 
ATOM   489  O O   . THR A 1 65  ? 3.41647   0.20238   -4.94219  1.000 8.17715  ? 65  THR A O   1 
ATOM   490  C CB  . THR A 1 65  ? 6.00715   1.52023   -6.07076  1.000 9.32046  ? 65  THR A CB  1 
ATOM   491  O OG1 . THR A 1 65  ? 6.88291   2.64627   -6.23183  1.000 11.24560 ? 65  THR A OG1 1 
ATOM   492  C CG2 . THR A 1 65  ? 6.16743   0.59013   -7.26810  1.000 9.54400  ? 65  THR A CG2 1 
ATOM   493  N N   . ILE A 1 66  ? 2.85326   0.72733   -7.06896  1.000 8.36765  ? 66  ILE A N   1 
ATOM   494  C CA  . ILE A 1 66  ? 1.76358   -0.22985  -7.19047  1.000 8.39389  ? 66  ILE A CA  1 
ATOM   495  C C   . ILE A 1 66  ? 2.19801   -1.29437  -8.17762  1.000 8.27986  ? 66  ILE A C   1 
ATOM   496  O O   . ILE A 1 66  ? 2.54942   -0.96961  -9.31715  1.000 9.07354  ? 66  ILE A O   1 
ATOM   497  C CB  . ILE A 1 66  ? 0.47819   0.44594   -7.68238  1.000 6.93872  ? 66  ILE A CB  1 
ATOM   498  C CG1 . ILE A 1 66  ? 0.03509   1.51840   -6.68620  1.000 9.64853  ? 66  ILE A CG1 1 
ATOM   499  C CG2 . ILE A 1 66  ? -0.62485  -0.58567  -7.88957  1.000 7.96145  ? 66  ILE A CG2 1 
ATOM   500  C CD1 . ILE A 1 66  ? -1.08716  2.39622   -7.17373  1.000 8.91576  ? 66  ILE A CD1 1 
ATOM   501  N N   . TYR A 1 67  ? 2.15646   -2.55296  -7.74662  1.000 7.87208  ? 67  TYR A N   1 
ATOM   502  C CA  . TYR A 1 67  ? 2.46079   -3.70486  -8.58440  1.000 7.71108  ? 67  TYR A CA  1 
ATOM   503  C C   . TYR A 1 67  ? 1.16814   -4.43621  -8.90546  1.000 10.05654 ? 67  TYR A C   1 
ATOM   504  O O   . TYR A 1 67  ? 0.40889   -4.78095  -7.99598  1.000 10.60146 ? 67  TYR A O   1 
ATOM   505  C CB  . TYR A 1 67  ? 3.42886   -4.65299  -7.87768  1.000 8.83202  ? 67  TYR A CB  1 
ATOM   506  C CG  . TYR A 1 67  ? 4.70122   -3.99463  -7.38927  1.000 8.13644  ? 67  TYR A CG  1 
ATOM   507  C CD1 . TYR A 1 67  ? 5.76325   -3.75977  -8.25950  1.000 7.96834  ? 67  TYR A CD1 1 
ATOM   508  C CD2 . TYR A 1 67  ? 4.84156   -3.61503  -6.05678  1.000 9.34197  ? 67  TYR A CD2 1 
ATOM   509  C CE1 . TYR A 1 67  ? 6.91959   -3.16557  -7.82370  1.000 9.48685  ? 67  TYR A CE1 1 
ATOM   510  C CE2 . TYR A 1 67  ? 5.99367   -3.01255  -5.60826  1.000 8.24047  ? 67  TYR A CE2 1 
ATOM   511  C CZ  . TYR A 1 67  ? 7.03441   -2.79344  -6.48973  1.000 9.41220  ? 67  TYR A CZ  1 
ATOM   512  O OH  . TYR A 1 67  ? 8.19121   -2.20213  -6.03861  1.000 8.65500  ? 67  TYR A OH  1 
ATOM   513  N N   . LEU A 1 68  ? 0.93935   -4.69995  -10.18986 1.000 8.98740  ? 68  LEU A N   1 
ATOM   514  C CA  . LEU A 1 68  ? -0.23024  -5.44409  -10.64083 1.000 10.17155 ? 68  LEU A CA  1 
ATOM   515  C C   . LEU A 1 68  ? 0.22167   -6.72524  -11.31571 1.000 10.84701 ? 68  LEU A C   1 
ATOM   516  O O   . LEU A 1 68  ? 1.17643   -6.72042  -12.10267 1.000 9.70964  ? 68  LEU A O   1 
ATOM   517  C CB  . LEU A 1 68  ? -1.09067  -4.62812  -11.61625 1.000 10.20258 ? 68  LEU A CB  1 
ATOM   518  C CG  . LEU A 1 68  ? -1.83396  -3.43727  -11.01298 1.000 10.63284 ? 68  LEU A CG  1 
ATOM   519  C CD1 . LEU A 1 68  ? -2.37977  -2.49051  -12.08506 1.000 13.14444 ? 68  LEU A CD1 1 
ATOM   520  C CD2 . LEU A 1 68  ? -2.97183  -3.94243  -10.11369 1.000 11.86790 ? 68  LEU A CD2 1 
ATOM   521  N N   . LYS A 1 69  ? -0.48168  -7.82098  -11.02307 1.000 8.31598  ? 69  LYS A N   1 
ATOM   522  C CA  . LYS A 1 69  ? -0.18958  -9.08275  -11.70091 1.000 11.00325 ? 69  LYS A CA  1 
ATOM   523  C C   . LYS A 1 69  ? -0.39860  -8.96283  -13.20551 1.000 13.45748 ? 69  LYS A C   1 
ATOM   524  O O   . LYS A 1 69  ? 0.40043   -9.48028  -13.99407 1.000 13.09826 ? 69  LYS A O   1 
ATOM   525  C CB  . LYS A 1 69  ? -1.06076  -10.20354 -11.13630 1.000 12.97332 ? 69  LYS A CB  1 
ATOM   526  C CG  . LYS A 1 69  ? -0.87882  -11.54026 -11.85695 1.000 17.14630 ? 69  LYS A CG  1 
ATOM   527  C CD  . LYS A 1 69  ? -1.84335  -12.59382 -11.33366 1.000 16.75912 ? 69  LYS A CD  1 
ATOM   528  C CE  . LYS A 1 69  ? -1.90915  -13.78434 -12.26840 1.000 18.68597 ? 69  LYS A CE  1 
ATOM   529  N NZ  . LYS A 1 69  ? -2.96425  -14.73145 -11.79634 1.000 25.81276 ? 69  LYS A NZ  1 
ATOM   530  N N   . ASP A 1 70  ? -1.46095  -8.27588  -13.61943 1.000 10.29189 ? 70  ASP A N   1 
ATOM   531  C CA  . ASP A 1 70  ? -1.81612  -8.11672  -15.03176 1.000 13.44951 ? 70  ASP A CA  1 
ATOM   532  C C   . ASP A 1 70  ? -2.23294  -6.66108  -15.21279 1.000 11.36689 ? 70  ASP A C   1 
ATOM   533  O O   . ASP A 1 70  ? -3.37598  -6.31082  -14.92052 1.000 12.41498 ? 70  ASP A O   1 
ATOM   534  C CB  . ASP A 1 70  ? -2.93992  -9.07980  -15.40757 1.000 16.02294 ? 70  ASP A CB  1 
ATOM   535  C CG  . ASP A 1 70  ? -3.25557  -9.08285  -16.89585 1.000 19.80069 ? 70  ASP A CG  1 
ATOM   536  O OD1 . ASP A 1 70  ? -3.08869  -8.04392  -17.56421 1.000 16.82189 ? 70  ASP A OD1 1 
ATOM   537  O OD2 . ASP A 1 70  ? -3.69351  -10.14341 -17.39405 1.000 21.70212 ? 70  ASP A OD2 1 
ATOM   538  N N   . ILE A 1 71  ? -1.31204  -5.81104  -15.67498 1.000 10.00965 ? 71  ILE A N   1 
ATOM   539  C CA  . ILE A 1 71  ? -1.62609  -4.38448  -15.72474 1.000 11.07898 ? 71  ILE A CA  1 
ATOM   540  C C   . ILE A 1 71  ? -2.68822  -4.09776  -16.78397 1.000 14.39749 ? 71  ILE A C   1 
ATOM   541  O O   . ILE A 1 71  ? -3.58491  -3.26873  -16.56756 1.000 15.03027 ? 71  ILE A O   1 
ATOM   542  C CB  . ILE A 1 71  ? -0.33986  -3.55267  -15.91929 1.000 12.56369 ? 71  ILE A CB  1 
ATOM   543  C CG1 . ILE A 1 71  ? -0.61974  -2.05776  -15.70002 1.000 10.62216 ? 71  ILE A CG1 1 
ATOM   544  C CG2 . ILE A 1 71  ? 0.28662   -3.78776  -17.29432 1.000 11.45253 ? 71  ILE A CG2 1 
ATOM   545  C CD1 . ILE A 1 71  ? 0.61830   -1.27804  -15.23262 1.000 11.53201 ? 71  ILE A CD1 1 
ATOM   546  N N   . ASP A 1 72  ? -2.65682  -4.82495  -17.90689 1.000 13.20610 ? 72  ASP A N   1 
ATOM   547  C CA  . ASP A 1 72  ? -3.68398  -4.62929  -18.92805 1.000 17.01184 ? 72  ASP A CA  1 
ATOM   548  C C   . ASP A 1 72  ? -5.06916  -4.96697  -18.39196 1.000 14.69239 ? 72  ASP A C   1 
ATOM   549  O O   . ASP A 1 72  ? -6.03380  -4.23555  -18.64458 1.000 17.45494 ? 72  ASP A O   1 
ATOM   550  C CB  . ASP A 1 72  ? -3.37525  -5.47117  -20.16849 1.000 15.69586 ? 72  ASP A CB  1 
ATOM   551  C CG  . ASP A 1 72  ? -2.18146  -4.96018  -20.93603 1.000 24.14452 ? 72  ASP A CG  1 
ATOM   552  O OD1 . ASP A 1 72  ? -1.92692  -3.73754  -20.89827 1.000 21.74849 ? 72  ASP A OD1 1 
ATOM   553  O OD2 . ASP A 1 72  ? -1.49564  -5.78331  -21.58061 1.000 27.97222 ? 72  ASP A OD2 1 
ATOM   554  N N   . ALA A 1 73  ? -5.19017  -6.06994  -17.64747 1.000 13.48725 ? 73  ALA A N   1 
ATOM   555  C CA  . ALA A 1 73  ? -6.50413  -6.46663  -17.15034 1.000 13.21539 ? 73  ALA A CA  1 
ATOM   556  C C   . ALA A 1 73  ? -6.99472  -5.54292  -16.04114 1.000 14.98109 ? 73  ALA A C   1 
ATOM   557  O O   . ALA A 1 73  ? -8.18202  -5.19947  -15.99440 1.000 14.28382 ? 73  ALA A O   1 
ATOM   558  C CB  . ALA A 1 73  ? -6.47164  -7.90983  -16.64385 1.000 13.64072 ? 73  ALA A CB  1 
ATOM   559  N N   . ASP A 1 74  ? -6.10803  -5.13547  -15.13413 1.000 12.82167 ? 74  ASP A N   1 
ATOM   560  C CA  . ASP A 1 74  ? -6.54878  -4.64159  -13.83634 1.000 13.11236 ? 74  ASP A CA  1 
ATOM   561  C C   . ASP A 1 74  ? -6.17685  -3.19943  -13.52122 1.000 10.02781 ? 74  ASP A C   1 
ATOM   562  O O   . ASP A 1 74  ? -6.54667  -2.71777  -12.43923 1.000 13.45444 ? 74  ASP A O   1 
ATOM   563  C CB  . ASP A 1 74  ? -6.00564  -5.54643  -12.72694 1.000 11.68735 ? 74  ASP A CB  1 
ATOM   564  C CG  . ASP A 1 74  ? -6.67338  -6.90364  -12.70656 1.000 15.57063 ? 74  ASP A CG  1 
ATOM   565  O OD1 . ASP A 1 74  ? -7.88479  -6.96537  -13.01768 1.000 17.24450 ? 74  ASP A OD1 1 
ATOM   566  O OD2 . ASP A 1 74  ? -6.00122  -7.90290  -12.37282 1.000 14.84734 ? 74  ASP A OD2 1 
ATOM   567  N N   . PHE A 1 75  ? -5.46693  -2.50039  -14.41328 1.000 11.75752 ? 75  PHE A N   1 
ATOM   568  C CA  . PHE A 1 75  ? -5.12729  -1.09971  -14.17341 1.000 10.69190 ? 75  PHE A CA  1 
ATOM   569  C C   . PHE A 1 75  ? -6.37557  -0.27420  -13.88819 1.000 13.80418 ? 75  PHE A C   1 
ATOM   570  O O   . PHE A 1 75  ? -6.42989  0.47854   -12.90937 1.000 14.01878 ? 75  PHE A O   1 
ATOM   571  C CB  . PHE A 1 75  ? -4.37067  -0.55777  -15.38586 1.000 11.85495 ? 75  PHE A CB  1 
ATOM   572  C CG  . PHE A 1 75  ? -3.87169  0.86452   -15.24521 1.000 14.89217 ? 75  PHE A CG  1 
ATOM   573  C CD1 . PHE A 1 75  ? -2.98353  1.21695   -14.23503 1.000 12.66573 ? 75  PHE A CD1 1 
ATOM   574  C CD2 . PHE A 1 75  ? -4.24075  1.83084   -16.16800 1.000 16.59445 ? 75  PHE A CD2 1 
ATOM   575  C CE1 . PHE A 1 75  ? -2.49960  2.51314   -14.13406 1.000 12.34257 ? 75  PHE A CE1 1 
ATOM   576  C CE2 . PHE A 1 75  ? -3.75953  3.12887   -16.07300 1.000 17.39930 ? 75  PHE A CE2 1 
ATOM   577  C CZ  . PHE A 1 75  ? -2.88409  3.46615   -15.04949 1.000 15.13903 ? 75  PHE A CZ  1 
ATOM   578  N N   . ALA A 1 76  ? -7.41185  -0.43389  -14.71435 1.000 15.41236 ? 76  ALA A N   1 
ATOM   579  C CA  . ALA A 1 76  ? -8.58305  0.42377   -14.57229 1.000 15.01111 ? 76  ALA A CA  1 
ATOM   580  C C   . ALA A 1 76  ? -9.35247  0.10254   -13.29643 1.000 12.81348 ? 76  ALA A C   1 
ATOM   581  O O   . ALA A 1 76  ? -9.82613  1.01167   -12.60000 1.000 14.32960 ? 76  ALA A O   1 
ATOM   582  C CB  . ALA A 1 76  ? -9.48131  0.28388   -15.80306 1.000 16.25554 ? 76  ALA A CB  1 
ATOM   583  N N   . GLY A 1 77  ? -9.48868  -1.18150  -12.97234 1.000 12.33784 ? 77  GLY A N   1 
ATOM   584  C CA  . GLY A 1 77  ? -10.18858 -1.54965  -11.75193 1.000 12.83171 ? 77  GLY A CA  1 
ATOM   585  C C   . GLY A 1 77  ? -9.46219  -1.08513  -10.50595 1.000 15.51006 ? 77  GLY A C   1 
ATOM   586  O O   . GLY A 1 77  ? -10.08423 -0.59047  -9.55901  1.000 14.83579 ? 77  GLY A O   1 
ATOM   587  N N   . MET A 1 78  ? -8.13464  -1.24044  -10.48327 1.000 12.60163 ? 78  MET A N   1 
ATOM   588  C CA  . MET A 1 78  ? -7.35132  -0.71549  -9.37380  1.000 12.26792 ? 78  MET A CA  1 
ATOM   589  C C   . MET A 1 78  ? -7.53860  0.79402   -9.24623  1.000 10.42410 ? 78  MET A C   1 
ATOM   590  O O   . MET A 1 78  ? -7.76220  1.31165   -8.14280  1.000 11.61639 ? 78  MET A O   1 
ATOM   591  C CB  . MET A 1 78  ? -5.87167  -1.08356  -9.57499  1.000 10.15305 ? 78  MET A CB  1 
ATOM   592  C CG  . MET A 1 78  ? -4.93689  -0.63930  -8.44380  1.000 10.76455 ? 78  MET A CG  1 
ATOM   593  S SD  . MET A 1 78  ? -4.42566  1.08826   -8.55053  1.000 8.57129  ? 78  MET A SD  1 
ATOM   594  C CE  . MET A 1 78  ? -3.53534  1.06389   -10.10494 1.000 11.15560 ? 78  MET A CE  1 
ATOM   595  N N   . ASN A 1 79  ? -7.43866  1.51752   -10.36830 1.000 11.90691 ? 79  ASN A N   1 
ATOM   596  C CA  . ASN A 1 79  ? -7.60939  2.96778   -10.33482 1.000 10.75198 ? 79  ASN A CA  1 
ATOM   597  C C   . ASN A 1 79  ? -8.97820  3.35513   -9.80647  1.000 12.32901 ? 79  ASN A C   1 
ATOM   598  O O   . ASN A 1 79  ? -9.11393  4.37289   -9.11871  1.000 14.07195 ? 79  ASN A O   1 
ATOM   599  C CB  . ASN A 1 79  ? -7.41913  3.56743   -11.72493 1.000 13.37128 ? 79  ASN A CB  1 
ATOM   600  C CG  . ASN A 1 79  ? -5.98307  3.58810   -12.15373 1.000 15.22430 ? 79  ASN A CG  1 
ATOM   601  O OD1 . ASN A 1 79  ? -5.08103  3.62922   -11.32194 1.000 13.77887 ? 79  ASN A OD1 1 
ATOM   602  N ND2 . ASN A 1 79  ? -5.75747  3.56183   -13.45603 1.000 13.11654 ? 79  ASN A ND2 1 
ATOM   603  N N   . SER A 1 80  ? -10.01367 2.58370   -10.14790 1.000 13.90450 ? 80  SER A N   1 
ATOM   604  C CA  . SER A 1 80  ? -11.35128 2.99202   -9.72859  1.000 13.73536 ? 80  SER A CA  1 
ATOM   605  C C   . SER A 1 80  ? -11.45034 3.08901   -8.21251  1.000 17.03045 ? 80  SER A C   1 
ATOM   606  O O   . SER A 1 80  ? -12.20230 3.92429   -7.69296  1.000 16.72334 ? 80  SER A O   1 
ATOM   607  C CB  . SER A 1 80  ? -12.40365 2.02976   -10.28144 1.000 15.49451 ? 80  SER A CB  1 
ATOM   608  O OG  . SER A 1 80  ? -12.39338 0.80238   -9.58299  1.000 18.21900 ? 80  SER A OG  1 
ATOM   609  N N   . VAL A 1 81  ? -10.68708 2.26963   -7.49269  1.000 12.26413 ? 81  VAL A N   1 
ATOM   610  C CA  . VAL A 1 81  ? -10.64275 2.31590   -6.03093  1.000 14.00488 ? 81  VAL A CA  1 
ATOM   611  C C   . VAL A 1 81  ? -9.62835  3.33974   -5.54688  1.000 16.93605 ? 81  VAL A C   1 
ATOM   612  O O   . VAL A 1 81  ? -9.90971  4.12805   -4.63770  1.000 16.10926 ? 81  VAL A O   1 
ATOM   613  C CB  . VAL A 1 81  ? -10.32142 0.91965   -5.45846  1.000 13.53432 ? 81  VAL A CB  1 
ATOM   614  C CG1 . VAL A 1 81  ? -10.31286 0.95713   -3.93509  1.000 13.10340 ? 81  VAL A CG1 1 
ATOM   615  C CG2 . VAL A 1 81  ? -11.29322 -0.13658  -5.97468  1.000 15.49332 ? 81  VAL A CG2 1 
ATOM   616  N N   . TRP A 1 82  ? -8.43450  3.32484   -6.14612  1.000 14.13614 ? 82  TRP A N   1 
ATOM   617  C CA  . TRP A 1 82  ? -7.36769  4.22892   -5.72016  1.000 12.67628 ? 82  TRP A CA  1 
ATOM   618  C C   . TRP A 1 82  ? -7.80896  5.68798   -5.80050  1.000 12.76975 ? 82  TRP A C   1 
ATOM   619  O O   . TRP A 1 82  ? -7.57295  6.47398   -4.87155  1.000 12.95836 ? 82  TRP A O   1 
ATOM   620  C CB  . TRP A 1 82  ? -6.11344  4.00444   -6.57361  1.000 12.72755 ? 82  TRP A CB  1 
ATOM   621  C CG  . TRP A 1 82  ? -5.09478  5.07941   -6.32888  1.000 10.48199 ? 82  TRP A CG  1 
ATOM   622  C CD1 . TRP A 1 82  ? -5.02222  6.29062   -6.94829  1.000 11.26210 ? 82  TRP A CD1 1 
ATOM   623  C CD2 . TRP A 1 82  ? -4.05041  5.06697   -5.34938  1.000 12.67920 ? 82  TRP A CD2 1 
ATOM   624  N NE1 . TRP A 1 82  ? -3.99178  7.03317   -6.42524  1.000 11.01915 ? 82  TRP A NE1 1 
ATOM   625  C CE2 . TRP A 1 82  ? -3.37374  6.29747   -5.44750  1.000 10.19282 ? 82  TRP A CE2 1 
ATOM   626  C CE3 . TRP A 1 82  ? -3.61636  4.12921   -4.40671  1.000 11.80416 ? 82  TRP A CE3 1 
ATOM   627  C CZ2 . TRP A 1 82  ? -2.28255  6.61944   -4.64214  1.000 9.99770  ? 82  TRP A CZ2 1 
ATOM   628  C CZ3 . TRP A 1 82  ? -2.52771  4.44535   -3.61211  1.000 10.51892 ? 82  TRP A CZ3 1 
ATOM   629  C CH2 . TRP A 1 82  ? -1.87644  5.67999   -3.73211  1.000 11.15880 ? 82  TRP A CH2 1 
ATOM   630  N N   . ASP A 1 83  ? -8.44544  6.06642   -6.91449  1.000 13.55087 ? 83  ASP A N   1 
ATOM   631  C CA  . ASP A 1 83  ? -8.77772  7.45815   -7.18202  1.000 13.41146 ? 83  ASP A CA  1 
ATOM   632  C C   . ASP A 1 83  ? -9.75661  8.02890   -6.16212  1.000 17.40679 ? 83  ASP A C   1 
ATOM   633  O O   . ASP A 1 83  ? -9.86709  9.25607   -6.05674  1.000 21.39598 ? 83  ASP A O   1 
ATOM   634  C CB  . ASP A 1 83  ? -9.36089  7.59198   -8.60060  1.000 12.95554 ? 83  ASP A CB  1 
ATOM   635  C CG  . ASP A 1 83  ? -8.32536  7.36317   -9.70297  1.000 15.28039 ? 83  ASP A CG  1 
ATOM   636  O OD1 . ASP A 1 83  ? -7.11430  7.30160   -9.40584  1.000 14.53693 ? 83  ASP A OD1 1 
ATOM   637  O OD2 . ASP A 1 83  ? -8.72333  7.23957   -10.88745 1.000 17.41295 ? 83  ASP A OD2 1 
ATOM   638  N N   . LYS A 1 84  ? -10.46048 7.17445   -5.41679  1.000 16.31929 ? 84  LYS A N   1 
ATOM   639  C CA  . LYS A 1 84  ? -11.42675 7.59844   -4.40360  1.000 18.69272 ? 84  LYS A CA  1 
ATOM   640  C C   . LYS A 1 84  ? -10.84119 7.65544   -2.99950  1.000 21.08020 ? 84  LYS A C   1 
ATOM   641  O O   . LYS A 1 84  ? -11.52843 8.09695   -2.07208  1.000 23.53181 ? 84  LYS A O   1 
ATOM   642  C CB  . LYS A 1 84  ? -12.63765 6.65561   -4.38225  1.000 19.97727 ? 84  LYS A CB  1 
ATOM   643  C CG  . LYS A 1 84  ? -13.56481 6.75070   -5.57210  1.000 25.16307 ? 84  LYS A CG  1 
ATOM   644  C CD  . LYS A 1 84  ? -14.84398 5.98140   -5.27367  1.000 26.05847 ? 84  LYS A CD  1 
ATOM   645  C CE  . LYS A 1 84  ? -15.67697 5.77648   -6.51897  1.000 28.79709 ? 84  LYS A CE  1 
ATOM   646  N NZ  . LYS A 1 84  ? -16.16620 7.06739   -7.06305  1.000 34.29912 ? 84  LYS A NZ  1 
ATOM   647  N N   . TRP A 1 85  ? -9.58957  7.22541   -2.82399  1.000 17.56152 ? 85  TRP A N   1 
ATOM   648  C CA  . TRP A 1 85  ? -9.05535  6.95448   -1.49611  1.000 17.65709 ? 85  TRP A CA  1 
ATOM   649  C C   . TRP A 1 85  ? -8.73796  8.22599   -0.72058  1.000 17.78894 ? 85  TRP A C   1 
ATOM   650  O O   . TRP A 1 85  ? -9.06034  8.32418   0.46953   1.000 20.02911 ? 85  TRP A O   1 
ATOM   651  C CB  . TRP A 1 85  ? -7.79312  6.10400   -1.62975  1.000 14.99014 ? 85  TRP A CB  1 
ATOM   652  C CG  . TRP A 1 85  ? -7.23172  5.60980   -0.33194  1.000 16.42050 ? 85  TRP A CG  1 
ATOM   653  C CD1 . TRP A 1 85  ? -7.92888  5.25185   0.78865   1.000 15.17310 ? 85  TRP A CD1 1 
ATOM   654  C CD2 . TRP A 1 85  ? -5.84974  5.39331   -0.02871  1.000 14.89055 ? 85  TRP A CD2 1 
ATOM   655  N NE1 . TRP A 1 85  ? -7.06372  4.83314   1.77050   1.000 15.60256 ? 85  TRP A NE1 1 
ATOM   656  C CE2 . TRP A 1 85  ? -5.78215  4.91514   1.29404   1.000 13.34966 ? 85  TRP A CE2 1 
ATOM   657  C CE3 . TRP A 1 85  ? -4.66500  5.56248   -0.74663  1.000 15.54628 ? 85  TRP A CE3 1 
ATOM   658  C CZ2 . TRP A 1 85  ? -4.57662  4.59758   1.90660   1.000 13.67853 ? 85  TRP A CZ2 1 
ATOM   659  C CZ3 . TRP A 1 85  ? -3.47200  5.25257   -0.13817  1.000 16.05050 ? 85  TRP A CZ3 1 
ATOM   660  C CH2 . TRP A 1 85  ? -3.43429  4.77143   1.17491   1.000 15.70105 ? 85  TRP A CH2 1 
ATOM   661  N N   . LEU A 1 86  ? -8.09612  9.19557   -1.36524  1.000 16.30995 ? 86  LEU A N   1 
ATOM   662  C CA  . LEU A 1 86  ? -7.49313  10.29396  -0.63259  1.000 19.84508 ? 86  LEU A CA  1 
ATOM   663  C C   . LEU A 1 86  ? -8.19065  11.61864  -0.91741  1.000 19.84223 ? 86  LEU A C   1 
ATOM   664  O O   . LEU A 1 86  ? -8.63438  11.87332  -2.04232  1.000 21.15197 ? 86  LEU A O   1 
ATOM   665  C CB  . LEU A 1 86  ? -6.01083  10.42809  -0.99169  1.000 20.05323 ? 86  LEU A CB  1 
ATOM   666  C CG  . LEU A 1 86  ? -5.17966  9.18075   -0.71937  1.000 16.56626 ? 86  LEU A CG  1 
ATOM   667  C CD1 . LEU A 1 86  ? -3.76656  9.40469   -1.21835  1.000 14.14708 ? 86  LEU A CD1 1 
ATOM   668  C CD2 . LEU A 1 86  ? -5.18042  8.80780   0.75456   1.000 17.61509 ? 86  LEU A CD2 1 
ATOM   669  N N   . PRO A 1 87  ? -8.26528  12.49599  0.08269   1.000 24.03176 ? 87  PRO A N   1 
ATOM   670  C CA  . PRO A 1 87  ? -8.82958  13.83299  -0.14201  1.000 26.03275 ? 87  PRO A CA  1 
ATOM   671  C C   . PRO A 1 87  ? -8.10046  14.56153  -1.25901  1.000 25.44766 ? 87  PRO A C   1 
ATOM   672  O O   . PRO A 1 87  ? -6.88132  14.44106  -1.41772  1.000 22.43662 ? 87  PRO A O   1 
ATOM   673  C CB  . PRO A 1 87  ? -8.63065  14.53447  1.20560   1.000 28.77402 ? 87  PRO A CB  1 
ATOM   674  C CG  . PRO A 1 87  ? -8.50439  13.42963  2.20282   1.000 28.64530 ? 87  PRO A CG  1 
ATOM   675  C CD  . PRO A 1 87  ? -7.86003  12.27763  1.48067   1.000 25.50317 ? 87  PRO A CD  1 
ATOM   676  N N   . LYS A 1 88  ? -8.86845  15.31411  -2.04386  1.000 26.12221 ? 88  LYS A N   1 
ATOM   677  C CA  . LYS A 1 88  ? -8.30949  16.07139  -3.15258  1.000 24.22976 ? 88  LYS A CA  1 
ATOM   678  C C   . LYS A 1 88  ? -7.26682  17.05823  -2.64241  1.000 24.50555 ? 88  LYS A C   1 
ATOM   679  O O   . LYS A 1 88  ? -7.51912  17.82476  -1.70692  1.000 25.81586 ? 88  LYS A O   1 
ATOM   680  C CB  . LYS A 1 88  ? -9.42350  16.80405  -3.90394  1.000 28.19465 ? 88  LYS A CB  1 
ATOM   681  C CG  . LYS A 1 88  ? -8.94805  17.59817  -5.11288  1.000 33.10976 ? 88  LYS A CG  1 
ATOM   682  C CD  . LYS A 1 88  ? -10.12536 18.21741  -5.86556  1.000 39.88829 ? 88  LYS A CD  1 
ATOM   683  C CE  . LYS A 1 88  ? -10.95525 19.12628  -4.95541  1.000 47.85035 ? 88  LYS A CE  1 
ATOM   684  N NZ  . LYS A 1 88  ? -12.14266 19.71293  -5.64782  1.000 47.24457 ? 88  LYS A NZ  1 
ATOM   685  N N   . GLY A 1 89  ? -6.08787  17.02334  -3.25245  1.000 22.12400 ? 89  GLY A N   1 
ATOM   686  C CA  . GLY A 1 89  ? -4.96909  17.83947  -2.84230  1.000 17.75923 ? 89  GLY A CA  1 
ATOM   687  C C   . GLY A 1 89  ? -3.89115  17.10690  -2.07207  1.000 17.59062 ? 89  GLY A C   1 
ATOM   688  O O   . GLY A 1 89  ? -2.82063  17.68001  -1.85770  1.000 19.49671 ? 89  GLY A O   1 
ATOM   689  N N   . PHE A 1 90  ? -4.12413  15.85714  -1.67373  1.000 18.47253 ? 90  PHE A N   1 
ATOM   690  C CA  . PHE A 1 90  ? -3.18747  15.13420  -0.81902  1.000 16.06415 ? 90  PHE A CA  1 
ATOM   691  C C   . PHE A 1 90  ? -2.63309  13.86754  -1.46087  1.000 13.73787 ? 90  PHE A C   1 
ATOM   692  O O   . PHE A 1 90  ? -1.99171  13.06720  -0.76911  1.000 13.98156 ? 90  PHE A O   1 
ATOM   693  C CB  . PHE A 1 90  ? -3.85760  14.80958  0.51884   1.000 18.53141 ? 90  PHE A CB  1 
ATOM   694  C CG  . PHE A 1 90  ? -4.18375  16.03639  1.32434   1.000 18.47564 ? 90  PHE A CG  1 
ATOM   695  C CD1 . PHE A 1 90  ? -5.32271  16.77924  1.05108   1.000 21.66076 ? 90  PHE A CD1 1 
ATOM   696  C CD2 . PHE A 1 90  ? -3.32592  16.47250  2.31553   1.000 19.55307 ? 90  PHE A CD2 1 
ATOM   697  C CE1 . PHE A 1 90  ? -5.60951  17.92295  1.77848   1.000 23.02283 ? 90  PHE A CE1 1 
ATOM   698  C CE2 . PHE A 1 90  ? -3.60306  17.61583  3.04131   1.000 26.52991 ? 90  PHE A CE2 1 
ATOM   699  C CZ  . PHE A 1 90  ? -4.74692  18.33936  2.77520   1.000 27.12862 ? 90  PHE A CZ  1 
ATOM   700  N N   . ALA A 1 91  ? -2.83270  13.67874  -2.76171  1.000 14.51412 ? 91  ALA A N   1 
ATOM   701  C CA  . ALA A 1 91  ? -2.34468  12.47521  -3.42161  1.000 13.14786 ? 91  ALA A CA  1 
ATOM   702  C C   . ALA A 1 91  ? -0.81598  12.45195  -3.44529  1.000 13.20640 ? 91  ALA A C   1 
ATOM   703  O O   . ALA A 1 91  ? -0.17545  13.48897  -3.63645  1.000 11.87549 ? 91  ALA A O   1 
ATOM   704  C CB  . ALA A 1 91  ? -2.88692  12.38162  -4.84821  1.000 15.50404 ? 91  ALA A CB  1 
ATOM   705  N N   . PRO A 1 92  ? -0.21692  11.28785  -3.25428  1.000 11.89432 ? 92  PRO A N   1 
ATOM   706  C CA  . PRO A 1 92  ? 1.24391   11.15635  -3.27439  1.000 10.10146 ? 92  PRO A CA  1 
ATOM   707  C C   . PRO A 1 92  ? 1.76662   11.00238  -4.69727  1.000 10.12608 ? 92  PRO A C   1 
ATOM   708  O O   . PRO A 1 92  ? 1.00622   10.90024  -5.65998  1.000 10.14827 ? 92  PRO A O   1 
ATOM   709  C CB  . PRO A 1 92  ? 1.45976   9.87313   -2.48357  1.000 9.25568  ? 92  PRO A CB  1 
ATOM   710  C CG  . PRO A 1 92  ? 0.27009   9.02446   -2.87832  1.000 11.87003 ? 92  PRO A CG  1 
ATOM   711  C CD  . PRO A 1 92  ? -0.88686  10.01592  -2.94771  1.000 12.32818 ? 92  PRO A CD  1 
ATOM   712  N N   . ALA A 1 93  ? 3.09477   10.96451  -4.81225  1.000 9.38006  ? 93  ALA A N   1 
ATOM   713  C CA  . ALA A 1 93  ? 3.70984   10.41942  -6.01243  1.000 9.10590  ? 93  ALA A CA  1 
ATOM   714  C C   . ALA A 1 93  ? 3.26414   8.97313   -6.17644  1.000 8.00568  ? 93  ALA A C   1 
ATOM   715  O O   . ALA A 1 93  ? 3.10717   8.24771   -5.18813  1.000 8.63308  ? 93  ALA A O   1 
ATOM   716  C CB  . ALA A 1 93  ? 5.23991   10.49182  -5.91086  1.000 7.35216  ? 93  ALA A CB  1 
ATOM   717  N N   . ARG A 1 94  ? 3.06045   8.55167   -7.42843  1.000 8.11287  ? 94  ARG A N   1 
ATOM   718  C CA  . ARG A 1 94  ? 2.56505   7.21308   -7.71599  1.000 9.33601  ? 94  ARG A CA  1 
ATOM   719  C C   . ARG A 1 94  ? 3.26763   6.63270   -8.93874  1.000 10.09544 ? 94  ARG A C   1 
ATOM   720  O O   . ARG A 1 94  ? 3.54333   7.34774   -9.90579  1.000 9.55543  ? 94  ARG A O   1 
ATOM   721  C CB  . ARG A 1 94  ? 1.04003   7.22900   -7.94221  1.000 10.77860 ? 94  ARG A CB  1 
ATOM   722  C CG  . ARG A 1 94  ? 0.35167   5.87321   -7.70906  1.000 10.28259 ? 94  ARG A CG  1 
ATOM   723  C CD  . ARG A 1 94  ? -1.11854  5.90977   -8.09120  1.000 12.35937 ? 94  ARG A CD  1 
ATOM   724  N NE  . ARG A 1 94  ? -1.30248  5.56792   -9.49722  1.000 11.64907 ? 94  ARG A NE  1 
ATOM   725  C CZ  . ARG A 1 94  ? -2.39964  5.02074   -9.99934  1.000 11.26929 ? 94  ARG A CZ  1 
ATOM   726  N NH1 . ARG A 1 94  ? -3.45545  4.76200   -9.24353  1.000 12.50712 ? 94  ARG A NH1 1 
ATOM   727  N NH2 . ARG A 1 94  ? -2.43679  4.72726   -11.29407 1.000 9.33728  ? 94  ARG A NH2 1 
ATOM   728  N N   . ALA A 1 95  ? 3.56021   5.33167   -8.88777  1.000 7.41156  ? 95  ALA A N   1 
ATOM   729  C CA  . ALA A 1 95  ? 4.04124   4.59405   -10.04956 1.000 8.28620  ? 95  ALA A CA  1 
ATOM   730  C C   . ALA A 1 95  ? 3.38014   3.22816   -10.04320 1.000 9.15993  ? 95  ALA A C   1 
ATOM   731  O O   . ALA A 1 95  ? 3.23833   2.61873   -8.98057  1.000 10.41052 ? 95  ALA A O   1 
ATOM   732  C CB  . ALA A 1 95  ? 5.56984   4.43368   -10.03781 1.000 9.16538  ? 95  ALA A CB  1 
ATOM   733  N N   . THR A 1 96  ? 2.96889   2.76057   -11.22285 1.000 8.72948  ? 96  THR A N   1 
ATOM   734  C CA  . THR A 1 96  ? 2.19305   1.52945   -11.36236 1.000 8.48946  ? 96  THR A CA  1 
ATOM   735  C C   . THR A 1 96  ? 2.80345   0.68561   -12.47581 1.000 7.64357  ? 96  THR A C   1 
ATOM   736  O O   . THR A 1 96  ? 2.92906   1.15532   -13.61405 1.000 10.34286 ? 96  THR A O   1 
ATOM   737  C CB  . THR A 1 96  ? 0.72883   1.85499   -11.67874 1.000 8.75520  ? 96  THR A CB  1 
ATOM   738  O OG1 . THR A 1 96  ? 0.20729   2.72704   -10.66704 1.000 9.91483  ? 96  THR A OG1 1 
ATOM   739  C CG2 . THR A 1 96  ? -0.11186  0.59989   -11.73579 1.000 9.97565  ? 96  THR A CG2 1 
ATOM   740  N N   . VAL A 1 97  ? 3.18469   -0.55681  -12.15343 1.000 8.20755  ? 97  VAL A N   1 
ATOM   741  C CA  . VAL A 1 97  ? 3.86655   -1.42671  -13.11017 1.000 7.83358  ? 97  VAL A CA  1 
ATOM   742  C C   . VAL A 1 97  ? 3.35209   -2.85080  -12.95674 1.000 7.87703  ? 97  VAL A C   1 
ATOM   743  O O   . VAL A 1 97  ? 2.73310   -3.20881  -11.95416 1.000 9.11918  ? 97  VAL A O   1 
ATOM   744  C CB  . VAL A 1 97  ? 5.40792   -1.40886  -12.94648 1.000 7.23352  ? 97  VAL A CB  1 
ATOM   745  C CG1 . VAL A 1 97  ? 5.93283   0.02071   -12.96382 1.000 8.47637  ? 97  VAL A CG1 1 
ATOM   746  C CG2 . VAL A 1 97  ? 5.81829   -2.09691  -11.64349 1.000 7.92544  ? 97  VAL A CG2 1 
ATOM   747  N N   . GLU A 1 98  ? 3.63013   -3.67795  -13.96417 1.000 8.55111  ? 98  GLU A N   1 
ATOM   748  C CA  . GLU A 1 98  ? 3.23119   -5.07693  -13.91033 1.000 8.19379  ? 98  GLU A CA  1 
ATOM   749  C C   . GLU A 1 98  ? 4.36240   -5.91637  -13.32824 1.000 8.05146  ? 98  GLU A C   1 
ATOM   750  O O   . GLU A 1 98  ? 5.46795   -5.96414  -13.88550 1.000 8.58946  ? 98  GLU A O   1 
ATOM   751  C CB  . GLU A 1 98  ? 2.83563   -5.61492  -15.28325 1.000 10.54547 ? 98  GLU A CB  1 
ATOM   752  C CG  . GLU A 1 98  ? 2.34947   -7.05423  -15.18004 1.000 10.92022 ? 98  GLU A CG  1 
ATOM   753  C CD  . GLU A 1 98  ? 1.85737   -7.59817  -16.49105 1.000 11.63910 ? 98  GLU A CD  1 
ATOM   754  O OE1 . GLU A 1 98  ? 0.91735   -6.99832  -17.05163 1.000 12.61468 ? 98  GLU A OE1 1 
ATOM   755  O OE2 . GLU A 1 98  ? 2.40520   -8.62485  -16.95774 1.000 13.94983 ? 98  GLU A OE2 1 
ATOM   756  N N   . ALA A 1 99  ? 4.07518   -6.58433  -12.21351 1.000 9.01422  ? 99  ALA A N   1 
ATOM   757  C CA  . ALA A 1 99  ? 5.01441   -7.51731  -11.61051 1.000 9.77267  ? 99  ALA A CA  1 
ATOM   758  C C   . ALA A 1 99  ? 4.21637   -8.56404  -10.85143 1.000 9.55226  ? 99  ALA A C   1 
ATOM   759  O O   . ALA A 1 99  ? 3.42530   -8.21684  -9.96532  1.000 12.73043 ? 99  ALA A O   1 
ATOM   760  C CB  . ALA A 1 99  ? 5.98498   -6.77962  -10.68118 1.000 10.86522 ? 99  ALA A CB  1 
ATOM   761  N N   . LYS A 1 100 ? 4.43163   -9.83634  -11.18756 1.000 9.96557  ? 100 LYS A N   1 
ATOM   762  C CA  . LYS A 1 100 ? 3.74889   -10.92091 -10.48747 1.000 12.66965 ? 100 LYS A CA  1 
ATOM   763  C C   . LYS A 1 100 ? 4.09799   -10.89897 -9.00265  1.000 11.70068 ? 100 LYS A C   1 
ATOM   764  O O   . LYS A 1 100 ? 5.24942   -10.65096 -8.61360  1.000 10.16240 ? 100 LYS A O   1 
ATOM   765  C CB  . LYS A 1 100 ? 4.13928   -12.27771 -11.08133 1.000 12.37184 ? 100 LYS A CB  1 
ATOM   766  C CG  . LYS A 1 100 ? 3.53247   -12.59843 -12.43889 1.000 20.90573 ? 100 LYS A CG  1 
ATOM   767  C CD  . LYS A 1 100 ? 4.03405   -13.94544 -12.95720 1.000 22.13933 ? 100 LYS A CD  1 
ATOM   768  C CE  . LYS A 1 100 ? 3.99974   -14.99676 -11.85964 1.000 22.19789 ? 100 LYS A CE  1 
ATOM   769  N NZ  . LYS A 1 100 ? 4.23656   -16.37528 -12.38003 1.000 30.71894 ? 100 LYS A NZ  1 
ATOM   770  N N   . LEU A 1 101 ? 3.09174   -11.14396 -8.16973  1.000 11.40091 ? 101 LEU A N   1 
ATOM   771  C CA  . LEU A 1 101 ? 3.29837   -11.23412 -6.73564  1.000 10.93769 ? 101 LEU A CA  1 
ATOM   772  C C   . LEU A 1 101 ? 3.51957   -12.70127 -6.35739  1.000 12.97908 ? 101 LEU A C   1 
ATOM   773  O O   . LEU A 1 101 ? 3.53059   -13.59472 -7.21124  1.000 13.03840 ? 101 LEU A O   1 
ATOM   774  C CB  . LEU A 1 101 ? 2.12603   -10.58538 -5.99261  1.000 11.48964 ? 101 LEU A CB  1 
ATOM   775  C CG  . LEU A 1 101 ? 1.89895   -9.08121  -6.26764  1.000 11.10935 ? 101 LEU A CG  1 
ATOM   776  C CD1 . LEU A 1 101 ? 3.23160   -8.31989  -6.35342  1.000 11.78264 ? 101 LEU A CD1 1 
ATOM   777  C CD2 . LEU A 1 101 ? 1.06599   -8.80888  -7.51459  1.000 11.43392 ? 101 LEU A CD2 1 
ATOM   778  N N   . CYS A 1 102 ? 3.71997   -12.96080 -5.06429  1.000 15.04270 ? 102 CYS A N   1 
ATOM   779  C CA  . CYS A 1 102 ? 4.28180   -14.25450 -4.69092  1.000 18.50271 ? 102 CYS A CA  1 
ATOM   780  C C   . CYS A 1 102 ? 3.28082   -15.39686 -4.79835  1.000 19.76757 ? 102 CYS A C   1 
ATOM   781  O O   . CYS A 1 102 ? 3.69253   -16.55951 -4.73180  1.000 22.76502 ? 102 CYS A O   1 
ATOM   782  C CB  . CYS A 1 102 ? 4.86311   -14.19354 -3.28078  1.000 18.26643 ? 102 CYS A CB  1 
ATOM   783  S SG  . CYS A 1 102 ? 3.65625   -14.00136 -1.98363  1.000 17.38681 ? 102 CYS A SG  1 
ATOM   784  N N   . GLU A 1 103 ? 1.99505   -15.10367 -4.97903  1.000 17.14051 ? 103 GLU A N   1 
ATOM   785  C CA  . GLU A 1 103 ? 0.99396   -16.12620 -5.24901  1.000 21.78592 ? 103 GLU A CA  1 
ATOM   786  C C   . GLU A 1 103 ? 0.13205   -15.68972 -6.42627  1.000 21.09267 ? 103 GLU A C   1 
ATOM   787  O O   . GLU A 1 103 ? -0.16246  -14.49835 -6.57031  1.000 16.89589 ? 103 GLU A O   1 
ATOM   788  C CB  . GLU A 1 103 ? 0.10835   -16.37296 -4.01771  1.000 19.86216 ? 103 GLU A CB  1 
ATOM   789  C CG  . GLU A 1 103 ? 0.87913   -16.72514 -2.76589  1.000 28.04263 ? 103 GLU A CG  1 
ATOM   790  C CD  . GLU A 1 103 ? 0.77777   -18.18846 -2.42081  1.000 36.85135 ? 103 GLU A CD  1 
ATOM   791  O OE1 . GLU A 1 103 ? -0.14406  -18.85499 -2.94329  1.000 41.43818 ? 103 GLU A OE1 1 
ATOM   792  O OE2 . GLU A 1 103 ? 1.61587   -18.67202 -1.62792  1.000 39.12318 ? 103 GLU A OE2 1 
ATOM   793  N N   . PRO A 1 104 ? -0.29033  -16.62087 -7.28224  1.000 20.94915 ? 104 PRO A N   1 
ATOM   794  C CA  . PRO A 1 104 ? -1.02371  -16.21654 -8.49320  1.000 19.23230 ? 104 PRO A CA  1 
ATOM   795  C C   . PRO A 1 104 ? -2.34889  -15.51350 -8.21948  1.000 18.90250 ? 104 PRO A C   1 
ATOM   796  O O   . PRO A 1 104 ? -2.80576  -14.73286 -9.06765  1.000 19.55152 ? 104 PRO A O   1 
ATOM   797  C CB  . PRO A 1 104 ? -1.22929  -17.54795 -9.24142  1.000 21.10136 ? 104 PRO A CB  1 
ATOM   798  C CG  . PRO A 1 104 ? -1.03416  -18.60638 -8.21880  1.000 25.63332 ? 104 PRO A CG  1 
ATOM   799  C CD  . PRO A 1 104 ? -0.01683  -18.06730 -7.25538  1.000 25.95457 ? 104 PRO A CD  1 
ATOM   800  N N   . GLN A 1 105 ? -2.98975  -15.75572 -7.07324  1.000 17.10555 ? 105 GLN A N   1 
ATOM   801  C CA  . GLN A 1 105 ? -4.24999  -15.08005 -6.79945  1.000 19.55761 ? 105 GLN A CA  1 
ATOM   802  C C   . GLN A 1 105 ? -4.07340  -13.64685 -6.32423  1.000 15.48589 ? 105 GLN A C   1 
ATOM   803  O O   . GLN A 1 105 ? -5.06518  -12.91451 -6.24827  1.000 17.30028 ? 105 GLN A O   1 
ATOM   804  C CB  . GLN A 1 105 ? -5.05827  -15.84011 -5.74996  1.000 21.77505 ? 105 GLN A CB  1 
ATOM   805  C CG  . GLN A 1 105 ? -5.27979  -17.29377 -6.07491  1.000 23.80141 ? 105 GLN A CG  1 
ATOM   806  C CD  . GLN A 1 105 ? -4.41660  -18.18384 -5.21653  1.000 36.38228 ? 105 GLN A CD  1 
ATOM   807  O OE1 . GLN A 1 105 ? -3.18785  -18.22718 -5.37553  1.000 28.53060 ? 105 GLN A OE1 1 
ATOM   808  N NE2 . GLN A 1 105 ? -5.04826  -18.88356 -4.27373  1.000 38.88752 ? 105 GLN A NE2 1 
ATOM   809  N N   . ILE A 1 106 ? -2.85890  -13.23161 -5.97738  1.000 16.92622 ? 106 ILE A N   1 
ATOM   810  C CA  . ILE A 1 106 ? -2.63356  -11.85697 -5.54709  1.000 15.06128 ? 106 ILE A CA  1 
ATOM   811  C C   . ILE A 1 106 ? -2.57856  -10.97361 -6.78795  1.000 13.40821 ? 106 ILE A C   1 
ATOM   812  O O   . ILE A 1 106 ? -1.71308  -11.15413 -7.64903  1.000 13.03274 ? 106 ILE A O   1 
ATOM   813  C CB  . ILE A 1 106 ? -1.34720  -11.74188 -4.71729  1.000 12.64291 ? 106 ILE A CB  1 
ATOM   814  C CG1 . ILE A 1 106 ? -1.45518  -12.59597 -3.44707  1.000 13.42387 ? 106 ILE A CG1 1 
ATOM   815  C CG2 . ILE A 1 106 ? -1.05382  -10.27178 -4.38964  1.000 12.63722 ? 106 ILE A CG2 1 
ATOM   816  C CD1 . ILE A 1 106 ? -0.18867  -12.63415 -2.61707  1.000 16.33725 ? 106 ILE A CD1 1 
ATOM   817  N N   . LEU A 1 107 ? -3.51232  -10.02620 -6.89308  1.000 11.43163 ? 107 LEU A N   1 
ATOM   818  C CA  . LEU A 1 107 ? -3.60891  -9.19489  -8.08623  1.000 12.74892 ? 107 LEU A CA  1 
ATOM   819  C C   . LEU A 1 107 ? -2.93634  -7.84027  -7.93521  1.000 11.96665 ? 107 LEU A C   1 
ATOM   820  O O   . LEU A 1 107 ? -2.66326  -7.18168  -8.94673  1.000 11.70512 ? 107 LEU A O   1 
ATOM   821  C CB  . LEU A 1 107 ? -5.07556  -8.97158  -8.45895  1.000 15.66186 ? 107 LEU A CB  1 
ATOM   822  C CG  . LEU A 1 107 ? -5.87444  -10.25208 -8.69426  1.000 14.27017 ? 107 LEU A CG  1 
ATOM   823  C CD1 . LEU A 1 107 ? -7.31408  -9.89151  -9.00469  1.000 14.54674 ? 107 LEU A CD1 1 
ATOM   824  C CD2 . LEU A 1 107 ? -5.24893  -11.07593 -9.81040  1.000 14.71528 ? 107 LEU A CD2 1 
ATOM   825  N N   . VAL A 1 108 ? -2.66886  -7.40649  -6.70746  1.000 10.33841 ? 108 VAL A N   1 
ATOM   826  C CA  . VAL A 1 108 ? -2.17259  -6.05333  -6.48112  1.000 11.30414 ? 108 VAL A CA  1 
ATOM   827  C C   . VAL A 1 108 ? -1.38463  -6.03138  -5.18197  1.000 10.37832 ? 108 VAL A C   1 
ATOM   828  O O   . VAL A 1 108 ? -1.74126  -6.70409  -4.20634  1.000 10.89998 ? 108 VAL A O   1 
ATOM   829  C CB  . VAL A 1 108 ? -3.32985  -5.02917  -6.47258  1.000 11.31446 ? 108 VAL A CB  1 
ATOM   830  C CG1 . VAL A 1 108 ? -4.35676  -5.36294  -5.38301  1.000 12.48468 ? 108 VAL A CG1 1 
ATOM   831  C CG2 . VAL A 1 108 ? -2.80531  -3.60451  -6.31345  1.000 12.18572 ? 108 VAL A CG2 1 
ATOM   832  N N   . GLU A 1 109 ? -0.29075  -5.26576  -5.18841  1.000 9.81041  ? 109 GLU A N   1 
ATOM   833  C CA  . GLU A 1 109 ? 0.53033   -5.06075  -4.00143  1.000 8.09161  ? 109 GLU A CA  1 
ATOM   834  C C   . GLU A 1 109 ? 1.01490   -3.62277  -3.99173  1.000 7.71821  ? 109 GLU A C   1 
ATOM   835  O O   . GLU A 1 109 ? 1.40477   -3.09613  -5.03713  1.000 9.97653  ? 109 GLU A O   1 
ATOM   836  C CB  . GLU A 1 109 ? 1.73078   -6.01818  -3.96437  1.000 9.16202  ? 109 GLU A CB  1 
ATOM   837  C CG  . GLU A 1 109 ? 2.63405   -5.82465  -2.73666  1.000 9.26007  ? 109 GLU A CG  1 
ATOM   838  C CD  . GLU A 1 109 ? 3.57958   -6.98142  -2.47228  1.000 11.31224 ? 109 GLU A CD  1 
ATOM   839  O OE1 . GLU A 1 109 ? 3.33599   -8.11467  -2.95424  1.000 12.91925 ? 109 GLU A OE1 1 
ATOM   840  O OE2 . GLU A 1 109 ? 4.58834   -6.76635  -1.76406  1.000 13.03412 ? 109 GLU A OE2 1 
ATOM   841  N N   . LEU A 1 110 ? 0.96371   -2.97189  -2.82291  1.000 7.14455  ? 110 LEU A N   1 
ATOM   842  C CA  . LEU A 1 110 ? 1.40629   -1.58869  -2.69723  1.000 8.18802  ? 110 LEU A CA  1 
ATOM   843  C C   . LEU A 1 110 ? 2.59316   -1.47121  -1.75348  1.000 7.36700  ? 110 LEU A C   1 
ATOM   844  O O   . LEU A 1 110 ? 2.59041   -2.05707  -0.66276  1.000 8.21562  ? 110 LEU A O   1 
ATOM   845  C CB  . LEU A 1 110 ? 0.29682   -0.67675  -2.17493  1.000 9.35593  ? 110 LEU A CB  1 
ATOM   846  C CG  . LEU A 1 110 ? -0.58277  0.00864   -3.20773  1.000 7.78734  ? 110 LEU A CG  1 
ATOM   847  C CD1 . LEU A 1 110 ? -1.28881  -1.04788  -4.03738  1.000 10.13515 ? 110 LEU A CD1 1 
ATOM   848  C CD2 . LEU A 1 110 ? -1.59409  0.92098   -2.50490  1.000 9.55698  ? 110 LEU A CD2 1 
ATOM   849  N N   . SER A 1 111 ? 3.57704   -0.67084  -2.16598  1.000 7.25962  ? 111 SER A N   1 
ATOM   850  C CA  . SER A 1 111 ? 4.71498   -0.26067  -1.33924  1.000 7.88949  ? 111 SER A CA  1 
ATOM   851  C C   . SER A 1 111 ? 4.58913   1.23289   -1.06393  1.000 8.20134  ? 111 SER A C   1 
ATOM   852  O O   . SER A 1 111 ? 4.59854   2.03196   -2.00207  1.000 9.40477  ? 111 SER A O   1 
ATOM   853  C CB  . SER A 1 111 ? 6.03840   -0.54950  -2.04693  1.000 10.52281 ? 111 SER A CB  1 
ATOM   854  O OG  . SER A 1 111 ? 6.37367   -1.92298  -1.99717  1.000 17.32690 ? 111 SER A OG  1 
ATOM   855  N N   . VAL A 1 112 ? 4.52334   1.60577   0.21817   1.000 8.35950  ? 112 VAL A N   1 
ATOM   856  C CA  . VAL A 1 112 ? 4.18004   2.95728   0.65373   1.000 9.01410  ? 112 VAL A CA  1 
ATOM   857  C C   . VAL A 1 112 ? 5.32739   3.58763   1.43048   1.000 8.79573  ? 112 VAL A C   1 
ATOM   858  O O   . VAL A 1 112 ? 5.91657   2.95618   2.31750   1.000 9.05064  ? 112 VAL A O   1 
ATOM   859  C CB  . VAL A 1 112 ? 2.91320   2.92413   1.53740   1.000 7.43557  ? 112 VAL A CB  1 
ATOM   860  C CG1 . VAL A 1 112 ? 2.62440   4.30169   2.13950   1.000 9.57414  ? 112 VAL A CG1 1 
ATOM   861  C CG2 . VAL A 1 112 ? 1.71579   2.37767   0.74092   1.000 8.17610  ? 112 VAL A CG2 1 
ATOM   862  N N   . ILE A 1 113 ? 5.61499   4.85299   1.11074   1.000 9.02862  ? 113 ILE A N   1 
ATOM   863  C CA  . ILE A 1 113 ? 6.44989   5.73744   1.91161   1.000 7.17723  ? 113 ILE A CA  1 
ATOM   864  C C   . ILE A 1 113 ? 5.57803   6.91052   2.33203   1.000 9.30319  ? 113 ILE A C   1 
ATOM   865  O O   . ILE A 1 113 ? 4.91366   7.52460   1.48137   1.000 8.41011  ? 113 ILE A O   1 
ATOM   866  C CB  . ILE A 1 113 ? 7.68369   6.21612   1.12436   1.000 8.10265  ? 113 ILE A CB  1 
ATOM   867  C CG1 . ILE A 1 113 ? 8.52912   5.01998   0.67361   1.000 9.21861  ? 113 ILE A CG1 1 
ATOM   868  C CG2 . ILE A 1 113 ? 8.52641   7.19551   1.96787   1.000 7.67052  ? 113 ILE A CG2 1 
ATOM   869  C CD1 . ILE A 1 113 ? 9.76795   5.41973   -0.13487  1.000 14.14340 ? 113 ILE A CD1 1 
ATOM   870  N N   . ALA A 1 114 ? 5.55421   7.20110   3.63947   1.000 8.28121  ? 114 ALA A N   1 
ATOM   871  C CA  . ALA A 1 114 ? 4.74291   8.27358   4.21926   1.000 8.67017  ? 114 ALA A CA  1 
ATOM   872  C C   . ALA A 1 114 ? 5.60361   9.11106   5.16234   1.000 9.02743  ? 114 ALA A C   1 
ATOM   873  O O   . ALA A 1 114 ? 6.77472   8.81704   5.39283   1.000 9.78293  ? 114 ALA A O   1 
ATOM   874  C CB  . ALA A 1 114 ? 3.51804   7.71285   4.96346   1.000 9.10039  ? 114 ALA A CB  1 
ATOM   875  N N   . ALA A 1 115 ? 5.01297   10.16461  5.71922   1.000 10.25117 ? 115 ALA A N   1 
ATOM   876  C CA  . ALA A 1 115 ? 5.72450   11.08599  6.59683   1.000 9.61000  ? 115 ALA A CA  1 
ATOM   877  C C   . ALA A 1 115 ? 5.00485   11.19478  7.93009   1.000 12.69262 ? 115 ALA A C   1 
ATOM   878  O O   . ALA A 1 115 ? 3.77581   11.17990  7.97918   1.000 11.59532 ? 115 ALA A O   1 
ATOM   879  C CB  . ALA A 1 115 ? 5.83322   12.47521  5.96102   1.000 12.31249 ? 115 ALA A CB  1 
ATOM   880  N N   . LEU A 1 116 ? 5.77376   11.29436  9.01057   1.000 13.56848 ? 116 LEU A N   1 
ATOM   881  C CA  . LEU A 1 116 ? 5.18703   11.66036  10.29162  1.000 13.51817 ? 116 LEU A CA  1 
ATOM   882  C C   . LEU A 1 116 ? 4.77089   13.12791  10.27539  1.000 14.09308 ? 116 LEU A C   1 
ATOM   883  O O   . LEU A 1 116 ? 5.34351   13.93784  9.54138   1.000 14.29491 ? 116 LEU A O   1 
ATOM   884  C CB  . LEU A 1 116 ? 6.17389   11.44792  11.43206  1.000 11.73501 ? 116 LEU A CB  1 
ATOM   885  C CG  . LEU A 1 116 ? 6.59948   10.02678  11.76803  1.000 13.04906 ? 116 LEU A CG  1 
ATOM   886  C CD1 . LEU A 1 116 ? 7.49821   10.05332  12.99051  1.000 14.17861 ? 116 LEU A CD1 1 
ATOM   887  C CD2 . LEU A 1 116 ? 5.38974   9.14405   11.99055  1.000 13.27437 ? 116 LEU A CD2 1 
ATOM   888  N N   . PRO A 1 117 ? 3.79051   13.50562  11.10352  1.000 14.61424 ? 117 PRO A N   1 
ATOM   889  C CA  . PRO A 1 117 ? 3.48329   14.93254  11.27189  1.000 16.30564 ? 117 PRO A CA  1 
ATOM   890  C C   . PRO A 1 117 ? 4.69102   15.71358  11.79784  1.000 17.87400 ? 117 PRO A C   1 
ATOM   891  O O   . PRO A 1 117 ? 5.55577   15.11066  12.44396  1.000 17.23086 ? 117 PRO A O   1 
ATOM   892  C CB  . PRO A 1 117 ? 2.34284   14.93076  12.29502  1.000 18.40388 ? 117 PRO A CB  1 
ATOM   893  C CG  . PRO A 1 117 ? 1.78646   13.54405  12.27315  1.000 16.15426 ? 117 PRO A CG  1 
ATOM   894  C CD  . PRO A 1 117 ? 2.94148   12.64682  11.94356  1.000 16.38811 ? 117 PRO A CD  1 
HETATM 895  O O   . HOH B 2 .   ? 12.03971  7.00282   14.34263  1.000 27.19132 ? 201 HOH A O   1 
HETATM 896  O O   . HOH B 2 .   ? -2.98104  -1.61855  -21.04994 1.000 39.81551 ? 202 HOH A O   1 
HETATM 897  O O   . HOH B 2 .   ? -3.93981  7.89271   11.66560  1.000 21.34475 ? 203 HOH A O   1 
HETATM 898  O O   . HOH B 2 .   ? -4.28496  5.87622   9.27970   1.000 22.12940 ? 204 HOH A O   1 
HETATM 899  O O   . HOH B 2 .   ? -12.02967 -5.53361  -12.61629 1.000 45.05431 ? 205 HOH A O   1 
HETATM 900  O O   . HOH B 2 .   ? 5.96420   -8.67552  -0.83412  1.000 18.10057 ? 206 HOH A O   1 
HETATM 901  O O   . HOH B 2 .   ? -1.33320  11.48232  1.35662   1.000 16.68556 ? 207 HOH A O   1 
HETATM 902  O O   . HOH B 2 .   ? 9.41954   -4.59305  16.29092  1.000 26.24998 ? 208 HOH A O   1 
HETATM 903  O O   . HOH B 2 .   ? -0.91304  -7.01608  -18.85555 1.000 16.02549 ? 209 HOH A O   1 
HETATM 904  O O   . HOH B 2 .   ? -3.76525  -6.05756  7.77104   1.000 40.83692 ? 210 HOH A O   1 
HETATM 905  O O   . HOH B 2 .   ? -5.07351  -11.32291 5.39705   1.000 19.97275 ? 211 HOH A O   1 
HETATM 906  O O   . HOH B 2 .   ? -5.01468  -6.71058  3.44054   1.000 20.19096 ? 212 HOH A O   1 
HETATM 907  O O   . HOH B 2 .   ? 6.32226   6.12024   14.95851  1.000 33.43096 ? 213 HOH A O   1 
HETATM 908  O O   . HOH B 2 .   ? 9.53976   7.00613   -4.38051  1.000 20.63439 ? 214 HOH A O   1 
HETATM 909  O O   . HOH B 2 .   ? 8.70623   -1.64263  -3.53793  1.000 15.58932 ? 215 HOH A O   1 
HETATM 910  O O   . HOH B 2 .   ? -10.49525 5.70551   4.07999   1.000 34.56478 ? 216 HOH A O   1 
HETATM 911  O O   . HOH B 2 .   ? 1.45121   -11.87928 -14.19708 1.000 40.79251 ? 217 HOH A O   1 
HETATM 912  O O   . HOH B 2 .   ? 3.40284   -1.90991  17.39672  1.000 26.96011 ? 218 HOH A O   1 
HETATM 913  O O   . HOH B 2 .   ? -8.48485  5.02377   8.67378   1.000 34.78178 ? 219 HOH A O   1 
HETATM 914  O O   . HOH B 2 .   ? -9.65397  2.16725   2.72051   1.000 24.58241 ? 220 HOH A O   1 
HETATM 915  O O   . HOH B 2 .   ? -11.18463 6.64397   1.80813   1.000 30.05569 ? 221 HOH A O   1 
HETATM 916  O O   . HOH B 2 .   ? -10.10036 11.22806  -4.14299  1.000 22.93646 ? 222 HOH A O   1 
HETATM 917  O O   . HOH B 2 .   ? 7.81865   14.79935  9.13938   1.000 17.31513 ? 223 HOH A O   1 
HETATM 918  O O   . HOH B 2 .   ? -3.45481  -7.55809  -11.71061 1.000 12.16056 ? 224 HOH A O   1 
HETATM 919  O O   . HOH B 2 .   ? 3.25853   -10.55315 -15.34327 1.000 18.61200 ? 225 HOH A O   1 
HETATM 920  O O   . HOH B 2 .   ? -9.33901  18.25016  0.19316   1.000 29.09752 ? 226 HOH A O   1 
HETATM 921  O O   . HOH B 2 .   ? -3.70581  -8.23550  -3.25116  1.000 13.42382 ? 227 HOH A O   1 
HETATM 922  O O   . HOH B 2 .   ? -6.45452  11.84056  7.69130   1.000 25.03415 ? 228 HOH A O   1 
HETATM 923  O O   . HOH B 2 .   ? 9.93930   -1.31243  -7.85270  0.33  12.67446 ? 229 HOH A O   1 
HETATM 924  O O   . HOH B 2 .   ? -7.02149  9.01312   -4.16883  1.000 18.72360 ? 230 HOH A O   1 
HETATM 925  O O   . HOH B 2 .   ? -3.34121  -11.64474 2.90280   1.000 21.13742 ? 231 HOH A O   1 
HETATM 926  O O   . HOH B 2 .   ? 5.99898   -8.59877  9.86466   1.000 18.50080 ? 232 HOH A O   1 
HETATM 927  O O   . HOH B 2 .   ? -13.24104 -6.66671  1.81931   1.000 25.19802 ? 233 HOH A O   1 
HETATM 928  O O   . HOH B 2 .   ? 2.81390   2.41905   -16.00079 1.000 13.41811 ? 234 HOH A O   1 
HETATM 929  O O   . HOH B 2 .   ? 11.18095  11.63667  3.52580   1.000 11.92640 ? 235 HOH A O   1 
HETATM 930  O O   . HOH B 2 .   ? -10.37900 -4.68628  4.90994   1.000 19.19066 ? 236 HOH A O   1 
HETATM 931  O O   . HOH B 2 .   ? -9.75636  -3.43215  -14.66098 1.000 18.71841 ? 237 HOH A O   1 
HETATM 932  O O   . HOH B 2 .   ? -14.45924 0.91415   -7.81610  1.000 23.06343 ? 238 HOH A O   1 
HETATM 933  O O   . HOH B 2 .   ? -11.13199 6.19709   -11.61009 1.000 29.66043 ? 239 HOH A O   1 
HETATM 934  O O   . HOH B 2 .   ? 2.70750   -15.89930 -8.40888  1.000 19.92620 ? 240 HOH A O   1 
HETATM 935  O O   . HOH B 2 .   ? -0.37174  -5.29479  7.38361   1.000 23.88941 ? 241 HOH A O   1 
HETATM 936  O O   . HOH B 2 .   ? -2.17682  -6.07804  3.87634   1.000 21.50885 ? 242 HOH A O   1 
HETATM 937  O O   . HOH B 2 .   ? -10.13526 -6.62681  -17.30880 1.000 22.33026 ? 243 HOH A O   1 
HETATM 938  O O   . HOH B 2 .   ? 3.27473   -0.59918  1.73782   1.000 9.94227  ? 244 HOH A O   1 
HETATM 939  O O   . HOH B 2 .   ? -7.72583  -5.40099  5.02459   1.000 18.12470 ? 245 HOH A O   1 
HETATM 940  O O   . HOH B 2 .   ? -12.07676 10.19650  -7.43524  1.000 31.54521 ? 246 HOH A O   1 
HETATM 941  O O   . HOH B 2 .   ? 16.34831  -1.10985  14.74254  1.000 23.03284 ? 247 HOH A O   1 
HETATM 942  O O   . HOH B 2 .   ? -14.51154 -9.78837  -6.55627  1.000 25.21703 ? 248 HOH A O   1 
HETATM 943  O O   . HOH B 2 .   ? 0.53135   -12.56636 -8.49416  1.000 12.08519 ? 249 HOH A O   1 
HETATM 944  O O   . HOH B 2 .   ? -9.11034  -8.83654  -14.67485 1.000 26.54786 ? 250 HOH A O   1 
HETATM 945  O O   . HOH B 2 .   ? 7.35317   4.38113   -4.10115  1.000 16.99322 ? 251 HOH A O   1 
HETATM 946  O O   . HOH B 2 .   ? -5.20974  -7.87388  6.74865   1.000 24.11272 ? 252 HOH A O   1 
HETATM 947  O O   . HOH B 2 .   ? -6.33326  1.16231   12.93135  1.000 21.15350 ? 253 HOH A O   1 
HETATM 948  O O   . HOH B 2 .   ? 15.29523  -10.69179 11.36349  1.000 21.79690 ? 254 HOH A O   1 
HETATM 949  O O   . HOH B 2 .   ? 13.59742  -9.07748  12.65482  1.000 18.94347 ? 255 HOH A O   1 
HETATM 950  O O   . HOH B 2 .   ? 2.71129   -7.59791  4.57891   1.000 23.70259 ? 256 HOH A O   1 
HETATM 951  O O   . HOH B 2 .   ? 13.89717  10.23224  6.97118   1.000 17.24239 ? 257 HOH A O   1 
HETATM 952  O O   . HOH B 2 .   ? -11.72874 -10.42704 2.86421   1.000 25.11783 ? 258 HOH A O   1 
HETATM 953  O O   . HOH B 2 .   ? -18.73573 8.02211   -7.68774  1.000 36.38097 ? 259 HOH A O   1 
HETATM 954  O O   . HOH B 2 .   ? 7.55415   -2.00437  0.55406   1.000 11.29614 ? 260 HOH A O   1 
HETATM 955  O O   . HOH B 2 .   ? -2.45734  16.70820  6.41920   1.000 30.51436 ? 261 HOH A O   1 
HETATM 956  O O   . HOH B 2 .   ? 0.92039   5.62955   -11.23948 1.000 13.05136 ? 262 HOH A O   1 
HETATM 957  O O   . HOH B 2 .   ? 6.03457   -18.12191 -5.04033  1.000 32.51117 ? 263 HOH A O   1 
HETATM 958  O O   . HOH B 2 .   ? -4.18526  -9.29654  -20.05118 1.000 25.11451 ? 264 HOH A O   1 
HETATM 959  O O   . HOH B 2 .   ? -8.18336  -4.79577  -20.41441 1.000 24.80210 ? 265 HOH A O   1 
HETATM 960  O O   . HOH B 2 .   ? 13.43713  8.19285   1.51467   0.33  10.22980 ? 266 HOH A O   1 
HETATM 961  O O   . HOH B 2 .   ? 6.28387   -13.00738 3.08363   1.000 20.28326 ? 267 HOH A O   1 
HETATM 962  O O   . HOH B 2 .   ? 5.72859   6.70737   -6.67977  1.000 10.15820 ? 268 HOH A O   1 
HETATM 963  O O   . HOH B 2 .   ? -6.49554  -10.61728 -13.14082 1.000 20.83489 ? 269 HOH A O   1 
HETATM 964  O O   . HOH B 2 .   ? -0.12005  -11.56627 -15.88938 1.000 32.21549 ? 270 HOH A O   1 
HETATM 965  O O   . HOH B 2 .   ? -5.46931  7.40640   7.32361   1.000 23.94917 ? 271 HOH A O   1 
HETATM 966  O O   . HOH B 2 .   ? -10.28612 -5.44475  -13.39929 1.000 28.54714 ? 272 HOH A O   1 
HETATM 967  O O   . HOH B 2 .   ? -7.24616  -2.00843  -17.26741 1.000 19.23721 ? 273 HOH A O   1 
HETATM 968  O O   . HOH B 2 .   ? 7.49330   -7.95940  -14.40324 0.33  13.53728 ? 274 HOH A O   1 
HETATM 969  O O   . HOH B 2 .   ? -1.08701  10.41815  13.86978  1.000 23.09617 ? 275 HOH A O   1 
HETATM 970  O O   . HOH B 2 .   ? -7.95452  3.93818   -15.33553 1.000 21.24072 ? 276 HOH A O   1 
HETATM 971  O O   . HOH B 2 .   ? -9.88336  -8.24567  -11.29951 1.000 18.29636 ? 277 HOH A O   1 
HETATM 972  O O   . HOH B 2 .   ? 3.13159   16.77095  7.83164   1.000 27.90548 ? 278 HOH A O   1 
HETATM 973  O O   . HOH B 2 .   ? 8.38545   1.19954   1.81379   1.000 21.84406 ? 279 HOH A O   1 
HETATM 974  O O   . HOH B 2 .   ? -3.98798  0.05000   13.65012  1.000 15.63217 ? 280 HOH A O   1 
HETATM 975  O O   . HOH B 2 .   ? 6.73838   -17.85758 3.37613   1.000 29.12144 ? 281 HOH A O   1 
HETATM 976  O O   . HOH B 2 .   ? -11.09347 3.84403   -1.96962  1.000 26.57409 ? 282 HOH A O   1 
HETATM 977  O O   . HOH B 2 .   ? -1.47687  7.81306   13.74471  1.000 22.52314 ? 283 HOH A O   1 
HETATM 978  O O   . HOH B 2 .   ? 5.44381   -9.90620  -13.94354 1.000 10.61735 ? 284 HOH A O   1 
HETATM 979  O O   . HOH B 2 .   ? -9.26011  -1.19766  9.26874   1.000 32.02582 ? 285 HOH A O   1 
HETATM 980  O O   . HOH B 2 .   ? -2.64204  -8.43737  -22.18116 1.000 35.23749 ? 286 HOH A O   1 
HETATM 981  O O   . HOH B 2 .   ? -0.52505  16.70053  4.65761   1.000 27.29263 ? 287 HOH A O   1 
HETATM 982  O O   . HOH B 2 .   ? -13.33104 -6.93354  -7.07309  1.000 20.80216 ? 288 HOH A O   1 
HETATM 983  O O   . HOH B 2 .   ? -0.55488  5.64720   -13.38511 1.000 19.03401 ? 289 HOH A O   1 
HETATM 984  O O   . HOH B 2 .   ? 11.24079  9.56638   13.47235  1.000 19.55105 ? 290 HOH A O   1 
HETATM 985  O O   . HOH B 2 .   ? -12.23356 -7.27799  -11.59523 1.000 30.77392 ? 291 HOH A O   1 
HETATM 986  O O   . HOH B 2 .   ? 5.28267   -3.96059  17.13740  1.000 24.18855 ? 292 HOH A O   1 
HETATM 987  O O   . HOH B 2 .   ? -10.63079 0.66908   1.16258   1.000 25.36896 ? 293 HOH A O   1 
HETATM 988  O O   . HOH B 2 .   ? -18.39003 5.84652   -8.65379  1.000 31.73744 ? 294 HOH A O   1 
HETATM 989  O O   . HOH B 2 .   ? -10.54544 3.69126   -13.72913 1.000 22.77005 ? 295 HOH A O   1 
HETATM 990  O O   . HOH B 2 .   ? -2.90522  -7.27830  5.49475   1.000 24.03557 ? 296 HOH A O   1 
HETATM 991  O O   . HOH B 2 .   ? -13.05278 6.21888   -9.44759  1.000 25.42816 ? 297 HOH A O   1 
HETATM 992  O O   . HOH B 2 .   ? 7.22262   3.52654   -2.15075  1.000 19.65196 ? 298 HOH A O   1 
HETATM 993  O O   . HOH B 2 .   ? 5.53826   -7.99425  1.83054   1.000 17.13422 ? 299 HOH A O   1 
HETATM 994  O O   . HOH B 2 .   ? -0.19319  -7.72914  3.36783   1.000 18.49094 ? 300 HOH A O   1 
HETATM 995  O O   . HOH B 2 .   ? 6.00617   -12.25982 6.94121   1.000 24.28748 ? 301 HOH A O   1 
HETATM 996  O O   . HOH B 2 .   ? -8.49059  0.58134   8.25025   1.000 26.55798 ? 302 HOH A O   1 
HETATM 997  O O   . HOH B 2 .   ? -8.53467  -16.05940 0.55610   1.000 43.76115 ? 303 HOH A O   1 
HETATM 998  O O   . HOH B 2 .   ? 13.75187  10.04674  14.37817  1.000 31.17984 ? 304 HOH A O   1 
HETATM 999  O O   . HOH B 2 .   ? -13.92054 1.11743   -3.34756  1.000 26.19803 ? 305 HOH A O   1 
HETATM 1000 O O   . HOH B 2 .   ? -11.11549 -8.46694  4.94359   1.000 30.13288 ? 306 HOH A O   1 
HETATM 1001 O O   . HOH B 2 .   ? 5.17440   -0.80926  18.62136  1.000 33.69088 ? 307 HOH A O   1 
HETATM 1002 O O   . HOH B 2 .   ? -3.15784  3.84039   16.81339  1.000 22.22782 ? 308 HOH A O   1 
HETATM 1003 O O   . HOH B 2 .   ? -13.92555 -4.30517  0.90628   1.000 33.69981 ? 309 HOH A O   1 
HETATM 1004 O O   . HOH B 2 .   ? 5.96298   -15.37754 6.64178   1.000 28.57521 ? 310 HOH A O   1 
HETATM 1005 O O   . HOH B 2 .   ? 5.98936   -8.70604  -16.08298 1.000 27.47725 ? 311 HOH A O   1 
HETATM 1006 O O   . HOH B 2 .   ? 8.19037   2.10507   -0.37794  1.000 18.56524 ? 312 HOH A O   1 
HETATM 1007 O O   . HOH B 2 .   ? -9.70493  -2.64273  -18.25715 1.000 23.76309 ? 313 HOH A O   1 
HETATM 1008 O O   . HOH B 2 .   ? 13.89295  12.05973  14.77673  1.000 34.68943 ? 314 HOH A O   1 
HETATM 1009 O O   . HOH B 2 .   ? 1.30345   18.01962  6.24291   1.000 32.86876 ? 315 HOH A O   1 
HETATM 1010 O O   . HOH B 2 .   ? 10.66271  3.14982   -6.66702  1.000 21.18185 ? 316 HOH A O   1 
HETATM 1011 O O   . HOH B 2 .   ? -12.12648 -2.61967  -15.39240 1.000 31.60697 ? 317 HOH A O   1 
HETATM 1012 O O   . HOH B 2 .   ? -12.41262 -6.62472  4.32048   1.000 29.50571 ? 318 HOH A O   1 
HETATM 1013 O O   . HOH B 2 .   ? -0.40709  9.11438   16.42775  1.000 27.17869 ? 319 HOH A O   1 
HETATM 1014 O O   . HOH B 2 .   ? 4.94491   -16.73109 5.74233   1.000 26.95190 ? 320 HOH A O   1 
HETATM 1015 O O   . HOH B 2 .   ? 1.28505   -14.30348 -10.42896 1.000 23.61390 ? 321 HOH A O   1 
HETATM 1016 O O   . HOH B 2 .   ? 5.07390   -11.04680 -0.83062  1.000 20.49068 ? 322 HOH A O   1 
HETATM 1017 O O   . HOH B 2 .   ? 6.94412   14.09665  16.10311  1.000 34.31248 ? 323 HOH A O   1 
HETATM 1018 O O   . HOH B 2 .   ? -3.29059  -7.95725  7.31833   1.000 19.62151 ? 324 HOH A O   1 
HETATM 1019 O O   . HOH B 2 .   ? -10.47922 2.97637   0.57638   1.000 34.74056 ? 325 HOH A O   1 
HETATM 1020 O O   . HOH B 2 .   ? 3.87920   -9.87001  3.29281   1.000 26.94025 ? 326 HOH A O   1 
HETATM 1021 O O   . HOH B 2 .   ? 10.22984  4.75530   -4.31191  1.000 20.24192 ? 327 HOH A O   1 
HETATM 1022 O O   . HOH B 2 .   ? 10.80266  1.03373   -5.54058  0.33  26.11093 ? 328 HOH A O   1 
HETATM 1023 O O   . HOH B 2 .   ? 2.96925   -12.70251 -16.10787 1.000 42.35954 ? 329 HOH A O   1 
HETATM 1024 O O   . HOH B 2 .   ? 15.03847  12.54446  5.80315   0.33  28.86793 ? 330 HOH A O   1 
HETATM 1025 O O   . HOH B 2 .   ? 5.11101   -18.76668 0.86595   1.000 37.92884 ? 331 HOH A O   1 
HETATM 1026 O O   . HOH B 2 .   ? -1.18068  -10.21621 3.92627   1.000 24.77649 ? 332 HOH A O   1 
HETATM 1027 O O   . HOH B 2 .   ? -8.17413  11.45868  5.49312   1.000 28.43753 ? 333 HOH A O   1 
HETATM 1028 O O   . HOH B 2 .   ? 4.70380   -12.24752 -17.73546 1.000 33.58382 ? 334 HOH A O   1 
HETATM 1029 O O   . HOH B 2 .   ? -7.80107  2.65240   -17.80387 1.000 30.11161 ? 335 HOH A O   1 
HETATM 1030 O O   . HOH B 2 .   ? -16.96743 -14.17721 0.23642   1.000 42.59511 ? 336 HOH A O   1 
HETATM 1031 O O   . HOH B 2 .   ? -8.96853  1.09753   14.06439  1.000 36.02428 ? 337 HOH A O   1 
HETATM 1032 O O   . HOH B 2 .   ? -3.86565  -2.73065  13.49680  1.000 15.91024 ? 338 HOH A O   1 
HETATM 1033 O O   . HOH B 2 .   ? -10.65823 -1.25987  11.01295  1.000 38.46506 ? 339 HOH A O   1 
HETATM 1034 O O   . HOH B 2 .   ? 1.11940   -2.90423  18.41650  0.33  35.00326 ? 340 HOH A O   1 
HETATM 1035 O O   . HOH B 2 .   ? 4.86791   -11.62663 5.23960   1.000 25.16934 ? 341 HOH A O   1 
HETATM 1036 O O   . HOH B 2 .   ? -11.56868 1.61364   -0.76137  1.000 34.55419 ? 342 HOH A O   1 
HETATM 1037 O O   . HOH B 2 .   ? 3.45167   -11.40586 1.37582   1.000 32.70126 ? 343 HOH A O   1 
HETATM 1038 O O   . HOH B 2 .   ? 11.88983  3.98809   -2.62909  0.33  22.82124 ? 344 HOH A O   1 
# 
